data_7N9V
#
_entry.id   7N9V
#
_cell.length_a   102.548
_cell.length_b   140.378
_cell.length_c   125.186
_cell.angle_alpha   90.000
_cell.angle_beta   113.896
_cell.angle_gamma   90.000
#
_symmetry.space_group_name_H-M   'P 1 21 1'
#
loop_
_entity.id
_entity.type
_entity.pdbx_description
1 polymer 'Capsid protein'
2 polymer Nanobody-GYAR
#
loop_
_entity_poly.entity_id
_entity_poly.type
_entity_poly.pdbx_seq_one_letter_code
_entity_poly.pdbx_strand_id
1 'polypeptide(L)'
;PIVQNLQGQMVHQCISPRTLNAWVKVVEEKAFSPEVIPMFSALSCGATPQDLNTMLNTVGGHQAAMQMLKETINEEAAEW
DRLHPVHAGPIAPGQMREPRGSDIAGTTSTLQEQIGWMTHNPPIPVGEIYKRWIILGLNKIVRMYSPTSILDIRQGPKEP
FRDYVDRFYKTLRAEQASQEVKNAATETLLVQNANPDCKTILKALGPGATLEEMMTACQGVGP
;
C,A,D,G,I,K
2 'polypeptide(L)'
;DVQLQESGGGLVQAGGSLRLSCAASGSISRFNAMGWWRQAPGKEREFVARIVKGGYAVLADSVKGRFTISIDSAENTLAL
QMNRLKPEDTAVYYCFAALDTAYWGQGTQVTVS
;
J,B,E,F,H,L
#
# COMPACT_ATOMS: atom_id res chain seq x y z
N PRO A 1 8.10 9.57 -19.94
CA PRO A 1 8.10 8.69 -21.10
C PRO A 1 7.42 9.33 -22.30
N ILE A 2 7.42 8.65 -23.44
CA ILE A 2 6.69 9.14 -24.61
C ILE A 2 5.52 8.19 -24.77
N VAL A 3 4.30 8.74 -24.78
CA VAL A 3 3.14 7.88 -24.91
C VAL A 3 2.25 8.43 -26.01
N GLN A 4 1.35 7.59 -26.48
CA GLN A 4 0.32 7.95 -27.44
C GLN A 4 -0.91 8.51 -26.72
N ASN A 5 -1.44 9.63 -27.19
CA ASN A 5 -2.66 10.21 -26.63
C ASN A 5 -3.91 9.82 -27.43
N LEU A 6 -5.07 10.12 -26.85
CA LEU A 6 -6.34 9.75 -27.50
C LEU A 6 -6.45 10.36 -28.89
N GLN A 7 -5.87 11.53 -29.11
CA GLN A 7 -5.79 12.13 -30.43
C GLN A 7 -4.93 11.30 -31.38
N GLY A 8 -4.17 10.33 -30.85
CA GLY A 8 -3.29 9.48 -31.63
C GLY A 8 -1.87 9.97 -31.75
N GLN A 9 -1.54 11.10 -31.13
CA GLN A 9 -0.22 11.71 -31.20
C GLN A 9 0.70 11.28 -30.06
N MET A 10 2.00 11.16 -30.36
CA MET A 10 3.00 10.78 -29.37
C MET A 10 3.43 12.02 -28.59
N VAL A 11 3.18 12.01 -27.28
CA VAL A 11 3.45 13.15 -26.42
C VAL A 11 4.29 12.67 -25.24
N HIS A 12 5.02 13.63 -24.66
CA HIS A 12 5.80 13.37 -23.47
C HIS A 12 4.88 13.32 -22.26
N GLN A 13 5.21 12.44 -21.32
CA GLN A 13 4.51 12.32 -20.07
C GLN A 13 5.53 12.21 -18.95
N CYS A 14 5.25 12.85 -17.82
CA CYS A 14 6.18 12.76 -16.71
C CYS A 14 6.29 11.32 -16.24
N ILE A 15 7.49 10.93 -15.83
CA ILE A 15 7.71 9.65 -15.19
C ILE A 15 6.85 9.55 -13.95
N SER A 16 6.24 8.36 -13.76
CA SER A 16 5.25 8.29 -12.70
C SER A 16 5.89 8.04 -11.34
N PRO A 17 5.27 8.54 -10.27
CA PRO A 17 5.78 8.23 -8.92
C PRO A 17 5.82 6.75 -8.61
N ARG A 18 4.82 6.00 -9.10
CA ARG A 18 4.82 4.55 -8.93
C ARG A 18 6.03 3.90 -9.60
N THR A 19 6.34 4.32 -10.84
CA THR A 19 7.50 3.78 -11.54
C THR A 19 8.80 4.08 -10.79
N LEU A 20 8.99 5.34 -10.37
CA LEU A 20 10.22 5.70 -9.67
C LEU A 20 10.43 4.85 -8.42
N ASN A 21 9.40 4.75 -7.58
CA ASN A 21 9.55 3.94 -6.38
C ASN A 21 9.77 2.47 -6.72
N ALA A 22 9.04 1.97 -7.72
CA ALA A 22 9.20 0.56 -8.11
C ALA A 22 10.64 0.22 -8.48
N TRP A 23 11.30 1.07 -9.27
CA TRP A 23 12.69 0.77 -9.65
C TRP A 23 13.60 0.82 -8.42
N VAL A 24 13.48 1.88 -7.62
CA VAL A 24 14.29 1.99 -6.41
C VAL A 24 14.09 0.77 -5.51
N LYS A 25 12.85 0.33 -5.37
CA LYS A 25 12.58 -0.80 -4.49
C LYS A 25 13.19 -2.09 -5.03
N VAL A 26 13.13 -2.31 -6.34
CA VAL A 26 13.65 -3.54 -6.91
C VAL A 26 15.16 -3.62 -6.74
N VAL A 27 15.86 -2.49 -6.90
CA VAL A 27 17.30 -2.46 -6.65
C VAL A 27 17.61 -2.68 -5.17
N GLU A 28 16.85 -2.04 -4.28
CA GLU A 28 17.09 -2.23 -2.85
C GLU A 28 16.87 -3.67 -2.41
N GLU A 29 15.83 -4.32 -2.94
CA GLU A 29 15.45 -5.67 -2.48
C GLU A 29 16.13 -6.82 -3.22
N LYS A 30 16.38 -6.68 -4.52
CA LYS A 30 16.89 -7.78 -5.36
C LYS A 30 18.33 -7.54 -5.79
N ALA A 31 18.87 -6.35 -5.53
CA ALA A 31 20.20 -5.93 -5.94
C ALA A 31 20.41 -6.14 -7.44
N PHE A 32 21.42 -6.89 -7.84
CA PHE A 32 21.66 -7.16 -9.25
C PHE A 32 21.50 -8.64 -9.56
N SER A 33 20.48 -9.26 -8.97
CA SER A 33 20.06 -10.57 -9.43
C SER A 33 19.59 -10.44 -10.88
N PRO A 34 19.80 -11.47 -11.69
CA PRO A 34 19.55 -11.32 -13.14
C PRO A 34 18.17 -10.84 -13.48
N GLU A 35 17.15 -11.21 -12.71
CA GLU A 35 15.79 -10.81 -13.05
C GLU A 35 15.59 -9.29 -12.97
N VAL A 36 16.50 -8.56 -12.34
CA VAL A 36 16.37 -7.10 -12.28
C VAL A 36 16.40 -6.50 -13.68
N ILE A 37 17.27 -7.01 -14.56
CA ILE A 37 17.40 -6.44 -15.90
C ILE A 37 16.10 -6.49 -16.68
N PRO A 38 15.36 -7.60 -16.74
CA PRO A 38 14.06 -7.54 -17.43
C PRO A 38 13.09 -6.54 -16.83
N MET A 39 13.14 -6.33 -15.51
CA MET A 39 12.28 -5.33 -14.89
C MET A 39 12.66 -3.93 -15.32
N PHE A 40 13.97 -3.63 -15.35
CA PHE A 40 14.39 -2.32 -15.82
C PHE A 40 13.82 -2.08 -17.22
N SER A 41 13.96 -3.07 -18.10
CA SER A 41 13.48 -2.91 -19.47
C SER A 41 11.97 -2.68 -19.48
N ALA A 42 11.22 -3.38 -18.62
CA ALA A 42 9.77 -3.20 -18.60
C ALA A 42 9.37 -1.86 -17.98
N LEU A 43 10.00 -1.47 -16.87
CA LEU A 43 9.76 -0.18 -16.20
C LEU A 43 10.18 1.04 -17.02
N SER A 44 11.07 0.89 -17.99
CA SER A 44 11.55 2.00 -18.80
C SER A 44 10.85 2.10 -20.17
N CYS A 45 9.64 1.55 -20.28
CA CYS A 45 8.87 1.63 -21.52
C CYS A 45 8.61 3.07 -21.94
N GLY A 46 8.95 3.39 -23.19
CA GLY A 46 8.72 4.73 -23.65
C GLY A 46 9.64 5.80 -23.12
N ALA A 47 10.69 5.43 -22.40
CA ALA A 47 11.53 6.40 -21.71
C ALA A 47 12.30 7.30 -22.67
N THR A 48 12.41 8.58 -22.30
CA THR A 48 13.40 9.44 -22.92
C THR A 48 14.77 9.12 -22.33
N PRO A 49 15.86 9.57 -22.96
CA PRO A 49 17.16 9.43 -22.28
C PRO A 49 17.20 10.05 -20.90
N GLN A 50 16.55 11.21 -20.72
CA GLN A 50 16.44 11.84 -19.42
C GLN A 50 15.81 10.92 -18.38
N ASP A 51 14.72 10.26 -18.75
CA ASP A 51 14.05 9.37 -17.81
C ASP A 51 14.97 8.22 -17.39
N LEU A 52 15.71 7.66 -18.34
CA LEU A 52 16.61 6.57 -18.01
C LEU A 52 17.69 7.03 -17.04
N ASN A 53 18.24 8.22 -17.27
CA ASN A 53 19.23 8.76 -16.34
C ASN A 53 18.63 8.99 -14.96
N THR A 54 17.39 9.50 -14.92
CA THR A 54 16.68 9.64 -13.65
C THR A 54 16.60 8.32 -12.89
N MET A 55 16.16 7.26 -13.55
CA MET A 55 16.05 5.97 -12.89
C MET A 55 17.40 5.49 -12.34
N LEU A 56 18.46 5.60 -13.14
CA LEU A 56 19.77 5.16 -12.67
C LEU A 56 20.27 6.08 -11.56
N ASN A 57 20.05 7.39 -11.70
CA ASN A 57 20.54 8.34 -10.69
C ASN A 57 19.77 8.26 -9.37
N THR A 58 18.52 7.80 -9.39
CA THR A 58 17.77 7.71 -8.14
C THR A 58 18.20 6.51 -7.31
N VAL A 59 19.03 5.63 -7.87
CA VAL A 59 19.53 4.51 -7.08
C VAL A 59 20.55 5.07 -6.12
N GLY A 60 20.35 4.80 -4.83
CA GLY A 60 21.23 5.39 -3.85
C GLY A 60 22.48 4.61 -3.52
N GLY A 61 22.37 3.30 -3.38
CA GLY A 61 23.51 2.49 -3.05
C GLY A 61 24.19 2.00 -4.30
N HIS A 62 25.03 0.99 -4.12
CA HIS A 62 25.64 0.24 -5.23
C HIS A 62 26.33 1.19 -6.21
N GLN A 63 26.96 2.24 -5.66
CA GLN A 63 27.58 3.28 -6.50
C GLN A 63 28.85 2.80 -7.19
N ALA A 64 29.49 1.75 -6.67
CA ALA A 64 30.59 1.13 -7.42
C ALA A 64 30.08 0.56 -8.73
N ALA A 65 28.99 -0.21 -8.68
CA ALA A 65 28.42 -0.74 -9.90
C ALA A 65 27.98 0.38 -10.84
N MET A 66 27.38 1.43 -10.28
CA MET A 66 26.89 2.53 -11.11
C MET A 66 28.04 3.22 -11.81
N GLN A 67 29.19 3.33 -11.15
CA GLN A 67 30.38 3.87 -11.81
C GLN A 67 30.83 2.95 -12.94
N MET A 68 30.75 1.63 -12.74
CA MET A 68 31.04 0.70 -13.83
C MET A 68 30.08 0.91 -14.99
N LEU A 69 28.80 1.11 -14.68
CA LEU A 69 27.84 1.39 -15.73
C LEU A 69 28.22 2.65 -16.50
N LYS A 70 28.66 3.69 -15.79
CA LYS A 70 29.08 4.91 -16.46
C LYS A 70 30.26 4.65 -17.39
N GLU A 71 31.23 3.84 -16.95
CA GLU A 71 32.36 3.48 -17.81
C GLU A 71 31.87 2.77 -19.06
N THR A 72 30.95 1.81 -18.90
CA THR A 72 30.42 1.05 -20.03
C THR A 72 29.64 1.95 -20.99
N ILE A 73 28.81 2.85 -20.45
CA ILE A 73 28.07 3.79 -21.27
C ILE A 73 29.02 4.63 -22.10
N ASN A 74 30.09 5.13 -21.48
CA ASN A 74 31.05 5.96 -22.21
C ASN A 74 31.74 5.18 -23.32
N GLU A 75 32.07 3.91 -23.07
CA GLU A 75 32.63 3.06 -24.12
C GLU A 75 31.66 2.91 -25.28
N GLU A 76 30.39 2.64 -24.99
CA GLU A 76 29.39 2.48 -26.03
C GLU A 76 29.12 3.79 -26.76
N ALA A 77 29.16 4.90 -26.03
CA ALA A 77 28.98 6.22 -26.66
C ALA A 77 30.09 6.50 -27.67
N ALA A 78 31.33 6.17 -27.33
CA ALA A 78 32.45 6.43 -28.23
C ALA A 78 32.32 5.63 -29.53
N GLU A 79 31.90 4.37 -29.43
CA GLU A 79 31.70 3.56 -30.63
C GLU A 79 30.60 4.14 -31.51
N TRP A 80 29.55 4.67 -30.91
CA TRP A 80 28.53 5.35 -31.70
C TRP A 80 29.16 6.49 -32.49
N ASP A 81 29.96 7.33 -31.83
CA ASP A 81 30.58 8.44 -32.52
C ASP A 81 31.53 7.95 -33.60
N ARG A 82 32.26 6.87 -33.33
CA ARG A 82 33.17 6.27 -34.30
C ARG A 82 32.44 5.75 -35.52
N LEU A 83 31.26 5.16 -35.33
CA LEU A 83 30.53 4.62 -36.48
C LEU A 83 29.70 5.68 -37.17
N HIS A 84 29.44 6.81 -36.50
CA HIS A 84 28.62 7.88 -37.08
C HIS A 84 29.41 9.13 -36.67
N PRO A 85 30.58 9.34 -37.29
CA PRO A 85 31.42 10.53 -37.01
C PRO A 85 31.00 11.90 -37.52
N VAL A 86 30.40 12.02 -38.71
CA VAL A 86 30.04 13.32 -39.29
C VAL A 86 29.57 14.35 -38.28
N HIS A 87 28.42 14.10 -37.67
CA HIS A 87 27.88 15.04 -36.69
C HIS A 87 28.58 14.94 -35.33
N ALA A 88 29.59 14.08 -35.21
CA ALA A 88 30.30 13.74 -33.97
C ALA A 88 29.57 14.09 -32.69
N ALA A 92 21.88 21.67 -41.73
CA ALA A 92 20.75 20.86 -42.14
C ALA A 92 19.44 21.43 -41.62
N PRO A 93 18.84 22.36 -42.36
CA PRO A 93 17.71 23.12 -41.79
C PRO A 93 16.42 22.33 -41.55
N GLY A 94 15.85 21.66 -42.56
CA GLY A 94 14.65 20.86 -42.33
C GLY A 94 14.78 19.73 -41.32
N GLN A 95 16.02 19.29 -41.05
CA GLN A 95 16.38 18.20 -40.16
C GLN A 95 17.01 18.71 -38.87
N MET A 96 16.84 17.94 -37.81
CA MET A 96 17.42 18.28 -36.51
C MET A 96 18.90 17.95 -36.61
N ARG A 97 19.64 18.04 -35.53
CA ARG A 97 21.02 17.64 -35.64
C ARG A 97 21.13 16.13 -35.50
N GLU A 98 22.28 15.59 -35.87
CA GLU A 98 22.39 14.13 -35.71
C GLU A 98 22.89 13.87 -34.30
N PRO A 99 22.30 12.93 -33.57
CA PRO A 99 22.75 12.74 -32.18
C PRO A 99 24.10 12.03 -32.14
N ARG A 100 24.98 12.58 -31.31
CA ARG A 100 26.26 11.99 -30.96
C ARG A 100 26.10 11.10 -29.73
N GLY A 101 27.19 10.40 -29.39
CA GLY A 101 27.16 9.54 -28.22
C GLY A 101 26.66 10.25 -26.98
N SER A 102 27.21 11.44 -26.70
CA SER A 102 26.78 12.21 -25.55
C SER A 102 25.34 12.72 -25.64
N ASP A 103 24.78 12.89 -26.84
CA ASP A 103 23.38 13.27 -26.95
C ASP A 103 22.44 12.12 -26.62
N ILE A 104 22.78 10.91 -27.04
CA ILE A 104 21.97 9.74 -26.72
C ILE A 104 21.94 9.47 -25.22
N ALA A 105 23.06 9.65 -24.54
CA ALA A 105 23.10 9.45 -23.09
C ALA A 105 22.48 10.61 -22.30
N GLY A 106 21.97 11.65 -22.97
CA GLY A 106 21.31 12.72 -22.27
C GLY A 106 22.23 13.71 -21.57
N THR A 107 23.51 13.67 -21.87
CA THR A 107 24.51 14.50 -21.23
C THR A 107 24.62 15.86 -21.92
N THR A 108 24.49 15.87 -23.25
CA THR A 108 24.61 17.08 -24.07
C THR A 108 23.31 17.38 -24.81
N SER A 109 22.22 16.67 -24.51
CA SER A 109 20.94 16.89 -25.15
C SER A 109 19.91 17.43 -24.16
N THR A 110 18.96 18.21 -24.70
CA THR A 110 17.85 18.72 -23.91
C THR A 110 16.69 17.75 -24.05
N LEU A 111 15.75 17.84 -23.10
CA LEU A 111 14.55 17.02 -23.20
C LEU A 111 13.84 17.27 -24.54
N GLN A 112 13.76 18.55 -24.94
CA GLN A 112 13.06 18.88 -26.18
C GLN A 112 13.75 18.26 -27.40
N GLU A 113 15.09 18.28 -27.43
CA GLU A 113 15.81 17.61 -28.51
C GLU A 113 15.54 16.11 -28.49
N GLN A 114 15.55 15.49 -27.29
CA GLN A 114 15.28 14.06 -27.17
C GLN A 114 13.88 13.73 -27.68
N ILE A 115 12.89 14.55 -27.30
CA ILE A 115 11.53 14.40 -27.79
C ILE A 115 11.48 14.54 -29.30
N GLY A 116 12.20 15.52 -29.85
CA GLY A 116 12.26 15.69 -31.30
C GLY A 116 12.70 14.45 -32.06
N TRP A 117 13.81 13.82 -31.61
CA TRP A 117 14.30 12.64 -32.30
C TRP A 117 13.33 11.47 -32.16
N MET A 118 12.86 11.22 -30.93
CA MET A 118 11.99 10.09 -30.66
C MET A 118 10.65 10.21 -31.37
N THR A 119 10.18 11.43 -31.61
CA THR A 119 8.89 11.63 -32.25
C THR A 119 9.01 11.98 -33.73
N HIS A 120 10.20 11.86 -34.30
CA HIS A 120 10.38 12.16 -35.71
C HIS A 120 9.76 11.06 -36.57
N ASN A 121 9.54 11.37 -37.83
CA ASN A 121 9.12 10.37 -38.81
C ASN A 121 10.12 10.38 -39.95
N PRO A 122 11.02 9.37 -40.05
CA PRO A 122 11.15 8.19 -39.18
C PRO A 122 11.77 8.51 -37.83
N PRO A 123 11.41 7.72 -36.81
CA PRO A 123 11.91 8.00 -35.46
C PRO A 123 13.37 7.60 -35.34
N ILE A 124 14.12 8.45 -34.63
CA ILE A 124 15.49 8.14 -34.25
C ILE A 124 15.42 7.73 -32.79
N PRO A 125 15.47 6.45 -32.48
CA PRO A 125 15.11 6.01 -31.12
C PRO A 125 16.25 6.15 -30.12
N VAL A 126 16.55 7.41 -29.78
CA VAL A 126 17.70 7.67 -28.92
C VAL A 126 17.51 7.06 -27.55
N GLY A 127 16.26 7.00 -27.08
CA GLY A 127 15.99 6.33 -25.82
C GLY A 127 16.27 4.84 -25.86
N GLU A 128 15.82 4.18 -26.93
CA GLU A 128 16.00 2.74 -27.06
C GLU A 128 17.48 2.39 -27.21
N ILE A 129 18.25 3.22 -27.93
CA ILE A 129 19.67 2.97 -28.10
C ILE A 129 20.39 3.07 -26.76
N TYR A 130 20.09 4.13 -26.01
CA TYR A 130 20.70 4.28 -24.70
C TYR A 130 20.32 3.13 -23.78
N LYS A 131 19.07 2.68 -23.84
CA LYS A 131 18.66 1.55 -23.00
C LYS A 131 19.47 0.31 -23.30
N ARG A 132 19.78 0.09 -24.58
CA ARG A 132 20.65 -1.01 -24.95
C ARG A 132 21.99 -0.90 -24.23
N TRP A 133 22.59 0.31 -24.24
CA TRP A 133 23.89 0.50 -23.58
C TRP A 133 23.78 0.28 -22.09
N ILE A 134 22.70 0.77 -21.48
CA ILE A 134 22.51 0.62 -20.03
C ILE A 134 22.37 -0.86 -19.68
N ILE A 135 21.61 -1.60 -20.49
CA ILE A 135 21.41 -3.02 -20.23
C ILE A 135 22.72 -3.79 -20.39
N LEU A 136 23.54 -3.43 -21.38
CA LEU A 136 24.87 -4.02 -21.49
C LEU A 136 25.67 -3.85 -20.22
N GLY A 137 25.64 -2.65 -19.64
CA GLY A 137 26.34 -2.43 -18.39
C GLY A 137 25.77 -3.25 -17.24
N LEU A 138 24.44 -3.30 -17.15
CA LEU A 138 23.81 -4.07 -16.08
C LEU A 138 24.15 -5.55 -16.22
N ASN A 139 24.18 -6.06 -17.45
CA ASN A 139 24.58 -7.45 -17.66
C ASN A 139 25.95 -7.72 -17.05
N LYS A 140 26.90 -6.81 -17.28
CA LYS A 140 28.24 -7.00 -16.72
C LYS A 140 28.18 -7.00 -15.19
N ILE A 141 27.36 -6.12 -14.62
CA ILE A 141 27.23 -6.04 -13.17
C ILE A 141 26.65 -7.33 -12.61
N VAL A 142 25.60 -7.85 -13.25
CA VAL A 142 24.99 -9.12 -12.83
C VAL A 142 26.02 -10.23 -12.80
N ARG A 143 26.91 -10.28 -13.80
CA ARG A 143 27.93 -11.32 -13.84
C ARG A 143 28.90 -11.14 -12.68
N MET A 144 29.27 -9.89 -12.40
CA MET A 144 30.22 -9.63 -11.33
C MET A 144 29.66 -10.12 -10.00
N TYR A 145 28.36 -9.97 -9.80
CA TYR A 145 27.79 -10.35 -8.53
C TYR A 145 27.36 -11.80 -8.49
N SER A 146 27.56 -12.57 -9.57
CA SER A 146 27.33 -14.00 -9.54
C SER A 146 28.30 -14.58 -8.52
N PRO A 147 27.84 -15.24 -7.46
CA PRO A 147 28.80 -15.67 -6.43
C PRO A 147 29.60 -16.90 -6.83
N THR A 148 29.10 -17.67 -7.79
CA THR A 148 29.65 -18.97 -8.17
C THR A 148 29.66 -19.13 -9.68
N SER A 149 30.74 -19.75 -10.20
CA SER A 149 30.81 -20.15 -11.59
C SER A 149 29.99 -21.42 -11.76
N ILE A 150 29.38 -21.58 -12.94
CA ILE A 150 28.60 -22.78 -13.23
C ILE A 150 29.45 -24.04 -13.08
N LEU A 151 30.76 -23.94 -13.33
CA LEU A 151 31.69 -25.04 -13.14
C LEU A 151 31.76 -25.43 -11.68
N ASP A 152 31.41 -24.50 -10.79
CA ASP A 152 31.43 -24.67 -9.34
C ASP A 152 30.09 -25.12 -8.80
N ILE A 153 29.12 -25.33 -9.68
CA ILE A 153 27.83 -25.87 -9.29
C ILE A 153 27.88 -27.39 -9.34
N ARG A 154 27.76 -28.00 -8.17
CA ARG A 154 27.74 -29.45 -8.05
C ARG A 154 26.61 -29.80 -7.08
N GLN A 155 25.85 -30.83 -7.44
CA GLN A 155 24.73 -31.25 -6.64
C GLN A 155 25.18 -31.78 -5.30
N GLY A 156 24.54 -31.34 -4.22
CA GLY A 156 24.91 -31.91 -2.95
C GLY A 156 24.39 -33.33 -3.00
N PRO A 157 24.98 -34.20 -2.18
CA PRO A 157 24.53 -35.61 -2.14
C PRO A 157 23.06 -35.84 -1.81
N LYS A 158 22.49 -35.02 -0.95
CA LYS A 158 21.10 -35.14 -0.50
C LYS A 158 20.20 -34.02 -1.03
N GLU A 159 20.69 -33.25 -1.95
CA GLU A 159 19.93 -32.13 -2.46
C GLU A 159 18.93 -32.69 -3.48
N PRO A 160 17.64 -32.40 -3.32
CA PRO A 160 16.66 -32.81 -4.34
C PRO A 160 17.11 -32.31 -5.70
N PHE A 161 16.93 -33.17 -6.69
CA PHE A 161 17.37 -32.82 -8.04
C PHE A 161 16.77 -31.48 -8.47
N ARG A 162 15.51 -31.22 -8.15
CA ARG A 162 14.90 -29.95 -8.51
C ARG A 162 15.68 -28.76 -7.92
N ASP A 163 16.13 -28.87 -6.67
CA ASP A 163 16.85 -27.76 -6.05
C ASP A 163 18.22 -27.55 -6.68
N TYR A 164 18.91 -28.64 -7.04
CA TYR A 164 20.17 -28.52 -7.75
C TYR A 164 19.98 -27.89 -9.13
N VAL A 165 18.95 -28.33 -9.86
CA VAL A 165 18.68 -27.78 -11.19
C VAL A 165 18.35 -26.29 -11.08
N ASP A 166 17.59 -25.90 -10.06
CA ASP A 166 17.37 -24.47 -9.80
C ASP A 166 18.69 -23.72 -9.66
N ARG A 167 19.62 -24.25 -8.86
CA ARG A 167 20.90 -23.56 -8.69
C ARG A 167 21.68 -23.51 -10.00
N PHE A 168 21.64 -24.61 -10.75
CA PHE A 168 22.41 -24.68 -11.99
C PHE A 168 21.96 -23.61 -12.97
N TYR A 169 20.66 -23.54 -13.26
CA TYR A 169 20.18 -22.59 -14.25
C TYR A 169 20.12 -21.16 -13.74
N LYS A 170 19.99 -20.93 -12.43
CA LYS A 170 20.14 -19.57 -11.91
C LYS A 170 21.53 -19.03 -12.18
N THR A 171 22.56 -19.81 -11.83
CA THR A 171 23.94 -19.43 -12.09
C THR A 171 24.20 -19.30 -13.58
N LEU A 172 23.74 -20.26 -14.38
CA LEU A 172 23.95 -20.18 -15.82
C LEU A 172 23.32 -18.90 -16.36
N ARG A 173 22.14 -18.55 -15.85
CA ARG A 173 21.47 -17.33 -16.31
C ARG A 173 22.29 -16.09 -15.99
N ALA A 174 22.81 -16.02 -14.75
CA ALA A 174 23.57 -14.83 -14.37
C ALA A 174 24.92 -14.72 -15.08
N GLU A 175 25.65 -15.84 -15.24
CA GLU A 175 26.97 -15.71 -15.85
C GLU A 175 26.92 -15.42 -17.34
N GLN A 176 25.83 -15.77 -18.02
CA GLN A 176 25.57 -15.39 -19.40
C GLN A 176 24.66 -14.18 -19.49
N ALA A 177 24.05 -13.79 -18.36
CA ALA A 177 23.27 -12.57 -18.28
C ALA A 177 22.01 -12.77 -19.11
N SER A 178 21.63 -14.05 -19.22
CA SER A 178 20.67 -14.58 -20.17
C SER A 178 19.88 -15.73 -19.55
N GLU A 180 19.47 -18.29 -22.38
CA GLU A 180 19.77 -19.02 -23.61
C GLU A 180 21.26 -19.35 -23.71
N LYS A 182 21.51 -22.98 -22.44
CA LYS A 182 21.54 -24.43 -22.51
C LYS A 182 21.97 -24.92 -23.89
N ASN A 183 23.26 -25.14 -24.05
CA ASN A 183 23.81 -25.83 -25.20
C ASN A 183 24.33 -27.20 -24.79
N ALA A 184 24.70 -28.01 -25.78
CA ALA A 184 25.23 -29.35 -25.51
C ALA A 184 26.28 -29.36 -24.40
N ALA A 185 27.02 -28.25 -24.25
CA ALA A 185 28.02 -28.17 -23.17
C ALA A 185 27.35 -28.27 -21.81
N THR A 186 26.54 -27.27 -21.45
CA THR A 186 25.74 -27.32 -20.23
C THR A 186 25.04 -28.68 -20.05
N GLU A 187 24.32 -29.12 -21.09
CA GLU A 187 23.70 -30.45 -21.07
C GLU A 187 24.65 -31.47 -20.47
N THR A 188 25.90 -31.48 -20.96
CA THR A 188 26.85 -32.49 -20.51
C THR A 188 27.19 -32.26 -19.05
N LEU A 189 27.30 -30.98 -18.67
CA LEU A 189 27.79 -30.63 -17.35
C LEU A 189 26.72 -30.90 -16.28
N LEU A 190 25.44 -30.71 -16.64
CA LEU A 190 24.34 -30.95 -15.70
C LEU A 190 24.30 -32.39 -15.22
N VAL A 191 24.54 -33.34 -16.12
CA VAL A 191 24.55 -34.75 -15.75
C VAL A 191 25.82 -35.11 -14.98
N GLN A 192 26.97 -34.62 -15.45
CA GLN A 192 28.27 -34.94 -14.85
C GLN A 192 28.38 -34.50 -13.39
N ASN A 193 27.79 -33.36 -13.04
CA ASN A 193 27.81 -32.78 -11.70
C ASN A 193 26.66 -33.27 -10.79
N ALA A 194 25.79 -34.16 -11.29
CA ALA A 194 24.70 -34.76 -10.54
C ALA A 194 25.22 -35.73 -9.49
N ASN A 195 24.33 -36.11 -8.55
CA ASN A 195 24.74 -37.01 -7.48
C ASN A 195 24.87 -38.45 -8.00
N PRO A 196 25.59 -39.30 -7.26
CA PRO A 196 25.91 -40.64 -7.80
C PRO A 196 24.76 -41.54 -8.23
N ASP A 197 23.77 -41.71 -7.37
CA ASP A 197 22.64 -42.57 -7.71
C ASP A 197 21.79 -41.90 -8.80
N CYS A 198 21.60 -40.57 -8.66
CA CYS A 198 20.88 -39.78 -9.64
C CYS A 198 21.54 -39.91 -11.02
N LYS A 199 22.87 -39.97 -11.06
CA LYS A 199 23.57 -40.01 -12.34
C LYS A 199 23.16 -41.23 -13.16
N THR A 200 23.09 -42.39 -12.51
CA THR A 200 22.68 -43.63 -13.17
C THR A 200 21.32 -43.51 -13.83
N ILE A 201 20.37 -42.87 -13.16
CA ILE A 201 19.05 -42.70 -13.78
C ILE A 201 19.17 -41.81 -15.01
N LEU A 202 19.92 -40.71 -14.91
CA LEU A 202 20.03 -39.80 -16.05
C LEU A 202 20.78 -40.44 -17.22
N LYS A 203 21.88 -41.17 -16.93
CA LYS A 203 22.60 -41.89 -17.99
C LYS A 203 21.71 -42.93 -18.66
N ALA A 204 20.90 -43.63 -17.88
CA ALA A 204 20.03 -44.65 -18.44
C ALA A 204 18.93 -44.04 -19.30
N LEU A 205 18.61 -42.75 -19.09
CA LEU A 205 17.57 -42.14 -19.92
C LEU A 205 17.98 -42.05 -21.38
N GLY A 206 19.27 -41.96 -21.66
CA GLY A 206 19.72 -41.91 -23.03
C GLY A 206 19.80 -40.49 -23.52
N PRO A 207 20.21 -40.33 -24.77
CA PRO A 207 20.35 -38.99 -25.35
C PRO A 207 18.99 -38.41 -25.69
N GLY A 208 18.94 -37.08 -25.69
CA GLY A 208 17.75 -36.33 -26.06
C GLY A 208 16.67 -36.24 -25.03
N ALA A 209 16.94 -36.58 -23.77
CA ALA A 209 15.92 -36.44 -22.74
C ALA A 209 15.64 -34.98 -22.45
N THR A 210 14.37 -34.63 -22.33
CA THR A 210 14.01 -33.26 -22.00
C THR A 210 14.21 -33.04 -20.50
N LEU A 211 14.27 -31.77 -20.11
CA LEU A 211 14.39 -31.46 -18.68
C LEU A 211 13.19 -32.02 -17.93
N GLU A 212 12.00 -31.90 -18.51
CA GLU A 212 10.82 -32.47 -17.87
C GLU A 212 11.00 -33.95 -17.60
N GLU A 213 11.50 -34.71 -18.58
CA GLU A 213 11.70 -36.15 -18.38
C GLU A 213 12.75 -36.43 -17.32
N MET A 214 13.84 -35.66 -17.33
CA MET A 214 14.88 -35.84 -16.33
C MET A 214 14.41 -35.55 -14.90
N MET A 215 13.66 -34.46 -14.68
CA MET A 215 13.24 -34.14 -13.31
C MET A 215 12.24 -35.14 -12.76
N THR A 216 11.31 -35.62 -13.57
CA THR A 216 10.42 -36.69 -13.14
C THR A 216 11.21 -37.97 -12.87
N ALA A 217 12.12 -38.30 -13.78
CA ALA A 217 12.94 -39.51 -13.68
C ALA A 217 13.70 -39.54 -12.37
N CYS A 218 14.23 -38.39 -11.94
CA CYS A 218 15.02 -38.32 -10.73
C CYS A 218 14.17 -38.03 -9.51
N GLN A 219 12.84 -38.04 -9.69
CA GLN A 219 11.94 -37.89 -8.57
C GLN A 219 11.99 -39.22 -7.85
N GLY A 220 11.99 -39.20 -6.53
CA GLY A 220 12.19 -40.41 -5.79
C GLY A 220 13.56 -40.52 -5.14
N VAL A 221 14.55 -39.84 -5.70
CA VAL A 221 15.90 -39.83 -5.14
C VAL A 221 15.90 -39.05 -3.83
N PRO B 1 -13.88 18.10 -5.32
CA PRO B 1 -13.24 19.30 -5.84
C PRO B 1 -13.80 19.67 -7.18
N ILE B 2 -13.34 20.79 -7.70
CA ILE B 2 -13.69 21.25 -9.04
C ILE B 2 -12.44 21.07 -9.88
N VAL B 3 -12.57 20.33 -10.98
CA VAL B 3 -11.44 20.05 -11.83
C VAL B 3 -11.83 20.41 -13.26
N GLN B 4 -10.82 20.49 -14.10
CA GLN B 4 -10.99 20.71 -15.52
C GLN B 4 -11.20 19.38 -16.22
N ASN B 5 -12.19 19.31 -17.09
CA ASN B 5 -12.42 18.10 -17.85
C ASN B 5 -11.78 18.24 -19.24
N LEU B 6 -11.71 17.10 -19.94
CA LEU B 6 -11.05 17.08 -21.24
C LEU B 6 -11.66 18.08 -22.20
N GLN B 7 -12.98 18.30 -22.11
CA GLN B 7 -13.65 19.33 -22.90
C GLN B 7 -13.21 20.74 -22.53
N GLY B 8 -12.49 20.90 -21.42
CA GLY B 8 -12.04 22.20 -20.94
C GLY B 8 -12.97 22.86 -19.96
N GLN B 9 -14.08 22.23 -19.62
CA GLN B 9 -15.05 22.76 -18.69
C GLN B 9 -14.75 22.33 -17.25
N MET B 10 -15.05 23.23 -16.33
CA MET B 10 -14.81 22.98 -14.91
C MET B 10 -16.00 22.21 -14.34
N VAL B 11 -15.72 21.01 -13.83
CA VAL B 11 -16.78 20.11 -13.34
C VAL B 11 -16.43 19.65 -11.94
N HIS B 12 -17.48 19.28 -11.21
CA HIS B 12 -17.34 18.72 -9.87
C HIS B 12 -16.90 17.27 -9.91
N GLN B 13 -16.09 16.90 -8.91
CA GLN B 13 -15.62 15.54 -8.67
C GLN B 13 -15.73 15.20 -7.20
N CYS B 14 -16.13 13.97 -6.91
CA CYS B 14 -16.22 13.56 -5.52
C CYS B 14 -14.81 13.61 -4.93
N ILE B 15 -14.71 13.99 -3.66
CA ILE B 15 -13.44 13.92 -2.96
C ILE B 15 -12.90 12.49 -2.96
N SER B 16 -11.56 12.35 -3.20
CA SER B 16 -11.03 11.01 -3.42
C SER B 16 -10.73 10.28 -2.12
N PRO B 17 -10.87 8.96 -2.14
CA PRO B 17 -10.47 8.16 -0.97
C PRO B 17 -9.00 8.29 -0.61
N ARG B 18 -8.12 8.42 -1.60
CA ARG B 18 -6.71 8.64 -1.33
C ARG B 18 -6.49 9.95 -0.57
N THR B 19 -7.15 11.03 -1.00
CA THR B 19 -7.03 12.31 -0.31
C THR B 19 -7.55 12.22 1.12
N LEU B 20 -8.74 11.65 1.31
CA LEU B 20 -9.32 11.55 2.64
C LEU B 20 -8.41 10.81 3.60
N ASN B 21 -7.90 9.65 3.19
CA ASN B 21 -7.02 8.90 4.07
C ASN B 21 -5.76 9.69 4.36
N ALA B 22 -5.20 10.35 3.33
CA ALA B 22 -3.98 11.14 3.50
C ALA B 22 -4.11 12.23 4.56
N TRP B 23 -5.22 12.98 4.55
CA TRP B 23 -5.39 14.04 5.54
C TRP B 23 -5.53 13.48 6.94
N VAL B 24 -6.40 12.49 7.12
CA VAL B 24 -6.56 11.85 8.44
C VAL B 24 -5.23 11.32 8.94
N LYS B 25 -4.46 10.67 8.07
CA LYS B 25 -3.22 10.04 8.49
C LYS B 25 -2.17 11.06 8.90
N VAL B 26 -2.07 12.17 8.18
CA VAL B 26 -1.08 13.21 8.50
C VAL B 26 -1.34 13.79 9.89
N VAL B 27 -2.61 13.96 10.23
CA VAL B 27 -2.98 14.42 11.55
C VAL B 27 -2.59 13.39 12.62
N GLU B 28 -2.81 12.10 12.35
CA GLU B 28 -2.43 11.08 13.33
C GLU B 28 -0.94 11.08 13.62
N GLU B 29 -0.10 11.24 12.60
CA GLU B 29 1.34 11.12 12.78
C GLU B 29 2.02 12.43 13.16
N LYS B 30 1.55 13.56 12.62
CA LYS B 30 2.21 14.84 12.80
C LYS B 30 1.44 15.77 13.71
N ALA B 31 0.21 15.42 14.08
CA ALA B 31 -0.65 16.28 14.89
C ALA B 31 -0.70 17.67 14.25
N PHE B 32 -0.33 18.71 14.99
CA PHE B 32 -0.29 20.07 14.47
C PHE B 32 1.13 20.64 14.45
N SER B 33 2.09 19.80 14.06
CA SER B 33 3.39 20.32 13.70
C SER B 33 3.21 21.23 12.49
N PRO B 34 3.99 22.30 12.37
CA PRO B 34 3.72 23.31 11.34
C PRO B 34 3.61 22.76 9.93
N GLU B 35 4.35 21.70 9.59
CA GLU B 35 4.32 21.17 8.23
C GLU B 35 2.94 20.62 7.83
N VAL B 36 2.05 20.39 8.78
CA VAL B 36 0.69 19.94 8.45
C VAL B 36 -0.03 20.98 7.60
N ILE B 37 0.11 22.26 7.94
CA ILE B 37 -0.64 23.30 7.22
C ILE B 37 -0.36 23.35 5.72
N PRO B 38 0.89 23.32 5.25
CA PRO B 38 1.08 23.25 3.79
C PRO B 38 0.47 22.02 3.17
N MET B 39 0.45 20.90 3.88
CA MET B 39 -0.21 19.70 3.38
C MET B 39 -1.71 19.87 3.28
N PHE B 40 -2.35 20.46 4.30
CA PHE B 40 -3.78 20.72 4.19
C PHE B 40 -4.07 21.56 2.96
N SER B 41 -3.30 22.63 2.77
CA SER B 41 -3.54 23.49 1.62
C SER B 41 -3.37 22.74 0.31
N ALA B 42 -2.35 21.88 0.22
CA ALA B 42 -2.11 21.13 -1.02
C ALA B 42 -3.16 20.04 -1.25
N LEU B 43 -3.52 19.28 -0.21
CA LEU B 43 -4.54 18.24 -0.34
C LEU B 43 -5.92 18.78 -0.66
N SER B 44 -6.19 20.05 -0.36
CA SER B 44 -7.49 20.66 -0.60
C SER B 44 -7.52 21.50 -1.86
N CYS B 45 -6.63 21.21 -2.81
CA CYS B 45 -6.60 21.92 -4.07
C CYS B 45 -7.94 21.78 -4.77
N GLY B 46 -8.54 22.90 -5.16
CA GLY B 46 -9.81 22.82 -5.84
C GLY B 46 -10.99 22.48 -4.96
N ALA B 47 -10.82 22.46 -3.64
CA ALA B 47 -11.88 21.99 -2.76
C ALA B 47 -13.09 22.91 -2.78
N THR B 48 -14.28 22.30 -2.71
CA THR B 48 -15.48 23.06 -2.38
C THR B 48 -15.50 23.35 -0.89
N PRO B 49 -16.35 24.28 -0.45
CA PRO B 49 -16.52 24.43 1.00
C PRO B 49 -16.94 23.14 1.68
N GLN B 50 -17.83 22.39 1.04
CA GLN B 50 -18.23 21.07 1.52
C GLN B 50 -17.04 20.15 1.70
N ASP B 51 -16.16 20.09 0.71
CA ASP B 51 -14.99 19.23 0.80
C ASP B 51 -14.09 19.63 1.95
N LEU B 52 -13.89 20.94 2.14
CA LEU B 52 -13.05 21.42 3.22
C LEU B 52 -13.62 21.04 4.59
N ASN B 53 -14.94 21.21 4.75
CA ASN B 53 -15.58 20.83 6.00
C ASN B 53 -15.47 19.33 6.24
N THR B 54 -15.66 18.53 5.18
CA THR B 54 -15.46 17.09 5.25
C THR B 54 -14.07 16.73 5.78
N MET B 55 -13.02 17.34 5.21
CA MET B 55 -11.66 17.06 5.67
C MET B 55 -11.52 17.39 7.15
N LEU B 56 -12.03 18.56 7.57
CA LEU B 56 -11.95 18.94 8.96
C LEU B 56 -12.82 18.04 9.82
N ASN B 57 -14.01 17.68 9.32
CA ASN B 57 -14.92 16.85 10.10
C ASN B 57 -14.41 15.42 10.25
N THR B 58 -13.60 14.93 9.32
CA THR B 58 -13.09 13.55 9.42
C THR B 58 -11.96 13.39 10.43
N VAL B 59 -11.42 14.48 10.97
CA VAL B 59 -10.40 14.34 12.02
C VAL B 59 -11.11 13.92 13.29
N GLY B 60 -10.65 12.81 13.88
CA GLY B 60 -11.30 12.26 15.04
C GLY B 60 -10.86 12.77 16.37
N GLY B 61 -9.57 12.97 16.58
CA GLY B 61 -9.09 13.45 17.84
C GLY B 61 -9.02 14.97 17.81
N HIS B 62 -8.27 15.53 18.75
CA HIS B 62 -7.94 16.95 18.74
C HIS B 62 -9.19 17.83 18.63
N GLN B 63 -10.28 17.42 19.30
CA GLN B 63 -11.55 18.15 19.17
C GLN B 63 -11.51 19.49 19.89
N ALA B 64 -10.59 19.66 20.84
CA ALA B 64 -10.40 20.99 21.41
C ALA B 64 -9.92 21.97 20.35
N ALA B 65 -8.91 21.58 19.57
CA ALA B 65 -8.43 22.45 18.50
C ALA B 65 -9.51 22.73 17.47
N MET B 66 -10.29 21.72 17.09
CA MET B 66 -11.28 21.90 16.04
C MET B 66 -12.37 22.86 16.48
N GLN B 67 -12.74 22.82 17.76
CA GLN B 67 -13.70 23.77 18.30
C GLN B 67 -13.14 25.18 18.23
N MET B 68 -11.85 25.33 18.50
CA MET B 68 -11.19 26.61 18.30
C MET B 68 -11.26 27.04 16.85
N LEU B 69 -11.04 26.11 15.93
CA LEU B 69 -11.15 26.42 14.52
C LEU B 69 -12.55 26.90 14.16
N LYS B 70 -13.59 26.25 14.70
CA LYS B 70 -14.95 26.71 14.41
C LYS B 70 -15.15 28.14 14.88
N GLU B 71 -14.68 28.47 16.09
CA GLU B 71 -14.75 29.83 16.60
C GLU B 71 -13.99 30.81 15.71
N THR B 72 -12.79 30.42 15.28
CA THR B 72 -12.00 31.31 14.42
C THR B 72 -12.72 31.52 13.08
N ILE B 73 -13.28 30.45 12.52
CA ILE B 73 -14.05 30.56 11.29
C ILE B 73 -15.21 31.52 11.49
N ASN B 74 -15.90 31.40 12.62
CA ASN B 74 -17.04 32.26 12.94
C ASN B 74 -16.63 33.73 13.08
N GLU B 75 -15.47 34.00 13.68
CA GLU B 75 -14.98 35.38 13.75
C GLU B 75 -14.77 35.96 12.35
N GLU B 76 -14.14 35.19 11.47
CA GLU B 76 -13.87 35.64 10.10
C GLU B 76 -15.16 35.77 9.30
N ALA B 77 -16.13 34.88 9.56
CA ALA B 77 -17.43 34.96 8.91
C ALA B 77 -18.13 36.28 9.25
N ALA B 78 -18.07 36.70 10.51
CA ALA B 78 -18.71 37.95 10.90
C ALA B 78 -18.08 39.13 10.17
N GLU B 79 -16.75 39.16 10.05
CA GLU B 79 -16.10 40.24 9.32
C GLU B 79 -16.46 40.21 7.84
N TRP B 80 -16.61 39.02 7.25
CA TRP B 80 -17.09 38.94 5.87
C TRP B 80 -18.46 39.60 5.71
N ASP B 81 -19.41 39.26 6.57
CA ASP B 81 -20.73 39.83 6.42
C ASP B 81 -20.69 41.35 6.60
N ARG B 82 -19.86 41.81 7.55
CA ARG B 82 -19.67 43.23 7.81
C ARG B 82 -19.00 43.97 6.65
N LEU B 83 -18.05 43.35 5.95
CA LEU B 83 -17.33 44.00 4.86
C LEU B 83 -18.09 43.92 3.55
N HIS B 84 -19.04 42.99 3.48
CA HIS B 84 -19.85 42.78 2.28
C HIS B 84 -21.24 42.61 2.89
N PRO B 85 -21.81 43.73 3.34
CA PRO B 85 -23.16 43.74 3.91
C PRO B 85 -24.24 43.51 2.87
N VAL B 86 -23.92 43.67 1.59
CA VAL B 86 -24.87 43.53 0.48
C VAL B 86 -25.91 42.50 0.86
N HIS B 87 -27.18 42.88 0.71
CA HIS B 87 -28.28 42.01 1.05
C HIS B 87 -29.55 42.43 0.32
N ALA B 92 -30.52 40.17 -10.74
CA ALA B 92 -30.91 39.25 -9.67
C ALA B 92 -31.41 37.88 -10.16
N PRO B 93 -32.44 37.84 -11.02
CA PRO B 93 -32.94 36.54 -11.48
C PRO B 93 -31.88 35.61 -12.06
N GLY B 94 -31.07 36.09 -13.02
CA GLY B 94 -29.97 35.33 -13.59
C GLY B 94 -29.24 34.48 -12.59
N GLN B 95 -28.16 34.99 -12.00
CA GLN B 95 -27.39 34.20 -11.05
C GLN B 95 -27.58 34.73 -9.63
N MET B 96 -27.45 33.87 -8.63
CA MET B 96 -27.56 34.36 -7.27
C MET B 96 -26.22 35.04 -7.01
N ARG B 97 -26.26 36.34 -6.73
CA ARG B 97 -25.06 37.10 -6.41
C ARG B 97 -24.62 37.11 -4.95
N GLU B 98 -25.50 36.87 -3.99
CA GLU B 98 -25.11 36.95 -2.59
C GLU B 98 -24.52 35.82 -1.75
N PRO B 99 -23.20 35.55 -1.75
CA PRO B 99 -22.75 34.47 -0.88
C PRO B 99 -22.77 35.07 0.53
N ARG B 100 -23.33 34.37 1.52
CA ARG B 100 -23.11 34.96 2.83
C ARG B 100 -21.90 34.33 3.51
N GLY B 101 -21.50 34.88 4.66
CA GLY B 101 -20.39 34.29 5.40
C GLY B 101 -20.64 32.81 5.66
N SER B 102 -21.86 32.51 6.14
CA SER B 102 -22.30 31.15 6.42
C SER B 102 -22.46 30.32 5.16
N ASP B 103 -22.69 30.97 4.02
CA ASP B 103 -22.75 30.25 2.75
C ASP B 103 -21.36 29.83 2.31
N ILE B 104 -20.37 30.71 2.53
CA ILE B 104 -18.98 30.39 2.22
C ILE B 104 -18.48 29.23 3.07
N ALA B 105 -18.88 29.19 4.34
CA ALA B 105 -18.48 28.09 5.22
C ALA B 105 -19.25 26.80 4.95
N GLY B 106 -20.17 26.78 3.99
CA GLY B 106 -20.88 25.57 3.65
C GLY B 106 -21.96 25.17 4.62
N THR B 107 -22.35 26.07 5.51
CA THR B 107 -23.33 25.80 6.55
C THR B 107 -24.75 26.03 6.07
N THR B 108 -24.96 27.08 5.24
CA THR B 108 -26.24 27.49 4.69
C THR B 108 -26.31 27.41 3.16
N SER B 109 -25.30 26.82 2.52
CA SER B 109 -25.25 26.69 1.07
C SER B 109 -25.36 25.25 0.62
N THR B 110 -25.89 25.05 -0.60
CA THR B 110 -25.94 23.72 -1.15
C THR B 110 -24.68 23.50 -1.97
N LEU B 111 -24.35 22.24 -2.23
CA LEU B 111 -23.18 21.97 -3.08
C LEU B 111 -23.31 22.65 -4.44
N GLN B 112 -24.51 22.60 -5.05
CA GLN B 112 -24.70 23.20 -6.37
C GLN B 112 -24.50 24.70 -6.32
N GLU B 113 -24.99 25.34 -5.25
CA GLU B 113 -24.75 26.77 -5.08
C GLU B 113 -23.26 27.04 -4.96
N GLN B 114 -22.55 26.21 -4.19
CA GLN B 114 -21.11 26.37 -4.05
C GLN B 114 -20.42 26.23 -5.40
N ILE B 115 -20.80 25.20 -6.17
CA ILE B 115 -20.28 24.98 -7.52
C ILE B 115 -20.64 26.15 -8.44
N GLY B 116 -21.87 26.63 -8.35
CA GLY B 116 -22.28 27.76 -9.16
C GLY B 116 -21.39 28.98 -8.98
N TRP B 117 -21.09 29.33 -7.73
CA TRP B 117 -20.23 30.48 -7.46
C TRP B 117 -18.81 30.23 -7.95
N MET B 118 -18.24 29.07 -7.63
CA MET B 118 -16.84 28.80 -7.99
C MET B 118 -16.64 28.74 -9.50
N THR B 119 -17.66 28.33 -10.26
CA THR B 119 -17.50 28.22 -11.70
C THR B 119 -18.11 29.40 -12.44
N HIS B 120 -18.49 30.46 -11.73
CA HIS B 120 -19.08 31.63 -12.35
C HIS B 120 -18.01 32.40 -13.11
N ASN B 121 -18.46 33.28 -14.00
CA ASN B 121 -17.60 34.23 -14.69
C ASN B 121 -18.14 35.63 -14.44
N PRO B 122 -17.51 36.44 -13.57
CA PRO B 122 -16.28 36.16 -12.84
C PRO B 122 -16.47 35.20 -11.68
N PRO B 123 -15.43 34.44 -11.36
CA PRO B 123 -15.55 33.43 -10.30
C PRO B 123 -15.61 34.07 -8.93
N ILE B 124 -16.48 33.51 -8.08
CA ILE B 124 -16.53 33.88 -6.68
C ILE B 124 -15.84 32.76 -5.91
N PRO B 125 -14.60 32.93 -5.50
CA PRO B 125 -13.85 31.74 -5.03
C PRO B 125 -14.14 31.38 -3.58
N VAL B 126 -15.34 30.87 -3.34
CA VAL B 126 -15.75 30.59 -1.97
C VAL B 126 -14.86 29.53 -1.33
N GLY B 127 -14.36 28.59 -2.14
CA GLY B 127 -13.43 27.61 -1.63
C GLY B 127 -12.11 28.20 -1.17
N GLU B 128 -11.53 29.08 -1.98
CA GLU B 128 -10.26 29.68 -1.61
C GLU B 128 -10.41 30.60 -0.41
N ILE B 129 -11.53 31.32 -0.34
CA ILE B 129 -11.77 32.20 0.81
C ILE B 129 -11.93 31.40 2.08
N TYR B 130 -12.74 30.35 2.04
CA TYR B 130 -12.92 29.52 3.23
C TYR B 130 -11.62 28.86 3.64
N LYS B 131 -10.83 28.39 2.69
CA LYS B 131 -9.55 27.78 3.03
C LYS B 131 -8.65 28.77 3.74
N ARG B 132 -8.67 30.02 3.29
CA ARG B 132 -7.91 31.07 3.97
C ARG B 132 -8.31 31.17 5.43
N TRP B 133 -9.61 31.19 5.71
CA TRP B 133 -10.07 31.28 7.09
C TRP B 133 -9.64 30.05 7.89
N ILE B 134 -9.75 28.86 7.27
CA ILE B 134 -9.38 27.63 7.97
C ILE B 134 -7.89 27.63 8.29
N ILE B 135 -7.07 28.06 7.34
CA ILE B 135 -5.62 28.09 7.57
C ILE B 135 -5.27 29.09 8.66
N LEU B 136 -5.95 30.24 8.69
CA LEU B 136 -5.74 31.18 9.78
C LEU B 136 -5.99 30.52 11.13
N GLY B 137 -7.06 29.74 11.25
CA GLY B 137 -7.32 29.04 12.49
C GLY B 137 -6.27 27.99 12.82
N LEU B 138 -5.86 27.23 11.82
CA LEU B 138 -4.86 26.19 12.04
C LEU B 138 -3.54 26.82 12.48
N ASN B 139 -3.18 27.97 11.91
CA ASN B 139 -1.97 28.68 12.32
C ASN B 139 -2.00 28.95 13.82
N LYS B 140 -3.14 29.39 14.35
CA LYS B 140 -3.25 29.65 15.79
C LYS B 140 -3.04 28.37 16.60
N ILE B 141 -3.58 27.25 16.11
CA ILE B 141 -3.44 25.97 16.80
C ILE B 141 -1.97 25.55 16.82
N VAL B 142 -1.30 25.67 15.68
CA VAL B 142 0.13 25.33 15.61
C VAL B 142 0.92 26.14 16.65
N ARG B 143 0.60 27.43 16.80
CA ARG B 143 1.30 28.25 17.78
C ARG B 143 1.00 27.77 19.19
N MET B 144 -0.26 27.45 19.46
CA MET B 144 -0.64 27.01 20.80
C MET B 144 0.09 25.74 21.17
N TYR B 145 0.29 24.84 20.22
CA TYR B 145 0.91 23.56 20.51
C TYR B 145 2.42 23.59 20.41
N SER B 146 3.04 24.75 20.14
CA SER B 146 4.49 24.83 20.21
C SER B 146 4.91 24.54 21.65
N PRO B 147 5.70 23.50 21.91
CA PRO B 147 5.99 23.14 23.31
C PRO B 147 7.01 24.03 23.99
N THR B 148 7.83 24.75 23.23
CA THR B 148 8.96 25.49 23.76
C THR B 148 9.06 26.86 23.12
N SER B 149 9.42 27.85 23.93
CA SER B 149 9.77 29.18 23.46
C SER B 149 11.17 29.16 22.89
N ILE B 150 11.38 29.97 21.85
CA ILE B 150 12.69 30.14 21.19
C ILE B 150 13.76 30.59 22.17
N LEU B 151 13.37 31.31 23.22
CA LEU B 151 14.29 31.76 24.26
C LEU B 151 14.93 30.62 25.06
N ASP B 152 14.31 29.45 25.10
CA ASP B 152 14.82 28.29 25.85
C ASP B 152 15.62 27.32 25.02
N ILE B 153 15.84 27.59 23.73
CA ILE B 153 16.68 26.75 22.91
C ILE B 153 18.13 27.21 23.02
N ARG B 154 18.96 26.36 23.61
CA ARG B 154 20.39 26.65 23.72
C ARG B 154 21.16 25.38 23.42
N GLN B 155 22.23 25.55 22.65
CA GLN B 155 23.07 24.43 22.25
C GLN B 155 23.82 23.87 23.44
N GLY B 156 23.75 22.55 23.59
CA GLY B 156 24.47 21.83 24.60
C GLY B 156 25.96 21.74 24.33
N PRO B 157 26.74 21.47 25.38
CA PRO B 157 28.19 21.29 25.20
C PRO B 157 28.49 20.22 24.18
N LYS B 158 27.65 19.19 24.09
CA LYS B 158 27.91 18.13 23.16
C LYS B 158 26.95 18.17 21.97
N GLU B 159 26.15 19.22 21.83
CA GLU B 159 25.22 19.24 20.73
C GLU B 159 25.93 19.71 19.46
N PRO B 160 25.93 18.94 18.38
CA PRO B 160 26.46 19.46 17.12
C PRO B 160 25.74 20.74 16.72
N PHE B 161 26.50 21.70 16.18
CA PHE B 161 25.89 22.97 15.81
C PHE B 161 24.70 22.75 14.89
N ARG B 162 24.82 21.80 13.96
CA ARG B 162 23.72 21.50 13.04
C ARG B 162 22.45 21.11 13.78
N ASP B 163 22.57 20.30 14.84
CA ASP B 163 21.39 19.86 15.57
C ASP B 163 20.76 21.00 16.35
N TYR B 164 21.59 21.88 16.92
CA TYR B 164 21.06 23.06 17.61
C TYR B 164 20.35 23.99 16.63
N VAL B 165 20.95 24.23 15.46
CA VAL B 165 20.30 25.11 14.49
C VAL B 165 18.97 24.51 14.02
N ASP B 166 18.93 23.18 13.80
CA ASP B 166 17.66 22.52 13.50
C ASP B 166 16.63 22.78 14.59
N ARG B 167 17.02 22.63 15.86
CA ARG B 167 16.07 22.86 16.94
C ARG B 167 15.64 24.32 16.94
N PHE B 168 16.58 25.23 16.69
CA PHE B 168 16.29 26.65 16.74
C PHE B 168 15.21 27.01 15.72
N TYR B 169 15.41 26.64 14.46
CA TYR B 169 14.44 27.02 13.44
C TYR B 169 13.15 26.21 13.47
N LYS B 170 13.16 24.99 14.01
CA LYS B 170 11.90 24.29 14.24
C LYS B 170 11.02 25.03 15.24
N THR B 171 11.58 25.40 16.39
CA THR B 171 10.86 26.16 17.40
C THR B 171 10.43 27.54 16.88
N LEU B 172 11.34 28.23 16.20
CA LEU B 172 11.01 29.55 15.67
C LEU B 172 9.83 29.47 14.71
N ARG B 173 9.78 28.42 13.88
CA ARG B 173 8.69 28.26 12.93
C ARG B 173 7.34 28.10 13.61
N ALA B 174 7.25 27.28 14.67
CA ALA B 174 5.95 27.08 15.31
C ALA B 174 5.48 28.33 16.06
N GLU B 175 6.38 29.03 16.75
CA GLU B 175 5.96 30.19 17.52
C GLU B 175 5.59 31.37 16.64
N GLN B 176 6.13 31.41 15.43
CA GLN B 176 5.78 32.39 14.41
C GLN B 176 4.69 31.91 13.47
N ALA B 177 4.56 30.60 13.26
CA ALA B 177 3.47 29.99 12.52
C ALA B 177 3.73 30.21 11.03
N SER B 178 4.99 30.54 10.75
CA SER B 178 5.52 30.96 9.47
C SER B 178 7.00 30.57 9.43
N GLN B 179 7.49 30.28 8.23
CA GLN B 179 8.87 29.83 8.08
C GLN B 179 9.85 31.00 8.05
N GLU B 180 9.46 32.11 7.41
CA GLU B 180 10.31 33.29 7.28
C GLU B 180 10.24 34.10 8.56
N VAL B 181 11.12 33.78 9.51
CA VAL B 181 11.06 34.40 10.83
C VAL B 181 12.41 34.98 11.23
N LYS B 182 13.31 35.15 10.26
CA LYS B 182 14.68 35.60 10.57
C LYS B 182 14.70 37.12 10.75
N ASN B 183 14.12 37.57 11.86
CA ASN B 183 14.38 38.93 12.29
C ASN B 183 15.79 39.02 12.87
N ALA B 184 16.38 40.21 12.77
CA ALA B 184 17.75 40.44 13.29
C ALA B 184 17.96 39.86 14.69
N ALA B 185 16.91 39.80 15.51
CA ALA B 185 17.09 39.24 16.85
C ALA B 185 17.31 37.73 16.80
N THR B 186 16.73 37.04 15.81
CA THR B 186 17.01 35.62 15.65
C THR B 186 18.49 35.41 15.38
N GLU B 187 19.04 36.12 14.39
CA GLU B 187 20.49 36.08 14.17
C GLU B 187 21.22 36.30 15.49
N THR B 188 20.79 37.32 16.23
CA THR B 188 21.49 37.67 17.45
C THR B 188 21.32 36.56 18.46
N LEU B 189 20.11 35.98 18.51
CA LEU B 189 19.80 35.02 19.56
C LEU B 189 20.52 33.71 19.28
N LEU B 190 20.66 33.37 18.00
CA LEU B 190 21.34 32.14 17.60
C LEU B 190 22.78 32.12 18.09
N VAL B 191 23.46 33.27 18.00
CA VAL B 191 24.82 33.36 18.49
C VAL B 191 24.83 33.42 20.02
N GLN B 192 23.94 34.23 20.61
CA GLN B 192 23.92 34.40 22.06
C GLN B 192 23.64 33.08 22.77
N ASN B 193 22.77 32.25 22.19
CA ASN B 193 22.39 30.96 22.76
C ASN B 193 23.28 29.81 22.30
N ALA B 194 24.29 30.06 21.47
CA ALA B 194 25.23 29.04 21.03
C ALA B 194 26.16 28.59 22.15
N ASN B 195 26.81 27.45 21.92
CA ASN B 195 27.69 26.93 22.94
C ASN B 195 28.99 27.72 22.98
N PRO B 196 29.79 27.58 24.06
CA PRO B 196 30.97 28.46 24.21
C PRO B 196 31.96 28.48 23.05
N ASP B 197 32.34 27.30 22.54
CA ASP B 197 33.33 27.23 21.47
C ASP B 197 32.83 27.79 20.15
N CYS B 198 31.64 27.36 19.72
CA CYS B 198 31.08 27.83 18.45
C CYS B 198 30.89 29.34 18.46
N LYS B 199 30.44 29.89 19.58
CA LYS B 199 30.13 31.30 19.65
C LYS B 199 31.39 32.13 19.35
N THR B 200 32.53 31.73 19.92
CA THR B 200 33.80 32.41 19.61
C THR B 200 34.08 32.37 18.12
N ILE B 201 33.84 31.22 17.49
CA ILE B 201 34.03 31.09 16.05
C ILE B 201 33.05 31.96 15.30
N LEU B 202 31.78 31.95 15.73
CA LEU B 202 30.77 32.74 15.06
C LEU B 202 31.04 34.23 15.23
N LYS B 203 31.46 34.61 16.44
CA LYS B 203 31.83 36.01 16.69
C LYS B 203 32.97 36.45 15.79
N ALA B 204 33.97 35.57 15.60
CA ALA B 204 35.08 35.96 14.75
C ALA B 204 34.68 36.03 13.29
N LEU B 205 33.60 35.36 12.87
CA LEU B 205 33.21 35.44 11.48
C LEU B 205 32.73 36.85 11.10
N GLY B 206 32.17 37.59 12.04
CA GLY B 206 31.75 38.93 11.69
C GLY B 206 30.31 39.00 11.20
N PRO B 207 29.88 40.21 10.88
CA PRO B 207 28.51 40.44 10.40
C PRO B 207 28.28 39.99 8.96
N GLY B 208 27.02 39.67 8.66
CA GLY B 208 26.61 39.30 7.32
C GLY B 208 26.95 37.89 6.87
N ALA B 209 27.31 37.03 7.81
CA ALA B 209 27.61 35.63 7.54
C ALA B 209 26.36 34.87 7.15
N THR B 210 26.48 34.02 6.13
CA THR B 210 25.36 33.20 5.73
C THR B 210 25.24 32.04 6.71
N LEU B 211 24.07 31.40 6.73
CA LEU B 211 23.91 30.24 7.60
C LEU B 211 24.93 29.17 7.21
N GLU B 212 25.12 28.98 5.91
CA GLU B 212 26.12 28.04 5.41
C GLU B 212 27.50 28.34 6.00
N GLU B 213 27.89 29.62 6.00
CA GLU B 213 29.19 30.00 6.54
C GLU B 213 29.28 29.76 8.03
N MET B 214 28.22 30.06 8.78
CA MET B 214 28.23 29.79 10.21
C MET B 214 28.36 28.29 10.51
N MET B 215 27.59 27.47 9.80
CA MET B 215 27.61 26.02 10.02
C MET B 215 28.91 25.35 9.59
N THR B 216 29.51 25.81 8.48
CA THR B 216 30.81 25.30 8.04
C THR B 216 31.91 25.59 9.06
N ALA B 217 31.95 26.82 9.57
CA ALA B 217 32.96 27.26 10.53
C ALA B 217 32.94 26.36 11.77
N CYS B 218 31.74 25.98 12.20
CA CYS B 218 31.40 25.20 13.38
C CYS B 218 31.34 23.70 13.12
N GLN B 219 31.81 23.22 11.97
CA GLN B 219 31.81 21.78 11.74
C GLN B 219 32.85 21.09 12.61
N GLY B 220 33.87 21.80 13.08
CA GLY B 220 34.71 21.19 14.09
C GLY B 220 33.88 21.22 15.37
N VAL B 221 33.66 20.05 15.98
CA VAL B 221 32.84 19.85 17.20
C VAL B 221 32.32 21.12 17.89
N PRO C 1 0.48 -4.21 -23.20
CA PRO C 1 -0.86 -4.68 -23.57
C PRO C 1 -1.45 -3.83 -24.67
N ILE C 2 -2.50 -4.31 -25.33
CA ILE C 2 -3.21 -3.54 -26.34
C ILE C 2 -4.57 -3.29 -25.73
N VAL C 3 -4.97 -2.04 -25.61
CA VAL C 3 -6.27 -1.78 -25.01
C VAL C 3 -7.05 -0.84 -25.90
N GLN C 4 -8.34 -0.79 -25.63
CA GLN C 4 -9.26 0.12 -26.27
C GLN C 4 -9.28 1.45 -25.51
N ASN C 5 -9.17 2.56 -26.24
CA ASN C 5 -9.26 3.89 -25.66
C ASN C 5 -10.67 4.43 -25.84
N LEU C 6 -10.97 5.56 -25.17
CA LEU C 6 -12.33 6.10 -25.24
C LEU C 6 -12.77 6.33 -26.68
N GLN C 7 -11.83 6.67 -27.58
CA GLN C 7 -12.11 6.78 -29.00
C GLN C 7 -12.52 5.46 -29.63
N GLY C 8 -12.31 4.33 -28.96
CA GLY C 8 -12.66 3.05 -29.51
C GLY C 8 -11.56 2.38 -30.30
N GLN C 9 -10.39 3.01 -30.40
CA GLN C 9 -9.30 2.44 -31.17
C GLN C 9 -8.41 1.57 -30.29
N MET C 10 -7.89 0.50 -30.87
CA MET C 10 -7.02 -0.41 -30.13
C MET C 10 -5.60 0.15 -30.17
N VAL C 11 -5.06 0.48 -29.01
CA VAL C 11 -3.75 1.11 -28.94
C VAL C 11 -2.89 0.31 -27.96
N HIS C 12 -1.59 0.41 -28.17
CA HIS C 12 -0.65 -0.19 -27.24
C HIS C 12 -0.54 0.69 -26.01
N GLN C 13 -0.39 0.04 -24.86
CA GLN C 13 -0.16 0.72 -23.60
C GLN C 13 0.93 -0.03 -22.86
N CYS C 14 1.82 0.71 -22.20
CA CYS C 14 2.88 0.04 -21.47
C CYS C 14 2.28 -0.83 -20.37
N ILE C 15 2.93 -1.97 -20.14
CA ILE C 15 2.59 -2.82 -19.01
C ILE C 15 2.71 -2.01 -17.71
N SER C 16 1.73 -2.20 -16.80
CA SER C 16 1.68 -1.32 -15.64
C SER C 16 2.61 -1.80 -14.52
N PRO C 17 3.12 -0.85 -13.73
CA PRO C 17 3.92 -1.23 -12.54
C PRO C 17 3.16 -2.09 -11.57
N ARG C 18 1.86 -1.83 -11.41
CA ARG C 18 1.00 -2.67 -10.57
C ARG C 18 0.93 -4.10 -11.08
N THR C 19 0.72 -4.27 -12.40
CA THR C 19 0.67 -5.61 -12.98
C THR C 19 1.97 -6.36 -12.78
N LEU C 20 3.10 -5.71 -13.08
CA LEU C 20 4.40 -6.36 -12.95
C LEU C 20 4.63 -6.85 -11.52
N ASN C 21 4.39 -5.98 -10.54
CA ASN C 21 4.60 -6.36 -9.16
C ASN C 21 3.64 -7.48 -8.74
N ALA C 22 2.39 -7.40 -9.19
CA ALA C 22 1.42 -8.43 -8.83
C ALA C 22 1.87 -9.83 -9.27
N TRP C 23 2.37 -9.96 -10.51
CA TRP C 23 2.80 -11.27 -10.99
C TRP C 23 4.01 -11.77 -10.20
N VAL C 24 5.02 -10.91 -10.02
CA VAL C 24 6.20 -11.28 -9.24
C VAL C 24 5.79 -11.74 -7.85
N LYS C 25 4.88 -10.99 -7.21
CA LYS C 25 4.49 -11.32 -5.85
C LYS C 25 3.73 -12.64 -5.78
N VAL C 26 2.83 -12.89 -6.74
CA VAL C 26 2.02 -14.10 -6.71
C VAL C 26 2.89 -15.34 -6.81
N VAL C 27 3.94 -15.28 -7.63
CA VAL C 27 4.89 -16.38 -7.72
C VAL C 27 5.67 -16.53 -6.41
N GLU C 28 6.09 -15.41 -5.81
CA GLU C 28 6.82 -15.46 -4.54
C GLU C 28 5.98 -16.07 -3.41
N GLU C 29 4.70 -15.73 -3.34
CA GLU C 29 3.87 -16.13 -2.21
C GLU C 29 3.18 -17.49 -2.41
N LYS C 30 2.77 -17.81 -3.63
CA LYS C 30 1.99 -19.00 -3.94
C LYS C 30 2.80 -20.03 -4.69
N ALA C 31 4.02 -19.67 -5.10
CA ALA C 31 4.90 -20.51 -5.90
C ALA C 31 4.16 -21.01 -7.14
N PHE C 32 4.07 -22.32 -7.36
CA PHE C 32 3.35 -22.84 -8.51
C PHE C 32 2.13 -23.66 -8.08
N SER C 33 1.42 -23.16 -7.08
CA SER C 33 0.09 -23.66 -6.78
C SER C 33 -0.84 -23.38 -7.96
N PRO C 34 -1.81 -24.26 -8.20
CA PRO C 34 -2.63 -24.18 -9.41
C PRO C 34 -3.27 -22.83 -9.60
N GLU C 35 -3.62 -22.13 -8.51
CA GLU C 35 -4.30 -20.85 -8.60
C GLU C 35 -3.43 -19.77 -9.26
N VAL C 36 -2.13 -20.01 -9.38
CA VAL C 36 -1.26 -19.05 -10.07
C VAL C 36 -1.70 -18.89 -11.52
N ILE C 37 -2.03 -20.02 -12.16
CA ILE C 37 -2.35 -20.01 -13.59
C ILE C 37 -3.55 -19.11 -13.92
N PRO C 38 -4.69 -19.19 -13.22
CA PRO C 38 -5.75 -18.22 -13.51
C PRO C 38 -5.33 -16.78 -13.32
N MET C 39 -4.46 -16.52 -12.33
CA MET C 39 -3.95 -15.16 -12.14
C MET C 39 -3.08 -14.71 -13.29
N PHE C 40 -2.16 -15.59 -13.75
CA PHE C 40 -1.37 -15.25 -14.91
C PHE C 40 -2.25 -14.91 -16.09
N SER C 41 -3.26 -15.75 -16.36
CA SER C 41 -4.15 -15.51 -17.49
C SER C 41 -4.88 -14.19 -17.32
N ALA C 42 -5.33 -13.88 -16.11
CA ALA C 42 -6.06 -12.64 -15.85
C ALA C 42 -5.16 -11.41 -15.90
N LEU C 43 -3.98 -11.47 -15.29
CA LEU C 43 -3.00 -10.38 -15.30
C LEU C 43 -2.44 -10.07 -16.68
N SER C 44 -2.47 -11.03 -17.60
CA SER C 44 -1.92 -10.86 -18.94
C SER C 44 -2.98 -10.52 -19.98
N CYS C 45 -4.09 -9.95 -19.54
CA CYS C 45 -5.15 -9.52 -20.44
C CYS C 45 -4.63 -8.52 -21.45
N GLY C 46 -4.88 -8.79 -22.74
CA GLY C 46 -4.45 -7.88 -23.77
C GLY C 46 -2.97 -7.88 -24.07
N ALA C 47 -2.20 -8.80 -23.49
CA ALA C 47 -0.75 -8.77 -23.58
C ALA C 47 -0.27 -9.01 -25.00
N THR C 48 0.78 -8.28 -25.37
CA THR C 48 1.54 -8.62 -26.55
C THR C 48 2.44 -9.82 -26.21
N PRO C 49 3.01 -10.49 -27.22
CA PRO C 49 4.03 -11.51 -26.92
C PRO C 49 5.18 -10.99 -26.08
N GLN C 50 5.62 -9.76 -26.35
CA GLN C 50 6.63 -9.10 -25.55
C GLN C 50 6.25 -9.04 -24.08
N ASP C 51 5.02 -8.61 -23.80
CA ASP C 51 4.55 -8.49 -22.43
C ASP C 51 4.54 -9.83 -21.71
N LEU C 52 4.08 -10.87 -22.40
CA LEU C 52 4.04 -12.20 -21.80
C LEU C 52 5.45 -12.68 -21.46
N ASN C 53 6.39 -12.45 -22.38
CA ASN C 53 7.77 -12.82 -22.10
C ASN C 53 8.34 -12.01 -20.93
N THR C 54 8.03 -10.71 -20.88
CA THR C 54 8.43 -9.88 -19.75
C THR C 54 7.97 -10.44 -18.41
N MET C 55 6.69 -10.79 -18.31
CA MET C 55 6.17 -11.34 -17.06
C MET C 55 6.94 -12.61 -16.68
N LEU C 56 7.15 -13.50 -17.65
CA LEU C 56 7.89 -14.72 -17.37
C LEU C 56 9.35 -14.40 -17.05
N ASN C 57 9.95 -13.45 -17.77
CA ASN C 57 11.36 -13.12 -17.52
C ASN C 57 11.58 -12.41 -16.18
N THR C 58 10.57 -11.70 -15.65
CA THR C 58 10.76 -11.00 -14.38
C THR C 58 10.70 -11.94 -13.17
N VAL C 59 10.30 -13.19 -13.37
CA VAL C 59 10.31 -14.15 -12.28
C VAL C 59 11.75 -14.52 -11.99
N GLY C 60 12.17 -14.36 -10.75
CA GLY C 60 13.56 -14.59 -10.41
C GLY C 60 13.95 -15.99 -10.06
N GLY C 61 13.15 -16.70 -9.27
CA GLY C 61 13.48 -18.04 -8.87
C GLY C 61 12.91 -19.05 -9.85
N HIS C 62 12.85 -20.30 -9.41
CA HIS C 62 12.14 -21.36 -10.12
C HIS C 62 12.63 -21.49 -11.58
N GLN C 63 13.93 -21.32 -11.79
CA GLN C 63 14.48 -21.31 -13.15
C GLN C 63 14.47 -22.69 -13.78
N ALA C 64 14.40 -23.75 -12.99
CA ALA C 64 14.18 -25.07 -13.58
C ALA C 64 12.84 -25.10 -14.31
N ALA C 65 11.79 -24.62 -13.66
CA ALA C 65 10.48 -24.57 -14.31
C ALA C 65 10.50 -23.67 -15.56
N MET C 66 11.19 -22.53 -15.50
CA MET C 66 11.17 -21.61 -16.62
C MET C 66 11.84 -22.20 -17.86
N GLN C 67 12.91 -22.98 -17.66
CA GLN C 67 13.52 -23.71 -18.77
C GLN C 67 12.57 -24.74 -19.35
N MET C 68 11.82 -25.43 -18.47
CA MET C 68 10.78 -26.35 -18.92
C MET C 68 9.73 -25.62 -19.75
N LEU C 69 9.33 -24.43 -19.30
CA LEU C 69 8.38 -23.63 -20.06
C LEU C 69 8.92 -23.30 -21.45
N LYS C 70 10.21 -22.95 -21.55
CA LYS C 70 10.81 -22.68 -22.85
C LYS C 70 10.75 -23.88 -23.77
N GLU C 71 11.04 -25.08 -23.24
CA GLU C 71 10.94 -26.30 -24.03
C GLU C 71 9.53 -26.51 -24.54
N THR C 72 8.53 -26.33 -23.68
CA THR C 72 7.15 -26.53 -24.10
C THR C 72 6.74 -25.50 -25.16
N ILE C 73 7.13 -24.24 -24.97
CA ILE C 73 6.87 -23.21 -25.96
C ILE C 73 7.49 -23.58 -27.30
N ASN C 74 8.74 -24.04 -27.28
CA ASN C 74 9.43 -24.42 -28.51
C ASN C 74 8.76 -25.61 -29.19
N GLU C 75 8.31 -26.60 -28.42
CA GLU C 75 7.57 -27.73 -28.99
C GLU C 75 6.29 -27.27 -29.68
N GLU C 76 5.54 -26.39 -29.02
CA GLU C 76 4.28 -25.89 -29.56
C GLU C 76 4.54 -24.99 -30.77
N ALA C 77 5.63 -24.24 -30.74
CA ALA C 77 6.03 -23.41 -31.87
C ALA C 77 6.31 -24.26 -33.10
N ALA C 78 6.99 -25.39 -32.91
CA ALA C 78 7.30 -26.28 -34.03
C ALA C 78 6.02 -26.83 -34.66
N GLU C 79 5.03 -27.21 -33.83
CA GLU C 79 3.77 -27.70 -34.38
C GLU C 79 3.05 -26.60 -35.16
N TRP C 80 3.11 -25.35 -34.68
CA TRP C 80 2.58 -24.22 -35.45
C TRP C 80 3.24 -24.11 -36.83
N ASP C 81 4.57 -24.13 -36.88
CA ASP C 81 5.24 -23.98 -38.15
C ASP C 81 4.88 -25.12 -39.08
N ARG C 82 4.78 -26.33 -38.52
CA ARG C 82 4.38 -27.52 -39.26
C ARG C 82 2.94 -27.45 -39.78
N LEU C 83 2.02 -26.87 -38.99
CA LEU C 83 0.62 -26.80 -39.41
C LEU C 83 0.36 -25.62 -40.32
N HIS C 84 1.25 -24.63 -40.33
CA HIS C 84 1.08 -23.46 -41.18
C HIS C 84 2.50 -23.28 -41.70
N PRO C 85 2.92 -24.18 -42.59
CA PRO C 85 4.24 -24.08 -43.23
C PRO C 85 4.34 -22.98 -44.25
N VAL C 86 3.20 -22.58 -44.83
CA VAL C 86 3.09 -21.57 -45.88
C VAL C 86 4.16 -20.51 -45.74
N HIS C 87 4.87 -20.28 -46.84
CA HIS C 87 5.95 -19.31 -46.93
C HIS C 87 5.66 -18.48 -48.16
N ALA C 88 5.48 -17.18 -47.98
CA ALA C 88 5.04 -16.28 -49.03
C ALA C 88 3.72 -16.77 -49.62
N ALA C 92 3.89 -9.57 -51.98
CA ALA C 92 3.66 -8.52 -50.98
C ALA C 92 2.23 -7.98 -51.05
N PRO C 93 1.35 -8.48 -50.18
CA PRO C 93 -0.01 -7.94 -50.07
C PRO C 93 -0.09 -6.56 -49.45
N GLY C 94 1.03 -5.89 -49.21
CA GLY C 94 1.03 -4.55 -48.66
C GLY C 94 0.69 -4.56 -47.19
N GLN C 95 0.71 -5.73 -46.58
CA GLN C 95 0.37 -5.96 -45.18
C GLN C 95 0.97 -7.33 -44.91
N MET C 96 1.81 -7.48 -43.88
CA MET C 96 2.34 -8.82 -43.66
C MET C 96 1.29 -9.69 -42.97
N ARG C 97 0.89 -10.75 -43.67
CA ARG C 97 -0.03 -11.77 -43.22
C ARG C 97 0.59 -12.97 -42.51
N GLU C 98 1.82 -13.33 -42.84
CA GLU C 98 2.41 -14.52 -42.24
C GLU C 98 3.12 -14.33 -40.92
N PRO C 99 2.83 -15.19 -39.93
CA PRO C 99 3.48 -15.08 -38.64
C PRO C 99 4.20 -16.41 -38.43
N ARG C 100 5.46 -16.43 -38.03
CA ARG C 100 6.00 -17.74 -37.68
C ARG C 100 5.86 -18.06 -36.19
N GLY C 101 6.19 -19.31 -35.86
CA GLY C 101 6.18 -19.73 -34.46
C GLY C 101 7.02 -18.81 -33.60
N SER C 102 8.25 -18.53 -34.08
CA SER C 102 9.16 -17.64 -33.37
C SER C 102 8.66 -16.19 -33.34
N ASP C 103 7.84 -15.80 -34.32
CA ASP C 103 7.24 -14.47 -34.26
C ASP C 103 6.15 -14.44 -33.21
N ILE C 104 5.38 -15.52 -33.11
CA ILE C 104 4.34 -15.62 -32.09
C ILE C 104 4.96 -15.62 -30.70
N ALA C 105 6.10 -16.30 -30.55
CA ALA C 105 6.82 -16.34 -29.28
C ALA C 105 7.62 -15.07 -28.98
N GLY C 106 7.59 -14.07 -29.87
CA GLY C 106 8.26 -12.81 -29.64
C GLY C 106 9.77 -12.83 -29.82
N THR C 107 10.31 -13.87 -30.45
CA THR C 107 11.76 -14.00 -30.61
C THR C 107 12.27 -13.30 -31.86
N THR C 108 11.49 -13.36 -32.93
CA THR C 108 11.84 -12.79 -34.23
C THR C 108 10.88 -11.71 -34.69
N SER C 109 9.98 -11.25 -33.83
CA SER C 109 9.03 -10.22 -34.20
C SER C 109 9.31 -8.94 -33.42
N THR C 110 8.96 -7.80 -34.04
CA THR C 110 9.09 -6.53 -33.37
C THR C 110 7.76 -6.22 -32.68
N LEU C 111 7.83 -5.30 -31.71
CA LEU C 111 6.59 -4.89 -31.06
C LEU C 111 5.59 -4.38 -32.10
N GLN C 112 6.07 -3.60 -33.08
CA GLN C 112 5.19 -3.05 -34.10
C GLN C 112 4.54 -4.15 -34.92
N GLU C 113 5.32 -5.19 -35.26
CA GLU C 113 4.77 -6.34 -35.95
C GLU C 113 3.73 -7.04 -35.09
N GLN C 114 4.00 -7.20 -33.80
CA GLN C 114 3.04 -7.82 -32.89
C GLN C 114 1.74 -7.02 -32.83
N ILE C 115 1.85 -5.70 -32.73
CA ILE C 115 0.70 -4.81 -32.73
C ILE C 115 -0.08 -4.91 -34.05
N GLY C 116 0.62 -4.97 -35.17
CA GLY C 116 -0.05 -5.11 -36.45
C GLY C 116 -0.97 -6.33 -36.56
N TRP C 117 -0.49 -7.50 -36.14
CA TRP C 117 -1.32 -8.71 -36.22
C TRP C 117 -2.51 -8.62 -35.26
N MET C 118 -2.25 -8.24 -34.01
CA MET C 118 -3.30 -8.17 -33.01
C MET C 118 -4.33 -7.09 -33.35
N THR C 119 -3.93 -6.03 -34.05
CA THR C 119 -4.89 -4.98 -34.37
C THR C 119 -5.39 -5.08 -35.79
N HIS C 120 -5.10 -6.16 -36.50
CA HIS C 120 -5.60 -6.28 -37.85
C HIS C 120 -7.09 -6.59 -37.79
N ASN C 121 -7.78 -6.35 -38.90
CA ASN C 121 -9.17 -6.77 -39.05
C ASN C 121 -9.24 -7.63 -40.31
N PRO C 122 -9.35 -8.96 -40.21
CA PRO C 122 -9.44 -9.74 -38.96
C PRO C 122 -8.12 -9.91 -38.19
N PRO C 123 -8.25 -10.02 -36.87
CA PRO C 123 -7.07 -10.13 -35.99
C PRO C 123 -6.39 -11.49 -36.00
N ILE C 124 -5.06 -11.48 -35.96
CA ILE C 124 -4.29 -12.70 -35.74
C ILE C 124 -3.83 -12.62 -34.29
N PRO C 125 -4.47 -13.34 -33.36
CA PRO C 125 -4.25 -13.06 -31.92
C PRO C 125 -2.99 -13.76 -31.39
N VAL C 126 -1.84 -13.24 -31.81
CA VAL C 126 -0.58 -13.88 -31.47
C VAL C 126 -0.37 -13.90 -29.97
N GLY C 127 -0.88 -12.88 -29.28
CA GLY C 127 -0.82 -12.88 -27.83
C GLY C 127 -1.61 -14.01 -27.22
N GLU C 128 -2.85 -14.21 -27.70
CA GLU C 128 -3.68 -15.29 -27.16
C GLU C 128 -3.11 -16.65 -27.51
N ILE C 129 -2.55 -16.80 -28.71
CA ILE C 129 -1.96 -18.07 -29.09
C ILE C 129 -0.76 -18.37 -28.22
N TYR C 130 0.13 -17.38 -28.05
CA TYR C 130 1.30 -17.57 -27.22
C TYR C 130 0.91 -17.86 -25.78
N LYS C 131 -0.10 -17.15 -25.27
CA LYS C 131 -0.55 -17.39 -23.90
C LYS C 131 -1.05 -18.82 -23.72
N ARG C 132 -1.76 -19.35 -24.73
CA ARG C 132 -2.19 -20.74 -24.71
C ARG C 132 -1.01 -21.68 -24.55
N TRP C 133 0.07 -21.47 -25.32
CA TRP C 133 1.23 -22.35 -25.19
C TRP C 133 1.85 -22.22 -23.80
N ILE C 134 1.95 -20.99 -23.30
CA ILE C 134 2.53 -20.75 -21.98
C ILE C 134 1.71 -21.41 -20.88
N ILE C 135 0.39 -21.30 -20.97
CA ILE C 135 -0.47 -21.90 -19.97
C ILE C 135 -0.34 -23.42 -19.99
N LEU C 136 -0.23 -24.00 -21.18
CA LEU C 136 0.05 -25.43 -21.29
C LEU C 136 1.31 -25.79 -20.55
N GLY C 137 2.36 -24.98 -20.70
CA GLY C 137 3.60 -25.22 -19.98
C GLY C 137 3.45 -25.06 -18.49
N LEU C 138 2.76 -24.01 -18.06
CA LEU C 138 2.58 -23.79 -16.62
C LEU C 138 1.78 -24.93 -16.00
N ASN C 139 0.76 -25.42 -16.70
CA ASN C 139 0.00 -26.56 -16.20
C ASN C 139 0.92 -27.75 -15.91
N LYS C 140 1.86 -28.04 -16.81
CA LYS C 140 2.81 -29.15 -16.61
C LYS C 140 3.67 -28.91 -15.38
N ILE C 141 4.09 -27.67 -15.16
CA ILE C 141 4.90 -27.34 -14.00
C ILE C 141 4.12 -27.60 -12.71
N VAL C 142 2.86 -27.16 -12.69
CA VAL C 142 2.00 -27.38 -11.53
C VAL C 142 1.91 -28.87 -11.17
N ARG C 143 1.78 -29.77 -12.16
CA ARG C 143 1.70 -31.20 -11.87
C ARG C 143 3.01 -31.69 -11.27
N MET C 144 4.11 -31.26 -11.83
CA MET C 144 5.39 -31.69 -11.30
C MET C 144 5.48 -31.21 -9.86
N TYR C 145 4.95 -30.02 -9.57
CA TYR C 145 5.17 -29.60 -8.19
C TYR C 145 4.08 -30.05 -7.23
N SER C 146 3.09 -30.82 -7.68
CA SER C 146 2.15 -31.40 -6.75
C SER C 146 2.91 -32.35 -5.82
N PRO C 147 2.90 -32.12 -4.50
CA PRO C 147 3.72 -32.93 -3.60
C PRO C 147 3.17 -34.32 -3.31
N THR C 148 1.87 -34.53 -3.53
CA THR C 148 1.18 -35.74 -3.12
C THR C 148 0.24 -36.29 -4.20
N SER C 149 0.20 -37.61 -4.29
CA SER C 149 -0.75 -38.33 -5.12
C SER C 149 -2.12 -38.35 -4.45
N ILE C 150 -3.16 -38.31 -5.29
CA ILE C 150 -4.55 -38.36 -4.83
C ILE C 150 -4.85 -39.62 -4.02
N LEU C 151 -4.15 -40.72 -4.31
CA LEU C 151 -4.29 -41.98 -3.57
C LEU C 151 -3.84 -41.89 -2.11
N ASP C 152 -3.01 -40.92 -1.75
CA ASP C 152 -2.50 -40.82 -0.39
C ASP C 152 -3.31 -39.88 0.51
N ILE C 153 -4.40 -39.32 0.02
CA ILE C 153 -5.28 -38.51 0.85
C ILE C 153 -6.29 -39.44 1.50
N ARG C 154 -6.21 -39.58 2.82
CA ARG C 154 -7.14 -40.40 3.58
C ARG C 154 -7.52 -39.63 4.83
N GLN C 155 -8.81 -39.63 5.14
CA GLN C 155 -9.31 -38.87 6.27
C GLN C 155 -8.82 -39.47 7.57
N GLY C 156 -8.30 -38.63 8.45
CA GLY C 156 -7.87 -39.05 9.77
C GLY C 156 -9.06 -39.40 10.64
N PRO C 157 -8.83 -40.19 11.69
CA PRO C 157 -9.92 -40.54 12.61
C PRO C 157 -10.62 -39.32 13.20
N LYS C 158 -9.88 -38.25 13.46
CA LYS C 158 -10.46 -37.04 14.05
C LYS C 158 -10.50 -35.89 13.05
N GLU C 159 -10.21 -36.13 11.78
CA GLU C 159 -10.19 -35.04 10.83
C GLU C 159 -11.63 -34.74 10.42
N PRO C 160 -12.09 -33.50 10.57
CA PRO C 160 -13.41 -33.13 10.05
C PRO C 160 -13.54 -33.43 8.58
N PHE C 161 -14.72 -33.95 8.20
CA PHE C 161 -14.93 -34.30 6.80
C PHE C 161 -14.63 -33.12 5.88
N ARG C 162 -15.03 -31.91 6.28
CA ARG C 162 -14.75 -30.73 5.47
C ARG C 162 -13.26 -30.54 5.22
N ASP C 163 -12.42 -30.76 6.24
CA ASP C 163 -10.99 -30.57 6.06
C ASP C 163 -10.39 -31.64 5.16
N TYR C 164 -10.86 -32.89 5.27
CA TYR C 164 -10.43 -33.95 4.36
C TYR C 164 -10.84 -33.66 2.92
N VAL C 165 -12.09 -33.22 2.72
CA VAL C 165 -12.56 -32.92 1.37
C VAL C 165 -11.75 -31.78 0.75
N ASP C 166 -11.42 -30.76 1.55
CA ASP C 166 -10.51 -29.72 1.07
C ASP C 166 -9.19 -30.31 0.59
N ARG C 167 -8.60 -31.22 1.38
CA ARG C 167 -7.33 -31.80 0.96
C ARG C 167 -7.52 -32.64 -0.29
N PHE C 168 -8.62 -33.39 -0.36
CA PHE C 168 -8.85 -34.27 -1.50
C PHE C 168 -8.93 -33.48 -2.80
N TYR C 169 -9.81 -32.47 -2.86
CA TYR C 169 -9.96 -31.74 -4.11
C TYR C 169 -8.82 -30.75 -4.38
N LYS C 170 -8.11 -30.29 -3.33
CA LYS C 170 -6.91 -29.51 -3.57
C LYS C 170 -5.83 -30.32 -4.29
N THR C 171 -5.55 -31.53 -3.80
CA THR C 171 -4.58 -32.40 -4.46
C THR C 171 -5.01 -32.77 -5.86
N LEU C 172 -6.28 -33.12 -6.05
CA LEU C 172 -6.79 -33.50 -7.37
C LEU C 172 -6.58 -32.38 -8.38
N ARG C 173 -6.79 -31.13 -7.97
CA ARG C 173 -6.59 -30.02 -8.89
C ARG C 173 -5.15 -29.96 -9.37
N ALA C 174 -4.19 -30.12 -8.46
CA ALA C 174 -2.78 -30.03 -8.86
C ALA C 174 -2.35 -31.20 -9.73
N GLU C 175 -2.83 -32.41 -9.43
CA GLU C 175 -2.38 -33.58 -10.20
C GLU C 175 -2.94 -33.62 -11.62
N GLN C 176 -4.06 -32.98 -11.88
CA GLN C 176 -4.55 -32.87 -13.25
C GLN C 176 -4.52 -31.44 -13.76
N ALA C 177 -4.08 -30.46 -12.96
CA ALA C 177 -3.85 -29.08 -13.39
C ALA C 177 -5.16 -28.38 -13.73
N SER C 178 -6.27 -28.95 -13.26
CA SER C 178 -7.61 -28.50 -13.54
C SER C 178 -8.53 -29.06 -12.46
N GLN C 179 -9.75 -28.54 -12.42
CA GLN C 179 -10.74 -28.93 -11.42
C GLN C 179 -11.89 -29.75 -12.00
N GLU C 180 -11.96 -29.89 -13.32
CA GLU C 180 -13.00 -30.69 -13.98
C GLU C 180 -12.61 -32.17 -13.98
N VAL C 181 -12.46 -32.72 -12.79
CA VAL C 181 -11.89 -34.06 -12.64
C VAL C 181 -12.80 -34.98 -11.84
N LYS C 182 -14.07 -34.63 -11.66
CA LYS C 182 -14.97 -35.49 -10.90
C LYS C 182 -15.49 -36.61 -11.81
N ASN C 183 -14.57 -37.47 -12.22
CA ASN C 183 -15.01 -38.73 -12.81
C ASN C 183 -15.60 -39.62 -11.72
N ALA C 184 -16.23 -40.72 -12.13
CA ALA C 184 -16.83 -41.60 -11.13
C ALA C 184 -15.76 -42.21 -10.23
N ALA C 185 -14.54 -42.39 -10.74
CA ALA C 185 -13.47 -42.96 -9.93
C ALA C 185 -13.09 -42.02 -8.79
N THR C 186 -12.95 -40.72 -9.09
CA THR C 186 -12.70 -39.74 -8.03
C THR C 186 -13.78 -39.83 -6.95
N GLU C 187 -15.05 -39.77 -7.36
CA GLU C 187 -16.15 -39.97 -6.42
C GLU C 187 -15.92 -41.24 -5.62
N THR C 188 -15.55 -42.33 -6.31
CA THR C 188 -15.43 -43.62 -5.64
C THR C 188 -14.30 -43.54 -4.62
N LEU C 189 -13.24 -42.80 -4.94
CA LEU C 189 -12.04 -42.79 -4.11
C LEU C 189 -12.31 -41.99 -2.83
N LEU C 190 -13.13 -40.94 -2.94
CA LEU C 190 -13.45 -40.09 -1.80
C LEU C 190 -14.12 -40.89 -0.69
N VAL C 191 -15.02 -41.80 -1.05
CA VAL C 191 -15.67 -42.66 -0.06
C VAL C 191 -14.71 -43.73 0.43
N GLN C 192 -13.98 -44.36 -0.49
CA GLN C 192 -13.08 -45.44 -0.13
C GLN C 192 -11.99 -44.98 0.83
N ASN C 193 -11.51 -43.76 0.68
CA ASN C 193 -10.46 -43.21 1.54
C ASN C 193 -10.98 -42.45 2.77
N ALA C 194 -12.30 -42.31 2.95
CA ALA C 194 -12.87 -41.68 4.15
C ALA C 194 -12.71 -42.57 5.38
N ASN C 195 -12.88 -41.98 6.57
CA ASN C 195 -12.75 -42.76 7.79
C ASN C 195 -13.99 -43.60 8.00
N PRO C 196 -13.89 -44.59 8.90
CA PRO C 196 -14.99 -45.56 9.06
C PRO C 196 -16.38 -45.00 9.36
N ASP C 197 -16.49 -44.04 10.29
CA ASP C 197 -17.80 -43.54 10.69
C ASP C 197 -18.48 -42.76 9.57
N CYS C 198 -17.76 -41.84 8.93
CA CYS C 198 -18.31 -41.08 7.82
C CYS C 198 -18.73 -42.01 6.67
N LYS C 199 -17.91 -43.00 6.39
CA LYS C 199 -18.11 -43.84 5.22
C LYS C 199 -19.46 -44.57 5.33
N THR C 200 -19.79 -45.11 6.50
CA THR C 200 -21.10 -45.75 6.70
C THR C 200 -22.21 -44.77 6.39
N ILE C 201 -22.06 -43.52 6.84
CA ILE C 201 -23.05 -42.50 6.55
C ILE C 201 -23.10 -42.23 5.07
N LEU C 202 -21.93 -42.11 4.44
CA LEU C 202 -21.89 -41.83 3.00
C LEU C 202 -22.45 -43.00 2.21
N LYS C 203 -22.13 -44.22 2.64
CA LYS C 203 -22.67 -45.40 1.98
C LYS C 203 -24.19 -45.41 2.05
N ALA C 204 -24.75 -45.03 3.20
CA ALA C 204 -26.20 -45.03 3.35
C ALA C 204 -26.88 -43.94 2.54
N LEU C 205 -26.16 -42.88 2.16
CA LEU C 205 -26.77 -41.82 1.38
C LEU C 205 -27.21 -42.29 -0.01
N GLY C 206 -26.52 -43.27 -0.57
CA GLY C 206 -26.90 -43.79 -1.87
C GLY C 206 -26.21 -43.08 -3.02
N PRO C 207 -26.51 -43.51 -4.24
CA PRO C 207 -25.91 -42.91 -5.43
C PRO C 207 -26.49 -41.55 -5.76
N GLY C 208 -25.68 -40.73 -6.44
CA GLY C 208 -26.13 -39.43 -6.89
C GLY C 208 -26.18 -38.37 -5.83
N ALA C 209 -25.56 -38.61 -4.68
CA ALA C 209 -25.51 -37.62 -3.62
C ALA C 209 -24.64 -36.44 -4.01
N THR C 210 -25.13 -35.23 -3.71
CA THR C 210 -24.33 -34.05 -4.00
C THR C 210 -23.24 -33.92 -2.94
N LEU C 211 -22.22 -33.13 -3.26
CA LEU C 211 -21.18 -32.87 -2.27
C LEU C 211 -21.78 -32.21 -1.05
N GLU C 212 -22.70 -31.27 -1.26
CA GLU C 212 -23.40 -30.61 -0.17
C GLU C 212 -24.09 -31.62 0.74
N GLU C 213 -24.79 -32.59 0.15
CA GLU C 213 -25.49 -33.62 0.94
C GLU C 213 -24.52 -34.49 1.72
N MET C 214 -23.41 -34.89 1.10
CA MET C 214 -22.41 -35.70 1.79
C MET C 214 -21.78 -34.94 2.96
N MET C 215 -21.41 -33.68 2.76
CA MET C 215 -20.77 -32.91 3.82
C MET C 215 -21.74 -32.61 4.97
N THR C 216 -23.00 -32.32 4.66
CA THR C 216 -24.02 -32.14 5.68
C THR C 216 -24.23 -33.43 6.46
N ALA C 217 -24.34 -34.55 5.75
CA ALA C 217 -24.56 -35.86 6.34
C ALA C 217 -23.45 -36.19 7.33
N CYS C 218 -22.21 -35.86 6.99
CA CYS C 218 -21.03 -36.14 7.78
C CYS C 218 -20.70 -35.02 8.74
N GLN C 219 -21.61 -34.04 8.86
CA GLN C 219 -21.44 -32.99 9.83
C GLN C 219 -21.74 -33.60 11.19
N GLY C 220 -20.92 -33.25 12.17
CA GLY C 220 -20.98 -33.94 13.43
C GLY C 220 -19.82 -34.91 13.45
N VAL C 221 -20.09 -36.19 13.14
CA VAL C 221 -19.08 -37.24 13.10
C VAL C 221 -18.06 -37.09 14.23
N GLY C 222 -18.57 -36.85 15.44
CA GLY C 222 -17.74 -36.62 16.58
C GLY C 222 -16.89 -35.38 16.41
N PRO C 223 -15.56 -35.56 16.31
CA PRO C 223 -14.56 -34.52 16.04
C PRO C 223 -15.00 -33.52 14.98
N PRO D 1 -14.34 -6.55 -17.37
CA PRO D 1 -15.71 -6.11 -17.15
C PRO D 1 -16.20 -5.33 -18.34
N ILE D 2 -17.47 -4.95 -18.32
CA ILE D 2 -18.00 -4.08 -19.37
C ILE D 2 -18.27 -2.73 -18.75
N VAL D 3 -17.70 -1.68 -19.32
CA VAL D 3 -17.88 -0.34 -18.78
C VAL D 3 -18.33 0.52 -19.95
N GLN D 4 -18.86 1.68 -19.61
CA GLN D 4 -19.23 2.67 -20.60
C GLN D 4 -18.03 3.56 -20.89
N ASN D 5 -17.76 3.81 -22.16
CA ASN D 5 -16.68 4.70 -22.54
C ASN D 5 -17.26 6.08 -22.80
N LEU D 6 -16.36 7.08 -22.86
CA LEU D 6 -16.82 8.46 -22.98
C LEU D 6 -17.73 8.67 -24.18
N GLN D 7 -17.49 7.92 -25.24
CA GLN D 7 -18.35 7.92 -26.42
C GLN D 7 -19.75 7.39 -26.14
N GLY D 8 -19.99 6.78 -24.98
CA GLY D 8 -21.29 6.24 -24.64
C GLY D 8 -21.49 4.79 -25.01
N GLN D 9 -20.49 4.15 -25.59
CA GLN D 9 -20.58 2.75 -25.99
C GLN D 9 -20.08 1.84 -24.87
N MET D 10 -20.71 0.67 -24.75
CA MET D 10 -20.33 -0.29 -23.74
C MET D 10 -19.16 -1.12 -24.27
N VAL D 11 -18.03 -1.06 -23.58
CA VAL D 11 -16.84 -1.72 -24.06
C VAL D 11 -16.28 -2.61 -22.96
N HIS D 12 -15.55 -3.62 -23.39
CA HIS D 12 -14.87 -4.51 -22.46
C HIS D 12 -13.63 -3.83 -21.92
N GLN D 13 -13.34 -4.10 -20.66
CA GLN D 13 -12.14 -3.62 -19.99
C GLN D 13 -11.58 -4.77 -19.18
N CYS D 14 -10.27 -4.90 -19.16
CA CYS D 14 -9.65 -5.97 -18.40
C CYS D 14 -10.00 -5.81 -16.92
N ILE D 15 -10.18 -6.96 -16.26
CA ILE D 15 -10.34 -6.98 -14.82
C ILE D 15 -9.10 -6.36 -14.19
N SER D 16 -9.32 -5.53 -13.15
CA SER D 16 -8.17 -4.77 -12.66
C SER D 16 -7.34 -5.59 -11.66
N PRO D 17 -6.03 -5.35 -11.62
CA PRO D 17 -5.20 -6.00 -10.60
C PRO D 17 -5.62 -5.72 -9.17
N ARG D 18 -6.09 -4.50 -8.90
CA ARG D 18 -6.62 -4.15 -7.57
C ARG D 18 -7.82 -5.03 -7.23
N THR D 19 -8.73 -5.19 -8.18
CA THR D 19 -9.90 -6.04 -7.97
C THR D 19 -9.50 -7.47 -7.69
N LEU D 20 -8.61 -8.04 -8.52
CA LEU D 20 -8.20 -9.43 -8.33
C LEU D 20 -7.61 -9.66 -6.95
N ASN D 21 -6.69 -8.80 -6.53
CA ASN D 21 -6.09 -8.94 -5.21
C ASN D 21 -7.15 -8.77 -4.14
N ALA D 22 -8.06 -7.80 -4.32
CA ALA D 22 -9.11 -7.57 -3.32
C ALA D 22 -9.96 -8.82 -3.08
N TRP D 23 -10.38 -9.51 -4.14
CA TRP D 23 -11.20 -10.71 -3.97
C TRP D 23 -10.41 -11.82 -3.29
N VAL D 24 -9.19 -12.09 -3.76
CA VAL D 24 -8.35 -13.13 -3.14
C VAL D 24 -8.16 -12.84 -1.65
N LYS D 25 -7.88 -11.59 -1.31
CA LYS D 25 -7.62 -11.25 0.09
C LYS D 25 -8.88 -11.40 0.94
N VAL D 26 -10.03 -11.00 0.41
CA VAL D 26 -11.26 -11.10 1.19
C VAL D 26 -11.56 -12.55 1.54
N VAL D 27 -11.30 -13.47 0.61
CA VAL D 27 -11.48 -14.89 0.90
C VAL D 27 -10.45 -15.37 1.92
N GLU D 28 -9.18 -14.95 1.79
CA GLU D 28 -8.15 -15.38 2.75
C GLU D 28 -8.43 -14.94 4.18
N GLU D 29 -8.91 -13.71 4.36
CA GLU D 29 -9.10 -13.09 5.68
C GLU D 29 -10.45 -13.34 6.33
N LYS D 30 -11.52 -13.40 5.55
CA LYS D 30 -12.88 -13.49 6.05
C LYS D 30 -13.47 -14.86 5.83
N ALA D 31 -12.77 -15.71 5.06
CA ALA D 31 -13.23 -17.03 4.67
C ALA D 31 -14.62 -16.91 4.04
N PHE D 32 -15.61 -17.62 4.57
CA PHE D 32 -16.98 -17.53 4.06
C PHE D 32 -17.92 -16.96 5.12
N SER D 33 -17.47 -15.94 5.83
CA SER D 33 -18.39 -15.14 6.62
C SER D 33 -19.38 -14.44 5.68
N PRO D 34 -20.62 -14.23 6.12
CA PRO D 34 -21.65 -13.72 5.21
C PRO D 34 -21.27 -12.42 4.52
N GLU D 35 -20.50 -11.55 5.17
CA GLU D 35 -20.18 -10.26 4.56
C GLU D 35 -19.31 -10.43 3.30
N VAL D 36 -18.76 -11.62 3.07
CA VAL D 36 -17.99 -11.86 1.85
C VAL D 36 -18.88 -11.71 0.62
N ILE D 37 -20.10 -12.28 0.68
CA ILE D 37 -20.98 -12.32 -0.49
C ILE D 37 -21.33 -10.94 -1.05
N PRO D 38 -21.73 -9.95 -0.25
CA PRO D 38 -21.96 -8.61 -0.83
C PRO D 38 -20.72 -8.01 -1.48
N MET D 39 -19.52 -8.30 -0.96
CA MET D 39 -18.30 -7.81 -1.59
C MET D 39 -18.09 -8.45 -2.95
N PHE D 40 -18.30 -9.77 -3.05
CA PHE D 40 -18.22 -10.41 -4.35
C PHE D 40 -19.15 -9.72 -5.32
N SER D 41 -20.39 -9.46 -4.89
CA SER D 41 -21.33 -8.81 -5.79
C SER D 41 -20.81 -7.43 -6.20
N ALA D 42 -20.23 -6.68 -5.24
CA ALA D 42 -19.72 -5.35 -5.58
C ALA D 42 -18.46 -5.41 -6.43
N LEU D 43 -17.51 -6.28 -6.07
CA LEU D 43 -16.28 -6.46 -6.86
C LEU D 43 -16.51 -7.04 -8.24
N SER D 44 -17.61 -7.76 -8.49
CA SER D 44 -17.88 -8.36 -9.79
C SER D 44 -18.85 -7.53 -10.63
N CYS D 45 -18.95 -6.23 -10.34
CA CYS D 45 -19.80 -5.32 -11.10
C CYS D 45 -19.39 -5.28 -12.56
N GLY D 46 -20.37 -5.48 -13.45
CA GLY D 46 -20.06 -5.44 -14.86
C GLY D 46 -19.31 -6.61 -15.44
N ALA D 47 -19.11 -7.66 -14.65
CA ALA D 47 -18.28 -8.79 -15.06
C ALA D 47 -18.89 -9.58 -16.22
N THR D 48 -18.04 -10.03 -17.13
CA THR D 48 -18.44 -11.05 -18.07
C THR D 48 -18.41 -12.39 -17.33
N PRO D 49 -19.02 -13.42 -17.89
CA PRO D 49 -18.85 -14.75 -17.28
C PRO D 49 -17.41 -15.19 -17.10
N GLN D 50 -16.54 -14.88 -18.07
CA GLN D 50 -15.12 -15.15 -17.94
C GLN D 50 -14.53 -14.51 -16.69
N ASP D 51 -14.86 -13.24 -16.45
CA ASP D 51 -14.34 -12.54 -15.28
C ASP D 51 -14.80 -13.21 -14.00
N LEU D 52 -16.06 -13.61 -13.93
CA LEU D 52 -16.57 -14.26 -12.74
C LEU D 52 -15.84 -15.58 -12.49
N ASN D 53 -15.63 -16.36 -13.55
CA ASN D 53 -14.87 -17.60 -13.41
C ASN D 53 -13.44 -17.33 -12.97
N THR D 54 -12.83 -16.28 -13.54
CA THR D 54 -11.52 -15.85 -13.12
C THR D 54 -11.47 -15.60 -11.61
N MET D 55 -12.43 -14.82 -11.10
CA MET D 55 -12.48 -14.54 -9.67
C MET D 55 -12.60 -15.82 -8.85
N LEU D 56 -13.49 -16.71 -9.26
CA LEU D 56 -13.65 -17.96 -8.52
C LEU D 56 -12.40 -18.84 -8.65
N ASN D 57 -11.81 -18.90 -9.85
CA ASN D 57 -10.64 -19.75 -10.08
C ASN D 57 -9.39 -19.26 -9.36
N THR D 58 -9.28 -17.96 -9.09
CA THR D 58 -8.09 -17.46 -8.42
C THR D 58 -8.08 -17.76 -6.94
N VAL D 59 -9.18 -18.27 -6.39
CA VAL D 59 -9.18 -18.65 -4.98
C VAL D 59 -8.36 -19.92 -4.83
N GLY D 60 -7.37 -19.88 -3.96
CA GLY D 60 -6.47 -21.00 -3.79
C GLY D 60 -6.89 -22.06 -2.80
N GLY D 61 -7.40 -21.65 -1.64
CA GLY D 61 -7.81 -22.61 -0.63
C GLY D 61 -9.26 -22.95 -0.83
N HIS D 62 -9.87 -23.53 0.20
CA HIS D 62 -11.32 -23.73 0.23
C HIS D 62 -11.83 -24.47 -1.00
N GLN D 63 -11.06 -25.44 -1.48
CA GLN D 63 -11.42 -26.13 -2.72
C GLN D 63 -12.63 -27.03 -2.54
N ALA D 64 -12.94 -27.44 -1.30
CA ALA D 64 -14.20 -28.13 -1.06
C ALA D 64 -15.39 -27.27 -1.42
N ALA D 65 -15.41 -26.02 -0.95
CA ALA D 65 -16.51 -25.12 -1.30
C ALA D 65 -16.60 -24.88 -2.80
N MET D 66 -15.44 -24.70 -3.46
CA MET D 66 -15.46 -24.35 -4.88
C MET D 66 -16.03 -25.50 -5.72
N GLN D 67 -15.77 -26.74 -5.33
CA GLN D 67 -16.39 -27.87 -6.01
C GLN D 67 -17.90 -27.87 -5.79
N MET D 68 -18.34 -27.51 -4.58
CA MET D 68 -19.77 -27.33 -4.32
C MET D 68 -20.35 -26.24 -5.21
N LEU D 69 -19.60 -25.15 -5.38
CA LEU D 69 -20.08 -24.08 -6.26
C LEU D 69 -20.25 -24.61 -7.69
N LYS D 70 -19.32 -25.45 -8.17
CA LYS D 70 -19.47 -26.00 -9.51
C LYS D 70 -20.74 -26.82 -9.64
N GLU D 71 -21.04 -27.67 -8.64
CA GLU D 71 -22.28 -28.44 -8.66
C GLU D 71 -23.51 -27.55 -8.70
N THR D 72 -23.53 -26.51 -7.88
CA THR D 72 -24.69 -25.63 -7.87
C THR D 72 -24.84 -24.92 -9.21
N ILE D 73 -23.73 -24.45 -9.77
CA ILE D 73 -23.75 -23.83 -11.09
C ILE D 73 -24.29 -24.80 -12.13
N ASN D 74 -23.80 -26.05 -12.08
CA ASN D 74 -24.24 -27.07 -13.03
C ASN D 74 -25.73 -27.41 -12.89
N GLU D 75 -26.22 -27.46 -11.66
CA GLU D 75 -27.66 -27.67 -11.46
C GLU D 75 -28.45 -26.52 -12.08
N GLU D 76 -28.01 -25.28 -11.86
CA GLU D 76 -28.70 -24.13 -12.40
C GLU D 76 -28.61 -24.06 -13.93
N ALA D 77 -27.46 -24.45 -14.50
CA ALA D 77 -27.32 -24.48 -15.95
C ALA D 77 -28.28 -25.47 -16.60
N ALA D 78 -28.41 -26.65 -16.00
CA ALA D 78 -29.33 -27.67 -16.52
C ALA D 78 -30.77 -27.20 -16.46
N GLU D 79 -31.14 -26.55 -15.36
CA GLU D 79 -32.50 -26.04 -15.22
C GLU D 79 -32.76 -24.94 -16.26
N TRP D 80 -31.74 -24.12 -16.54
CA TRP D 80 -31.83 -23.14 -17.62
C TRP D 80 -32.14 -23.78 -18.98
N ASP D 81 -31.40 -24.83 -19.35
CA ASP D 81 -31.65 -25.43 -20.65
C ASP D 81 -33.05 -26.03 -20.73
N ARG D 82 -33.49 -26.67 -19.64
CA ARG D 82 -34.83 -27.24 -19.57
C ARG D 82 -35.94 -26.20 -19.62
N LEU D 83 -35.74 -25.06 -18.95
CA LEU D 83 -36.74 -23.99 -18.87
C LEU D 83 -36.67 -23.03 -20.04
N HIS D 84 -35.55 -23.01 -20.73
CA HIS D 84 -35.29 -22.10 -21.84
C HIS D 84 -34.61 -22.97 -22.89
N PRO D 85 -35.38 -23.82 -23.58
CA PRO D 85 -34.75 -24.64 -24.64
C PRO D 85 -34.32 -23.81 -25.81
N VAL D 86 -34.97 -22.68 -26.05
CA VAL D 86 -34.74 -21.74 -27.15
C VAL D 86 -33.89 -22.35 -28.25
N HIS D 87 -34.20 -23.60 -28.62
CA HIS D 87 -33.47 -24.32 -29.65
C HIS D 87 -33.83 -23.90 -31.06
N ALA D 88 -34.70 -22.91 -31.24
CA ALA D 88 -35.22 -22.54 -32.57
C ALA D 88 -34.55 -21.26 -33.04
N GLY D 89 -33.98 -21.30 -34.24
CA GLY D 89 -33.37 -20.13 -34.84
C GLY D 89 -32.64 -20.43 -36.14
N PRO D 90 -32.49 -19.42 -36.99
CA PRO D 90 -31.65 -19.57 -38.18
C PRO D 90 -30.32 -18.84 -38.04
N ILE D 91 -29.25 -19.44 -38.56
CA ILE D 91 -27.92 -18.87 -38.38
C ILE D 91 -27.76 -17.62 -39.25
N ALA D 92 -28.32 -17.64 -40.45
CA ALA D 92 -28.05 -16.54 -41.38
C ALA D 92 -28.60 -15.19 -40.92
N PRO D 93 -29.79 -15.07 -40.30
CA PRO D 93 -30.26 -13.73 -39.90
C PRO D 93 -29.28 -12.93 -39.05
N GLY D 94 -28.89 -11.77 -39.58
CA GLY D 94 -28.03 -10.79 -38.94
C GLY D 94 -27.88 -10.78 -37.42
N GLN D 95 -28.83 -11.36 -36.67
CA GLN D 95 -28.80 -11.32 -35.20
C GLN D 95 -28.40 -12.69 -34.67
N MET D 96 -27.13 -12.84 -34.31
CA MET D 96 -26.64 -14.09 -33.74
C MET D 96 -27.03 -14.23 -32.27
N ARG D 97 -27.74 -15.31 -31.95
CA ARG D 97 -28.10 -15.63 -30.57
C ARG D 97 -27.93 -17.13 -30.42
N GLU D 98 -27.94 -17.60 -29.17
CA GLU D 98 -27.79 -19.01 -28.82
C GLU D 98 -27.35 -19.16 -27.36
N PRO D 99 -27.99 -18.51 -26.38
CA PRO D 99 -27.46 -18.67 -25.02
C PRO D 99 -27.88 -20.04 -24.53
N ARG D 100 -26.92 -20.77 -23.95
CA ARG D 100 -27.27 -22.01 -23.28
C ARG D 100 -26.68 -21.95 -21.88
N GLY D 101 -27.06 -22.94 -21.06
CA GLY D 101 -26.50 -22.98 -19.71
C GLY D 101 -24.99 -22.93 -19.67
N SER D 102 -24.35 -23.80 -20.46
CA SER D 102 -22.89 -23.81 -20.51
C SER D 102 -22.31 -22.55 -21.14
N ASP D 103 -23.07 -21.89 -22.02
CA ASP D 103 -22.60 -20.63 -22.58
C ASP D 103 -22.67 -19.49 -21.59
N ILE D 104 -23.72 -19.45 -20.77
CA ILE D 104 -23.84 -18.42 -19.74
C ILE D 104 -22.72 -18.54 -18.72
N ALA D 105 -22.36 -19.77 -18.35
CA ALA D 105 -21.28 -20.05 -17.41
C ALA D 105 -19.88 -19.91 -18.01
N GLY D 106 -19.77 -19.56 -19.29
CA GLY D 106 -18.46 -19.35 -19.88
C GLY D 106 -17.68 -20.60 -20.20
N THR D 107 -18.33 -21.77 -20.22
CA THR D 107 -17.68 -23.05 -20.46
C THR D 107 -17.61 -23.33 -21.96
N THR D 108 -18.66 -22.97 -22.68
CA THR D 108 -18.81 -23.19 -24.11
C THR D 108 -18.93 -21.89 -24.91
N SER D 109 -18.71 -20.74 -24.29
CA SER D 109 -18.83 -19.47 -25.00
C SER D 109 -17.46 -18.79 -25.09
N THR D 110 -17.30 -17.98 -26.13
CA THR D 110 -16.07 -17.21 -26.24
C THR D 110 -16.34 -15.87 -25.56
N LEU D 111 -15.25 -15.18 -25.20
CA LEU D 111 -15.42 -13.85 -24.61
C LEU D 111 -16.23 -12.93 -25.52
N GLN D 112 -15.97 -12.98 -26.82
CA GLN D 112 -16.67 -12.11 -27.76
C GLN D 112 -18.17 -12.41 -27.80
N GLU D 113 -18.53 -13.70 -27.75
CA GLU D 113 -19.95 -14.07 -27.66
C GLU D 113 -20.58 -13.54 -26.37
N GLN D 114 -19.86 -13.65 -25.26
CA GLN D 114 -20.37 -13.13 -23.99
C GLN D 114 -20.63 -11.63 -24.08
N ILE D 115 -19.68 -10.88 -24.65
CA ILE D 115 -19.86 -9.44 -24.86
C ILE D 115 -21.05 -9.19 -25.79
N GLY D 116 -21.17 -9.98 -26.85
CA GLY D 116 -22.29 -9.83 -27.76
C GLY D 116 -23.64 -9.93 -27.09
N TRP D 117 -23.83 -10.95 -26.24
CA TRP D 117 -25.12 -11.09 -25.57
C TRP D 117 -25.35 -9.94 -24.61
N MET D 118 -24.32 -9.63 -23.80
CA MET D 118 -24.45 -8.57 -22.79
C MET D 118 -24.64 -7.20 -23.41
N THR D 119 -24.11 -6.95 -24.61
CA THR D 119 -24.25 -5.62 -25.19
C THR D 119 -25.32 -5.52 -26.26
N HIS D 120 -26.15 -6.56 -26.41
CA HIS D 120 -27.20 -6.53 -27.40
C HIS D 120 -28.33 -5.61 -26.94
N ASN D 121 -29.18 -5.21 -27.90
CA ASN D 121 -30.41 -4.49 -27.56
C ASN D 121 -31.59 -5.26 -28.15
N PRO D 122 -32.41 -5.97 -27.35
CA PRO D 122 -32.25 -6.04 -25.90
C PRO D 122 -31.13 -6.94 -25.39
N PRO D 123 -30.57 -6.60 -24.24
CA PRO D 123 -29.46 -7.38 -23.69
C PRO D 123 -29.87 -8.71 -23.11
N ILE D 124 -29.07 -9.74 -23.35
CA ILE D 124 -29.24 -11.02 -22.67
C ILE D 124 -28.14 -11.03 -21.61
N PRO D 125 -28.45 -10.75 -20.36
CA PRO D 125 -27.43 -10.44 -19.35
C PRO D 125 -26.78 -11.68 -18.73
N VAL D 126 -25.95 -12.34 -19.54
CA VAL D 126 -25.36 -13.60 -19.11
C VAL D 126 -24.48 -13.41 -17.88
N GLY D 127 -23.85 -12.23 -17.75
CA GLY D 127 -23.09 -11.96 -16.54
C GLY D 127 -23.91 -11.91 -15.28
N GLU D 128 -25.05 -11.20 -15.31
CA GLU D 128 -25.89 -11.12 -14.12
C GLU D 128 -26.51 -12.47 -13.78
N ILE D 129 -26.89 -13.23 -14.80
CA ILE D 129 -27.48 -14.55 -14.57
C ILE D 129 -26.46 -15.48 -13.93
N TYR D 130 -25.25 -15.52 -14.47
CA TYR D 130 -24.21 -16.35 -13.88
C TYR D 130 -23.90 -15.89 -12.46
N LYS D 131 -23.84 -14.58 -12.23
CA LYS D 131 -23.57 -14.09 -10.89
C LYS D 131 -24.64 -14.55 -9.92
N ARG D 132 -25.90 -14.56 -10.37
CA ARG D 132 -27.00 -15.10 -9.56
C ARG D 132 -26.71 -16.53 -9.15
N TRP D 133 -26.30 -17.36 -10.11
CA TRP D 133 -26.02 -18.76 -9.78
C TRP D 133 -24.85 -18.86 -8.81
N ILE D 134 -23.81 -18.05 -9.02
CA ILE D 134 -22.64 -18.10 -8.14
C ILE D 134 -23.01 -17.68 -6.73
N ILE D 135 -23.79 -16.61 -6.60
CA ILE D 135 -24.19 -16.14 -5.28
C ILE D 135 -25.10 -17.15 -4.57
N LEU D 136 -26.02 -17.78 -5.32
CA LEU D 136 -26.81 -18.87 -4.75
C LEU D 136 -25.92 -19.97 -4.18
N GLY D 137 -24.88 -20.34 -4.92
CA GLY D 137 -23.96 -21.33 -4.41
C GLY D 137 -23.25 -20.83 -3.19
N LEU D 138 -22.78 -19.58 -3.23
CA LEU D 138 -22.10 -19.03 -2.07
C LEU D 138 -23.09 -18.96 -0.90
N ASN D 139 -24.33 -18.60 -1.18
CA ASN D 139 -25.35 -18.61 -0.14
C ASN D 139 -25.48 -19.98 0.52
N LYS D 140 -25.50 -21.08 -0.26
CA LYS D 140 -25.59 -22.38 0.40
C LYS D 140 -24.37 -22.60 1.27
N ILE D 141 -23.18 -22.27 0.76
CA ILE D 141 -22.02 -22.41 1.64
C ILE D 141 -22.32 -21.31 2.66
N VAL D 142 -21.47 -21.13 3.67
CA VAL D 142 -21.64 -20.11 4.71
C VAL D 142 -22.75 -20.63 5.60
N ARG D 143 -23.84 -21.12 4.98
CA ARG D 143 -24.89 -21.70 5.79
C ARG D 143 -24.32 -22.97 6.38
N MET D 144 -23.65 -23.74 5.51
CA MET D 144 -23.01 -24.99 5.87
C MET D 144 -21.87 -24.71 6.84
N TYR D 145 -21.17 -23.59 6.60
CA TYR D 145 -19.99 -23.21 7.35
C TYR D 145 -20.34 -22.36 8.56
N SER D 146 -21.61 -22.11 8.83
CA SER D 146 -21.97 -21.45 10.08
C SER D 146 -21.54 -22.39 11.20
N PRO D 147 -20.66 -21.96 12.11
CA PRO D 147 -20.14 -22.92 13.10
C PRO D 147 -21.08 -23.26 14.22
N THR D 148 -22.08 -22.43 14.48
CA THR D 148 -22.94 -22.56 15.65
C THR D 148 -24.40 -22.35 15.29
N SER D 149 -25.25 -23.12 15.95
CA SER D 149 -26.68 -22.92 15.87
C SER D 149 -27.05 -21.74 16.76
N ILE D 150 -28.08 -21.00 16.33
CA ILE D 150 -28.56 -19.85 17.09
C ILE D 150 -29.01 -20.27 18.49
N LEU D 151 -29.48 -21.50 18.66
CA LEU D 151 -29.86 -22.02 19.97
C LEU D 151 -28.70 -22.16 20.94
N ASP D 152 -27.47 -22.30 20.45
CA ASP D 152 -26.30 -22.47 21.30
C ASP D 152 -25.56 -21.17 21.57
N ILE D 153 -26.06 -20.04 21.08
CA ILE D 153 -25.48 -18.75 21.39
C ILE D 153 -26.15 -18.27 22.67
N ARG D 154 -25.36 -18.16 23.73
CA ARG D 154 -25.83 -17.76 25.04
C ARG D 154 -24.84 -16.75 25.60
N GLN D 155 -25.36 -15.71 26.26
CA GLN D 155 -24.50 -14.68 26.80
C GLN D 155 -23.58 -15.29 27.84
N GLY D 156 -22.29 -14.97 27.74
CA GLY D 156 -21.32 -15.44 28.72
C GLY D 156 -21.55 -14.76 30.05
N PRO D 157 -21.05 -15.37 31.13
CA PRO D 157 -21.22 -14.76 32.45
C PRO D 157 -20.67 -13.35 32.56
N LYS D 158 -19.55 -13.08 31.91
CA LYS D 158 -18.90 -11.78 31.93
C LYS D 158 -18.95 -11.07 30.58
N GLU D 159 -19.72 -11.60 29.63
CA GLU D 159 -19.72 -10.99 28.32
C GLU D 159 -20.62 -9.77 28.32
N PRO D 160 -20.09 -8.61 27.92
CA PRO D 160 -20.94 -7.43 27.75
C PRO D 160 -22.11 -7.76 26.85
N PHE D 161 -23.28 -7.25 27.20
CA PHE D 161 -24.47 -7.57 26.43
C PHE D 161 -24.26 -7.26 24.95
N ARG D 162 -23.61 -6.15 24.62
CA ARG D 162 -23.36 -5.81 23.22
C ARG D 162 -22.59 -6.89 22.49
N ASP D 163 -21.57 -7.49 23.13
CA ASP D 163 -20.80 -8.51 22.42
C ASP D 163 -21.64 -9.76 22.18
N TYR D 164 -22.48 -10.14 23.15
CA TYR D 164 -23.41 -11.26 22.96
C TYR D 164 -24.42 -10.95 21.88
N VAL D 165 -25.02 -9.76 21.90
CA VAL D 165 -26.00 -9.39 20.89
C VAL D 165 -25.38 -9.36 19.49
N ASP D 166 -24.16 -8.85 19.37
CA ASP D 166 -23.45 -8.93 18.09
C ASP D 166 -23.33 -10.38 17.60
N ARG D 167 -22.95 -11.30 18.50
CA ARG D 167 -22.83 -12.70 18.12
C ARG D 167 -24.18 -13.28 17.72
N PHE D 168 -25.23 -12.90 18.44
CA PHE D 168 -26.56 -13.44 18.18
C PHE D 168 -27.00 -13.09 16.76
N TYR D 169 -26.95 -11.83 16.38
CA TYR D 169 -27.40 -11.44 15.06
C TYR D 169 -26.41 -11.82 13.95
N LYS D 170 -25.12 -11.98 14.27
CA LYS D 170 -24.19 -12.55 13.28
C LYS D 170 -24.59 -13.98 12.92
N THR D 171 -24.83 -14.82 13.93
CA THR D 171 -25.27 -16.18 13.64
C THR D 171 -26.59 -16.16 12.90
N LEU D 172 -27.53 -15.31 13.33
CA LEU D 172 -28.80 -15.21 12.62
C LEU D 172 -28.56 -14.79 11.17
N ARG D 173 -27.62 -13.88 10.92
CA ARG D 173 -27.38 -13.48 9.54
C ARG D 173 -26.92 -14.68 8.74
N ALA D 174 -25.99 -15.46 9.28
CA ALA D 174 -25.61 -16.66 8.56
C ALA D 174 -26.85 -17.53 8.70
N GLU D 175 -27.16 -18.39 7.73
CA GLU D 175 -28.41 -19.16 7.86
C GLU D 175 -29.60 -18.20 7.96
N GLN D 176 -29.54 -17.05 7.29
CA GLN D 176 -30.64 -16.09 7.20
C GLN D 176 -31.92 -16.61 6.53
N ALA D 177 -32.41 -17.76 6.97
CA ALA D 177 -33.71 -18.20 6.52
C ALA D 177 -34.78 -17.30 7.15
N SER D 178 -35.84 -17.05 6.38
CA SER D 178 -36.98 -16.24 6.84
C SER D 178 -36.50 -14.91 7.42
N GLN D 179 -35.70 -14.18 6.64
CA GLN D 179 -35.19 -12.88 7.07
C GLN D 179 -36.34 -11.96 7.46
N GLU D 180 -36.17 -11.25 8.58
CA GLU D 180 -37.19 -10.43 9.25
C GLU D 180 -38.41 -11.21 9.72
N VAL D 181 -38.54 -12.50 9.35
CA VAL D 181 -39.46 -13.42 10.02
C VAL D 181 -38.82 -14.17 11.19
N LYS D 182 -37.62 -13.75 11.62
CA LYS D 182 -37.01 -14.37 12.80
C LYS D 182 -37.70 -13.91 14.08
N ASN D 183 -38.13 -12.65 14.11
CA ASN D 183 -38.87 -12.08 15.23
C ASN D 183 -38.07 -12.21 16.51
N ALA D 184 -36.82 -11.74 16.46
CA ALA D 184 -35.88 -11.87 17.57
C ALA D 184 -35.73 -13.33 17.99
N ALA D 185 -35.74 -14.23 16.98
CA ALA D 185 -35.71 -15.67 17.22
C ALA D 185 -36.85 -16.03 18.18
N THR D 186 -38.06 -15.66 17.74
CA THR D 186 -39.30 -15.83 18.51
C THR D 186 -39.24 -15.04 19.82
N GLU D 187 -38.44 -13.97 19.85
CA GLU D 187 -38.34 -13.06 20.98
C GLU D 187 -37.75 -13.79 22.18
N THR D 188 -38.22 -15.01 22.41
CA THR D 188 -37.83 -15.75 23.60
C THR D 188 -36.33 -16.03 23.62
N LEU D 189 -35.73 -16.29 22.46
CA LEU D 189 -34.34 -16.74 22.47
C LEU D 189 -33.35 -15.63 22.82
N LEU D 190 -33.59 -14.37 22.41
CA LEU D 190 -32.64 -13.31 22.75
C LEU D 190 -32.49 -13.12 24.27
N VAL D 191 -33.61 -13.11 25.00
CA VAL D 191 -33.65 -12.97 26.46
C VAL D 191 -33.25 -14.25 27.20
N GLN D 192 -33.79 -15.39 26.76
CA GLN D 192 -33.54 -16.67 27.42
C GLN D 192 -32.07 -17.02 27.42
N ASN D 193 -31.35 -16.65 26.38
CA ASN D 193 -29.93 -16.93 26.27
C ASN D 193 -29.06 -15.84 26.90
N ALA D 194 -29.68 -14.79 27.44
CA ALA D 194 -29.03 -13.69 28.16
C ALA D 194 -28.50 -14.13 29.53
N ASN D 195 -27.63 -13.29 30.10
CA ASN D 195 -27.04 -13.61 31.39
C ASN D 195 -28.05 -13.40 32.51
N PRO D 196 -27.81 -13.97 33.71
CA PRO D 196 -28.83 -13.87 34.76
C PRO D 196 -29.19 -12.44 35.10
N ASP D 197 -28.15 -11.61 35.25
CA ASP D 197 -28.30 -10.21 35.64
C ASP D 197 -28.97 -9.39 34.54
N CYS D 198 -28.53 -9.57 33.30
CA CYS D 198 -29.14 -8.87 32.18
C CYS D 198 -30.60 -9.22 32.06
N LYS D 199 -30.93 -10.49 32.24
CA LYS D 199 -32.30 -10.93 32.06
C LYS D 199 -33.22 -10.22 33.03
N THR D 200 -32.80 -10.09 34.30
CA THR D 200 -33.60 -9.37 35.28
C THR D 200 -33.85 -7.94 34.82
N ILE D 201 -32.83 -7.28 34.28
CA ILE D 201 -33.02 -5.93 33.78
C ILE D 201 -33.95 -5.97 32.57
N LEU D 202 -33.71 -6.91 31.66
CA LEU D 202 -34.54 -7.02 30.48
C LEU D 202 -35.95 -7.45 30.84
N LYS D 203 -36.07 -8.40 31.80
CA LYS D 203 -37.38 -8.82 32.27
C LYS D 203 -38.13 -7.64 32.89
N ALA D 204 -37.42 -6.81 33.66
CA ALA D 204 -38.06 -5.66 34.27
C ALA D 204 -38.41 -4.64 33.21
N LEU D 205 -37.74 -4.69 32.05
CA LEU D 205 -38.10 -3.73 31.03
C LEU D 205 -39.50 -3.93 30.53
N GLY D 206 -40.05 -5.12 30.57
CA GLY D 206 -41.40 -5.11 30.12
C GLY D 206 -41.62 -5.33 28.65
N PRO D 207 -42.90 -5.24 28.32
CA PRO D 207 -43.32 -5.44 26.94
C PRO D 207 -42.94 -4.21 26.14
N GLY D 208 -42.74 -4.44 24.84
CA GLY D 208 -42.44 -3.39 23.89
C GLY D 208 -41.02 -2.89 23.89
N ALA D 209 -40.07 -3.59 24.51
CA ALA D 209 -38.70 -3.10 24.44
C ALA D 209 -38.07 -3.23 23.05
N THR D 210 -37.42 -2.15 22.63
CA THR D 210 -36.63 -2.01 21.41
C THR D 210 -35.23 -2.59 21.63
N LEU D 211 -34.52 -2.90 20.55
CA LEU D 211 -33.14 -3.36 20.74
C LEU D 211 -32.32 -2.26 21.41
N GLU D 212 -32.53 -1.01 20.97
CA GLU D 212 -31.87 0.15 21.57
C GLU D 212 -32.12 0.26 23.05
N GLU D 213 -33.38 0.08 23.47
CA GLU D 213 -33.71 0.16 24.89
C GLU D 213 -33.07 -0.96 25.68
N MET D 214 -33.08 -2.18 25.11
CA MET D 214 -32.45 -3.31 25.77
C MET D 214 -30.95 -3.12 25.92
N MET D 215 -30.27 -2.67 24.86
CA MET D 215 -28.81 -2.51 24.93
C MET D 215 -28.39 -1.38 25.87
N THR D 216 -29.13 -0.27 25.90
CA THR D 216 -28.83 0.79 26.86
C THR D 216 -29.02 0.31 28.29
N ALA D 217 -30.13 -0.38 28.55
CA ALA D 217 -30.45 -0.89 29.89
C ALA D 217 -29.34 -1.79 30.42
N CYS D 218 -28.78 -2.63 29.56
CA CYS D 218 -27.74 -3.60 29.86
C CYS D 218 -26.35 -3.04 29.67
N GLN D 219 -26.22 -1.74 29.45
CA GLN D 219 -24.90 -1.14 29.34
C GLN D 219 -24.29 -1.13 30.73
N GLY D 220 -23.02 -1.49 30.81
CA GLY D 220 -22.40 -1.60 32.12
C GLY D 220 -22.88 -2.76 32.95
N VAL D 221 -23.52 -3.75 32.33
CA VAL D 221 -23.97 -4.91 33.10
C VAL D 221 -22.79 -5.76 33.54
N GLY D 222 -21.74 -5.81 32.74
CA GLY D 222 -20.55 -6.54 33.07
C GLY D 222 -19.34 -5.97 32.36
N PRO D 223 -18.15 -6.51 32.66
CA PRO D 223 -16.87 -6.07 32.08
C PRO D 223 -16.86 -6.09 30.56
N PRO E 1 0.75 20.69 -10.91
CA PRO E 1 1.69 20.71 -12.02
C PRO E 1 0.99 21.16 -13.28
N ILE E 2 1.71 21.34 -14.38
CA ILE E 2 1.09 21.66 -15.66
C ILE E 2 1.25 20.44 -16.57
N VAL E 3 0.15 19.91 -17.09
CA VAL E 3 0.29 18.73 -17.94
C VAL E 3 -0.48 18.97 -19.23
N GLN E 4 -0.17 18.14 -20.22
CA GLN E 4 -0.87 18.09 -21.49
C GLN E 4 -2.03 17.12 -21.35
N ASN E 5 -3.23 17.49 -21.78
CA ASN E 5 -4.31 16.52 -21.71
C ASN E 5 -4.49 15.83 -23.06
N LEU E 6 -5.32 14.78 -23.07
CA LEU E 6 -5.54 14.05 -24.32
C LEU E 6 -6.00 14.98 -25.42
N GLN E 7 -6.69 16.07 -25.05
CA GLN E 7 -7.07 17.13 -25.98
C GLN E 7 -5.87 17.84 -26.58
N GLY E 8 -4.69 17.70 -26.00
CA GLY E 8 -3.49 18.34 -26.50
C GLY E 8 -3.19 19.71 -25.91
N GLN E 9 -4.04 20.22 -25.01
CA GLN E 9 -3.83 21.53 -24.39
C GLN E 9 -3.13 21.42 -23.04
N MET E 10 -2.29 22.41 -22.73
CA MET E 10 -1.55 22.43 -21.47
C MET E 10 -2.41 23.04 -20.36
N VAL E 11 -2.72 22.25 -19.34
CA VAL E 11 -3.60 22.68 -18.26
C VAL E 11 -2.96 22.43 -16.91
N HIS E 12 -3.39 23.21 -15.92
CA HIS E 12 -2.94 22.99 -14.56
C HIS E 12 -3.68 21.79 -13.98
N GLN E 13 -2.97 21.01 -13.18
CA GLN E 13 -3.55 19.88 -12.47
C GLN E 13 -3.01 19.91 -11.04
N CYS E 14 -3.87 19.58 -10.08
CA CYS E 14 -3.44 19.58 -8.70
C CYS E 14 -2.33 18.55 -8.49
N ILE E 15 -1.39 18.92 -7.62
CA ILE E 15 -0.35 18.00 -7.17
C ILE E 15 -0.99 16.77 -6.54
N SER E 16 -0.43 15.60 -6.88
CA SER E 16 -1.14 14.41 -6.45
C SER E 16 -0.79 14.03 -5.02
N PRO E 17 -1.73 13.41 -4.31
CA PRO E 17 -1.42 12.90 -2.96
C PRO E 17 -0.27 11.91 -2.96
N ARG E 18 -0.18 11.08 -4.00
CA ARG E 18 0.95 10.17 -4.15
C ARG E 18 2.27 10.92 -4.27
N THR E 19 2.30 11.95 -5.11
CA THR E 19 3.52 12.74 -5.27
C THR E 19 3.93 13.39 -3.96
N LEU E 20 2.99 14.04 -3.26
CA LEU E 20 3.28 14.71 -1.99
C LEU E 20 3.88 13.75 -0.98
N ASN E 21 3.25 12.59 -0.80
CA ASN E 21 3.75 11.61 0.16
C ASN E 21 5.12 11.10 -0.22
N ALA E 22 5.35 10.86 -1.50
CA ALA E 22 6.65 10.39 -1.95
C ALA E 22 7.79 11.31 -1.54
N TRP E 23 7.63 12.62 -1.72
CA TRP E 23 8.72 13.54 -1.36
C TRP E 23 8.97 13.53 0.14
N VAL E 24 7.92 13.65 0.95
CA VAL E 24 8.07 13.61 2.42
C VAL E 24 8.75 12.32 2.86
N LYS E 25 8.35 11.19 2.27
CA LYS E 25 8.94 9.91 2.68
C LYS E 25 10.41 9.82 2.29
N VAL E 26 10.78 10.32 1.10
CA VAL E 26 12.17 10.24 0.68
C VAL E 26 13.06 11.09 1.59
N VAL E 27 12.58 12.26 2.00
CA VAL E 27 13.32 13.09 2.94
C VAL E 27 13.42 12.42 4.31
N GLU E 28 12.32 11.83 4.79
CA GLU E 28 12.35 11.16 6.09
C GLU E 28 13.32 9.98 6.11
N GLU E 29 13.37 9.20 5.02
CA GLU E 29 14.15 7.98 4.97
C GLU E 29 15.60 8.14 4.53
N LYS E 30 15.87 9.06 3.59
CA LYS E 30 17.17 9.24 2.96
C LYS E 30 17.86 10.52 3.38
N ALA E 31 17.16 11.39 4.11
CA ALA E 31 17.64 12.71 4.52
C ALA E 31 18.12 13.47 3.29
N PHE E 32 19.38 13.92 3.28
CA PHE E 32 19.97 14.62 2.14
C PHE E 32 21.11 13.82 1.53
N SER E 33 20.93 12.52 1.42
CA SER E 33 21.80 11.71 0.59
C SER E 33 21.66 12.17 -0.86
N PRO E 34 22.75 12.11 -1.64
CA PRO E 34 22.73 12.72 -2.98
C PRO E 34 21.59 12.24 -3.86
N GLU E 35 21.16 10.98 -3.75
CA GLU E 35 20.09 10.48 -4.61
C GLU E 35 18.76 11.19 -4.36
N VAL E 36 18.64 11.95 -3.27
CA VAL E 36 17.42 12.72 -3.01
C VAL E 36 17.21 13.76 -4.10
N ILE E 37 18.29 14.45 -4.52
CA ILE E 37 18.15 15.53 -5.50
C ILE E 37 17.55 15.06 -6.82
N PRO E 38 18.03 13.97 -7.44
CA PRO E 38 17.34 13.52 -8.66
C PRO E 38 15.89 13.16 -8.45
N MET E 39 15.52 12.63 -7.29
CA MET E 39 14.12 12.33 -7.00
C MET E 39 13.28 13.60 -6.92
N PHE E 40 13.78 14.63 -6.24
CA PHE E 40 13.06 15.90 -6.23
C PHE E 40 12.83 16.35 -7.65
N SER E 41 13.89 16.29 -8.47
CA SER E 41 13.76 16.72 -9.85
C SER E 41 12.74 15.85 -10.59
N ALA E 42 12.75 14.54 -10.32
CA ALA E 42 11.79 13.67 -11.03
C ALA E 42 10.37 13.88 -10.51
N LEU E 43 10.20 13.96 -9.18
CA LEU E 43 8.90 14.21 -8.58
C LEU E 43 8.34 15.59 -8.88
N SER E 44 9.18 16.54 -9.25
CA SER E 44 8.72 17.90 -9.54
C SER E 44 8.55 18.17 -11.03
N CYS E 45 8.37 17.12 -11.84
CA CYS E 45 8.15 17.29 -13.26
C CYS E 45 6.91 18.14 -13.51
N GLY E 46 7.06 19.19 -14.31
CA GLY E 46 5.95 20.05 -14.62
C GLY E 46 5.50 20.97 -13.53
N ALA E 47 6.23 21.04 -12.42
CA ALA E 47 5.75 21.81 -11.28
C ALA E 47 5.69 23.31 -11.57
N THR E 48 4.64 23.95 -11.06
CA THR E 48 4.63 25.40 -10.95
C THR E 48 5.51 25.80 -9.77
N PRO E 49 5.90 27.08 -9.68
CA PRO E 49 6.58 27.52 -8.46
C PRO E 49 5.82 27.23 -7.18
N GLN E 50 4.49 27.40 -7.20
CA GLN E 50 3.67 27.04 -6.05
C GLN E 50 3.87 25.61 -5.64
N ASP E 51 3.83 24.70 -6.61
CA ASP E 51 4.00 23.28 -6.31
C ASP E 51 5.37 23.01 -5.71
N LEU E 52 6.41 23.64 -6.25
CA LEU E 52 7.75 23.45 -5.73
C LEU E 52 7.86 23.93 -4.29
N ASN E 53 7.29 25.10 -3.99
CA ASN E 53 7.27 25.61 -2.63
C ASN E 53 6.48 24.68 -1.72
N THR E 54 5.36 24.17 -2.21
CA THR E 54 4.57 23.19 -1.47
C THR E 54 5.42 21.99 -1.06
N MET E 55 6.16 21.42 -2.01
CA MET E 55 7.01 20.27 -1.69
C MET E 55 8.04 20.61 -0.61
N LEU E 56 8.69 21.77 -0.74
CA LEU E 56 9.69 22.17 0.25
C LEU E 56 9.04 22.43 1.60
N ASN E 57 7.85 23.06 1.61
CA ASN E 57 7.18 23.41 2.87
C ASN E 57 6.65 22.18 3.60
N THR E 58 6.39 21.08 2.91
CA THR E 58 5.88 19.88 3.56
C THR E 58 6.97 19.12 4.31
N VAL E 59 8.23 19.49 4.16
CA VAL E 59 9.28 18.83 4.93
C VAL E 59 9.19 19.28 6.38
N GLY E 60 9.09 18.33 7.30
CA GLY E 60 8.92 18.70 8.69
C GLY E 60 10.20 18.93 9.46
N GLY E 61 11.20 18.09 9.29
CA GLY E 61 12.46 18.23 9.98
C GLY E 61 13.45 19.05 9.17
N HIS E 62 14.73 18.93 9.56
CA HIS E 62 15.83 19.46 8.76
C HIS E 62 15.64 20.95 8.42
N GLN E 63 15.10 21.72 9.37
CA GLN E 63 14.78 23.12 9.09
C GLN E 63 16.01 24.00 8.95
N ALA E 64 17.17 23.60 9.49
CA ALA E 64 18.38 24.37 9.18
C ALA E 64 18.70 24.34 7.70
N ALA E 65 18.68 23.16 7.08
CA ALA E 65 18.93 23.07 5.65
C ALA E 65 17.90 23.86 4.85
N MET E 66 16.62 23.78 5.24
CA MET E 66 15.58 24.46 4.49
C MET E 66 15.75 25.97 4.54
N GLN E 67 16.20 26.49 5.69
CA GLN E 67 16.51 27.91 5.79
C GLN E 67 17.70 28.26 4.91
N MET E 68 18.70 27.36 4.84
CA MET E 68 19.82 27.52 3.91
C MET E 68 19.31 27.57 2.49
N LEU E 69 18.34 26.72 2.18
CA LEU E 69 17.74 26.73 0.86
C LEU E 69 17.11 28.09 0.57
N LYS E 70 16.44 28.70 1.57
CA LYS E 70 15.87 30.03 1.32
C LYS E 70 16.94 31.05 0.98
N GLU E 71 18.07 31.04 1.70
CA GLU E 71 19.17 31.95 1.39
C GLU E 71 19.70 31.74 -0.02
N THR E 72 19.90 30.49 -0.41
CA THR E 72 20.42 30.23 -1.76
C THR E 72 19.43 30.70 -2.81
N ILE E 73 18.15 30.43 -2.61
CA ILE E 73 17.11 30.89 -3.52
C ILE E 73 17.13 32.41 -3.60
N ASN E 74 17.23 33.08 -2.45
CA ASN E 74 17.23 34.54 -2.42
C ASN E 74 18.47 35.13 -3.11
N GLU E 75 19.63 34.51 -2.92
CA GLU E 75 20.82 34.95 -3.64
C GLU E 75 20.64 34.82 -5.14
N GLU E 76 20.12 33.67 -5.60
CA GLU E 76 19.92 33.45 -7.02
C GLU E 76 18.80 34.35 -7.56
N ALA E 77 17.76 34.59 -6.76
CA ALA E 77 16.68 35.49 -7.15
C ALA E 77 17.18 36.92 -7.34
N ALA E 78 18.04 37.40 -6.45
CA ALA E 78 18.58 38.76 -6.56
C ALA E 78 19.39 38.93 -7.84
N GLU E 79 20.21 37.94 -8.18
CA GLU E 79 20.99 38.01 -9.42
C GLU E 79 20.08 38.04 -10.64
N TRP E 80 18.96 37.31 -10.59
CA TRP E 80 17.96 37.40 -11.65
C TRP E 80 17.50 38.84 -11.82
N ASP E 81 17.15 39.50 -10.71
CA ASP E 81 16.67 40.88 -10.80
C ASP E 81 17.76 41.78 -11.37
N ARG E 82 19.02 41.54 -10.98
CA ARG E 82 20.17 42.29 -11.46
C ARG E 82 20.45 42.11 -12.97
N LEU E 83 20.28 40.89 -13.50
CA LEU E 83 20.54 40.50 -14.89
C LEU E 83 19.37 40.78 -15.82
N HIS E 84 18.21 40.97 -15.24
CA HIS E 84 16.92 41.19 -15.91
C HIS E 84 16.33 42.34 -15.13
N PRO E 85 16.79 43.56 -15.43
CA PRO E 85 16.23 44.72 -14.72
C PRO E 85 14.79 44.93 -15.07
N VAL E 86 14.30 44.29 -16.13
CA VAL E 86 12.94 44.35 -16.65
C VAL E 86 12.12 45.49 -16.06
N HIS E 87 12.70 46.69 -16.05
CA HIS E 87 12.07 47.90 -15.52
C HIS E 87 11.73 48.83 -16.68
N ALA E 88 10.49 49.33 -16.68
CA ALA E 88 9.97 50.18 -17.74
C ALA E 88 8.57 50.60 -17.33
N GLY E 89 8.05 51.61 -18.02
CA GLY E 89 6.68 52.02 -17.84
C GLY E 89 5.74 50.91 -18.24
N PRO E 90 4.82 50.55 -17.36
CA PRO E 90 3.99 49.35 -17.60
C PRO E 90 3.17 49.50 -18.88
N ILE E 91 3.37 48.56 -19.80
CA ILE E 91 2.68 48.65 -21.08
C ILE E 91 1.19 48.43 -20.90
N ALA E 92 0.81 47.48 -20.05
CA ALA E 92 -0.56 46.99 -19.87
C ALA E 92 -1.30 46.84 -21.22
N PRO E 93 -0.78 46.00 -22.16
CA PRO E 93 -1.40 45.97 -23.50
C PRO E 93 -1.91 44.56 -23.71
N GLY E 94 -2.51 44.04 -22.67
CA GLY E 94 -3.15 42.75 -22.56
C GLY E 94 -2.23 41.56 -22.48
N GLN E 95 -0.92 41.79 -22.30
CA GLN E 95 0.04 40.71 -22.20
C GLN E 95 0.43 40.71 -20.74
N MET E 96 0.80 39.58 -20.15
CA MET E 96 1.20 39.85 -18.78
C MET E 96 2.60 40.45 -18.85
N ARG E 97 3.18 40.69 -17.70
CA ARG E 97 4.52 41.23 -17.71
C ARG E 97 5.18 41.04 -16.36
N GLU E 98 6.46 41.32 -16.37
CA GLU E 98 7.45 41.30 -15.31
C GLU E 98 7.72 40.03 -14.53
N PRO E 99 8.43 39.02 -15.05
CA PRO E 99 8.63 37.89 -14.15
C PRO E 99 9.68 38.51 -13.25
N ARG E 100 9.53 38.40 -11.95
CA ARG E 100 10.63 38.86 -11.13
C ARG E 100 11.23 37.73 -10.31
N GLY E 101 12.35 38.02 -9.65
CA GLY E 101 12.95 37.00 -8.80
C GLY E 101 11.95 36.45 -7.80
N SER E 102 11.25 37.36 -7.10
CA SER E 102 10.24 36.95 -6.13
C SER E 102 9.02 36.33 -6.80
N ASP E 103 8.77 36.68 -8.06
CA ASP E 103 7.69 36.07 -8.83
C ASP E 103 8.05 34.65 -9.25
N ILE E 104 9.30 34.41 -9.63
CA ILE E 104 9.74 33.08 -9.99
C ILE E 104 9.66 32.13 -8.79
N ALA E 105 10.02 32.61 -7.61
CA ALA E 105 9.94 31.84 -6.37
C ALA E 105 8.53 31.73 -5.80
N GLY E 106 7.53 32.32 -6.45
CA GLY E 106 6.18 32.18 -5.95
C GLY E 106 5.86 33.04 -4.75
N THR E 107 6.69 34.05 -4.46
CA THR E 107 6.52 34.89 -3.30
C THR E 107 5.58 36.06 -3.59
N THR E 108 5.69 36.62 -4.79
CA THR E 108 4.90 37.76 -5.26
C THR E 108 4.03 37.44 -6.46
N SER E 109 3.90 36.17 -6.84
CA SER E 109 3.11 35.80 -7.99
C SER E 109 1.86 35.00 -7.62
N THR E 110 0.83 35.11 -8.46
CA THR E 110 -0.37 34.32 -8.26
C THR E 110 -0.20 33.06 -9.07
N LEU E 111 -0.96 32.02 -8.73
CA LEU E 111 -0.89 30.81 -9.53
C LEU E 111 -1.21 31.10 -11.00
N GLN E 112 -2.22 31.93 -11.26
CA GLN E 112 -2.62 32.22 -12.63
C GLN E 112 -1.49 32.95 -13.39
N GLU E 113 -0.81 33.88 -12.71
CA GLU E 113 0.35 34.53 -13.33
C GLU E 113 1.43 33.49 -13.60
N GLN E 114 1.68 32.59 -12.66
CA GLN E 114 2.67 31.54 -12.86
C GLN E 114 2.30 30.66 -14.05
N ILE E 115 1.03 30.24 -14.13
CA ILE E 115 0.53 29.46 -15.26
C ILE E 115 0.66 30.24 -16.55
N GLY E 116 0.33 31.54 -16.49
CA GLY E 116 0.47 32.39 -17.66
C GLY E 116 1.86 32.40 -18.26
N TRP E 117 2.90 32.54 -17.44
CA TRP E 117 4.28 32.55 -17.94
C TRP E 117 4.64 31.20 -18.54
N MET E 118 4.33 30.12 -17.82
CA MET E 118 4.68 28.78 -18.27
C MET E 118 3.92 28.40 -19.54
N THR E 119 2.72 28.93 -19.74
CA THR E 119 1.93 28.56 -20.91
C THR E 119 1.94 29.61 -22.02
N HIS E 120 2.81 30.61 -21.93
CA HIS E 120 2.88 31.63 -22.98
C HIS E 120 3.56 31.06 -24.22
N ASN E 121 3.39 31.74 -25.34
CA ASN E 121 4.13 31.42 -26.56
C ASN E 121 4.84 32.69 -26.97
N PRO E 122 6.17 32.81 -26.76
CA PRO E 122 7.05 31.78 -26.19
C PRO E 122 6.90 31.61 -24.67
N PRO E 123 7.17 30.40 -24.19
CA PRO E 123 7.01 30.12 -22.75
C PRO E 123 8.11 30.74 -21.91
N ILE E 124 7.71 31.28 -20.76
CA ILE E 124 8.65 31.75 -19.75
C ILE E 124 8.66 30.70 -18.64
N PRO E 125 9.67 29.84 -18.59
CA PRO E 125 9.56 28.64 -17.73
C PRO E 125 9.93 28.91 -16.27
N VAL E 126 9.05 29.62 -15.57
CA VAL E 126 9.36 30.04 -14.21
C VAL E 126 9.53 28.83 -13.30
N GLY E 127 8.81 27.75 -13.58
CA GLY E 127 8.99 26.53 -12.82
C GLY E 127 10.37 25.92 -12.97
N GLU E 128 10.84 25.83 -14.22
CA GLU E 128 12.15 25.25 -14.48
C GLU E 128 13.26 26.11 -13.91
N ILE E 129 13.11 27.43 -13.98
CA ILE E 129 14.12 28.33 -13.42
C ILE E 129 14.20 28.17 -11.91
N TYR E 130 13.04 28.17 -11.25
CA TYR E 130 13.02 27.99 -9.81
C TYR E 130 13.59 26.65 -9.42
N LYS E 131 13.28 25.59 -10.19
CA LYS E 131 13.82 24.29 -9.86
C LYS E 131 15.34 24.29 -9.88
N ARG E 132 15.95 25.00 -10.85
CA ARG E 132 17.39 25.13 -10.85
C ARG E 132 17.91 25.73 -9.55
N TRP E 133 17.29 26.81 -9.08
CA TRP E 133 17.75 27.43 -7.85
C TRP E 133 17.62 26.47 -6.67
N ILE E 134 16.50 25.76 -6.59
CA ILE E 134 16.30 24.83 -5.49
C ILE E 134 17.34 23.72 -5.52
N ILE E 135 17.61 23.18 -6.71
CA ILE E 135 18.59 22.11 -6.83
C ILE E 135 20.00 22.59 -6.49
N LEU E 136 20.36 23.81 -6.90
CA LEU E 136 21.65 24.37 -6.49
C LEU E 136 21.78 24.40 -4.98
N GLY E 137 20.72 24.81 -4.30
CA GLY E 137 20.73 24.81 -2.85
C GLY E 137 20.81 23.41 -2.26
N LEU E 138 20.03 22.48 -2.82
CA LEU E 138 20.07 21.11 -2.31
C LEU E 138 21.46 20.51 -2.49
N ASN E 139 22.11 20.80 -3.63
CA ASN E 139 23.48 20.35 -3.85
C ASN E 139 24.38 20.81 -2.71
N LYS E 140 24.26 22.07 -2.30
CA LYS E 140 25.07 22.59 -1.21
C LYS E 140 24.80 21.85 0.09
N ILE E 141 23.53 21.52 0.36
CA ILE E 141 23.17 20.82 1.59
C ILE E 141 23.79 19.42 1.59
N VAL E 142 23.69 18.71 0.46
CA VAL E 142 24.28 17.38 0.34
C VAL E 142 25.78 17.39 0.62
N ARG E 143 26.51 18.39 0.10
CA ARG E 143 27.95 18.46 0.35
C ARG E 143 28.23 18.71 1.82
N MET E 144 27.47 19.62 2.43
CA MET E 144 27.66 19.97 3.82
C MET E 144 27.38 18.77 4.73
N TYR E 145 26.39 17.98 4.37
CA TYR E 145 25.94 16.86 5.17
C TYR E 145 26.69 15.57 4.84
N SER E 146 27.67 15.64 3.94
CA SER E 146 28.53 14.49 3.69
C SER E 146 29.27 14.12 4.96
N PRO E 147 29.09 12.90 5.48
CA PRO E 147 29.68 12.58 6.79
C PRO E 147 31.17 12.34 6.79
N THR E 148 31.75 12.01 5.65
CA THR E 148 33.15 11.59 5.64
C THR E 148 33.86 12.25 4.46
N SER E 149 35.12 12.66 4.67
CA SER E 149 35.99 13.11 3.61
C SER E 149 36.51 11.89 2.85
N ILE E 150 36.70 12.05 1.53
CA ILE E 150 37.24 10.95 0.71
C ILE E 150 38.60 10.47 1.18
N LEU E 151 39.41 11.34 1.77
CA LEU E 151 40.70 10.93 2.30
C LEU E 151 40.58 9.97 3.49
N ASP E 152 39.45 9.98 4.19
CA ASP E 152 39.24 9.14 5.36
C ASP E 152 38.52 7.83 5.08
N ILE E 153 38.18 7.53 3.84
CA ILE E 153 37.58 6.25 3.50
C ILE E 153 38.74 5.29 3.22
N ARG E 154 38.90 4.30 4.08
CA ARG E 154 39.97 3.31 3.99
C ARG E 154 39.34 1.94 4.24
N GLN E 155 39.74 0.96 3.42
CA GLN E 155 39.16 -0.37 3.50
C GLN E 155 39.50 -1.07 4.80
N GLY E 156 38.49 -1.64 5.46
CA GLY E 156 38.67 -2.42 6.65
C GLY E 156 39.35 -3.75 6.36
N PRO E 157 39.96 -4.34 7.40
CA PRO E 157 40.61 -5.66 7.23
C PRO E 157 39.68 -6.74 6.72
N LYS E 158 38.41 -6.71 7.13
CA LYS E 158 37.43 -7.71 6.73
C LYS E 158 36.38 -7.17 5.77
N GLU E 159 36.55 -5.97 5.27
CA GLU E 159 35.53 -5.41 4.40
C GLU E 159 35.71 -5.98 3.01
N PRO E 160 34.69 -6.60 2.44
CA PRO E 160 34.77 -7.02 1.03
C PRO E 160 35.15 -5.84 0.16
N PHE E 161 36.02 -6.09 -0.83
CA PHE E 161 36.47 -5.00 -1.67
C PHE E 161 35.28 -4.23 -2.25
N ARG E 162 34.22 -4.95 -2.67
CA ARG E 162 33.05 -4.27 -3.21
C ARG E 162 32.47 -3.25 -2.23
N ASP E 163 32.41 -3.60 -0.94
CA ASP E 163 31.82 -2.70 0.04
C ASP E 163 32.68 -1.46 0.25
N TYR E 164 34.00 -1.64 0.24
CA TYR E 164 34.90 -0.50 0.32
C TYR E 164 34.75 0.39 -0.90
N VAL E 165 34.71 -0.22 -2.09
CA VAL E 165 34.55 0.57 -3.32
C VAL E 165 33.20 1.29 -3.32
N ASP E 166 32.15 0.63 -2.86
CA ASP E 166 30.85 1.29 -2.68
C ASP E 166 30.96 2.53 -1.80
N ARG E 167 31.63 2.40 -0.65
CA ARG E 167 31.76 3.54 0.24
C ARG E 167 32.56 4.64 -0.41
N PHE E 168 33.61 4.26 -1.13
CA PHE E 168 34.51 5.23 -1.75
C PHE E 168 33.76 6.11 -2.76
N TYR E 169 33.07 5.49 -3.71
CA TYR E 169 32.38 6.28 -4.73
C TYR E 169 31.09 6.95 -4.22
N LYS E 170 30.45 6.40 -3.19
CA LYS E 170 29.34 7.08 -2.55
C LYS E 170 29.81 8.40 -1.90
N THR E 171 30.90 8.32 -1.14
CA THR E 171 31.47 9.50 -0.51
C THR E 171 31.91 10.51 -1.56
N LEU E 172 32.57 10.04 -2.61
CA LEU E 172 32.99 10.93 -3.66
C LEU E 172 31.78 11.64 -4.27
N ARG E 173 30.67 10.92 -4.43
CA ARG E 173 29.43 11.47 -4.98
C ARG E 173 28.82 12.60 -4.15
N ALA E 174 28.79 12.47 -2.82
CA ALA E 174 28.15 13.51 -2.01
C ALA E 174 28.97 14.81 -2.07
N GLU E 175 30.28 14.68 -2.09
CA GLU E 175 31.24 15.77 -2.14
C GLU E 175 31.20 16.43 -3.52
N GLN E 176 30.64 15.71 -4.48
CA GLN E 176 30.34 16.11 -5.86
C GLN E 176 31.63 16.54 -6.57
N ALA E 177 31.65 17.68 -7.25
CA ALA E 177 32.86 18.25 -7.82
C ALA E 177 33.02 17.55 -9.17
N SER E 178 34.15 17.73 -9.86
CA SER E 178 34.21 17.29 -11.24
C SER E 178 34.56 15.80 -11.35
N GLN E 179 34.26 15.24 -12.52
CA GLN E 179 34.75 13.89 -12.85
C GLN E 179 36.27 13.87 -12.91
N GLU E 180 36.89 15.03 -13.18
CA GLU E 180 38.34 15.12 -13.21
C GLU E 180 38.95 14.90 -11.83
N VAL E 181 38.33 15.46 -10.79
CA VAL E 181 38.73 15.13 -9.43
C VAL E 181 38.50 13.64 -9.14
N LYS E 182 37.39 13.10 -9.66
CA LYS E 182 37.09 11.68 -9.47
C LYS E 182 38.19 10.80 -10.01
N ASN E 183 38.54 10.95 -11.31
CA ASN E 183 39.51 10.04 -11.89
C ASN E 183 40.90 10.23 -11.27
N ALA E 184 41.26 11.46 -10.89
CA ALA E 184 42.51 11.67 -10.16
C ALA E 184 42.52 10.86 -8.87
N ALA E 185 41.57 11.15 -7.97
CA ALA E 185 41.41 10.43 -6.70
C ALA E 185 41.54 8.92 -6.86
N THR E 186 40.70 8.34 -7.73
CA THR E 186 40.68 6.95 -8.15
C THR E 186 42.05 6.29 -8.24
N GLU E 187 43.00 6.95 -8.91
CA GLU E 187 44.36 6.40 -8.96
C GLU E 187 45.16 6.80 -7.73
N THR E 188 45.00 8.02 -7.25
CA THR E 188 45.83 8.50 -6.14
C THR E 188 45.52 7.76 -4.83
N LEU E 189 44.23 7.42 -4.59
CA LEU E 189 43.78 6.92 -3.29
C LEU E 189 43.08 5.55 -3.23
N LEU E 190 42.30 5.13 -4.24
CA LEU E 190 41.61 3.84 -4.11
C LEU E 190 42.58 2.68 -3.87
N VAL E 191 43.71 2.65 -4.54
CA VAL E 191 44.66 1.58 -4.29
C VAL E 191 45.37 1.81 -2.95
N GLN E 192 45.81 3.04 -2.71
CA GLN E 192 46.54 3.39 -1.50
C GLN E 192 45.72 3.13 -0.24
N ASN E 193 44.41 3.35 -0.32
CA ASN E 193 43.49 3.18 0.80
C ASN E 193 42.92 1.77 0.92
N ALA E 194 43.27 0.87 0.01
CA ALA E 194 42.86 -0.53 0.08
C ALA E 194 43.57 -1.28 1.21
N ASN E 195 43.02 -2.44 1.57
CA ASN E 195 43.61 -3.24 2.63
C ASN E 195 44.85 -3.97 2.14
N PRO E 196 45.67 -4.50 3.06
CA PRO E 196 46.95 -5.08 2.64
C PRO E 196 46.83 -6.17 1.59
N ASP E 197 45.86 -7.07 1.77
CA ASP E 197 45.69 -8.20 0.87
C ASP E 197 45.23 -7.77 -0.53
N CYS E 198 44.21 -6.93 -0.60
CA CYS E 198 43.74 -6.44 -1.90
C CYS E 198 44.84 -5.66 -2.62
N LYS E 199 45.57 -4.84 -1.87
CA LYS E 199 46.54 -3.96 -2.48
C LYS E 199 47.61 -4.77 -3.20
N THR E 200 48.10 -5.85 -2.58
CA THR E 200 49.07 -6.70 -3.27
C THR E 200 48.50 -7.19 -4.59
N ILE E 201 47.24 -7.61 -4.58
CA ILE E 201 46.61 -8.05 -5.82
C ILE E 201 46.46 -6.88 -6.78
N LEU E 202 46.01 -5.73 -6.27
CA LEU E 202 45.82 -4.58 -7.15
C LEU E 202 47.15 -4.07 -7.68
N LYS E 203 48.18 -4.03 -6.82
CA LYS E 203 49.51 -3.64 -7.26
C LYS E 203 50.02 -4.60 -8.33
N ALA E 204 49.76 -5.90 -8.14
CA ALA E 204 50.19 -6.91 -9.09
C ALA E 204 49.43 -6.82 -10.41
N LEU E 205 48.24 -6.20 -10.41
CA LEU E 205 47.49 -6.09 -11.65
C LEU E 205 48.19 -5.22 -12.69
N GLY E 206 48.99 -4.25 -12.30
CA GLY E 206 49.64 -3.46 -13.30
C GLY E 206 48.83 -2.25 -13.70
N PRO E 207 49.38 -1.49 -14.64
CA PRO E 207 48.72 -0.27 -15.10
C PRO E 207 47.52 -0.57 -16.00
N GLY E 208 46.58 0.38 -16.02
CA GLY E 208 45.43 0.29 -16.89
C GLY E 208 44.30 -0.63 -16.48
N ALA E 209 44.27 -1.10 -15.23
CA ALA E 209 43.16 -1.95 -14.81
C ALA E 209 41.85 -1.19 -14.71
N THR E 210 40.79 -1.79 -15.22
CA THR E 210 39.45 -1.26 -15.17
C THR E 210 38.89 -1.51 -13.77
N LEU E 211 37.82 -0.78 -13.42
CA LEU E 211 37.21 -1.07 -12.13
C LEU E 211 36.74 -2.51 -12.09
N GLU E 212 36.15 -2.98 -13.20
CA GLU E 212 35.73 -4.37 -13.32
C GLU E 212 36.89 -5.33 -13.04
N GLU E 213 38.05 -5.07 -13.65
CA GLU E 213 39.19 -5.96 -13.43
C GLU E 213 39.66 -5.93 -11.98
N MET E 214 39.71 -4.75 -11.37
CA MET E 214 40.10 -4.65 -9.97
C MET E 214 39.12 -5.36 -9.05
N MET E 215 37.82 -5.15 -9.26
CA MET E 215 36.82 -5.76 -8.39
C MET E 215 36.76 -7.28 -8.52
N THR E 216 36.89 -7.80 -9.75
CA THR E 216 36.95 -9.24 -9.95
C THR E 216 38.19 -9.83 -9.30
N ALA E 217 39.33 -9.18 -9.51
CA ALA E 217 40.61 -9.65 -8.96
C ALA E 217 40.53 -9.80 -7.45
N CYS E 218 39.88 -8.84 -6.79
CA CYS E 218 39.72 -8.76 -5.35
C CYS E 218 38.46 -9.44 -4.87
N GLN E 219 37.78 -10.16 -5.76
CA GLN E 219 36.60 -10.94 -5.41
C GLN E 219 37.11 -12.16 -4.65
N GLY E 220 36.68 -12.28 -3.40
CA GLY E 220 37.24 -13.26 -2.52
C GLY E 220 37.80 -12.47 -1.37
N VAL E 221 39.11 -12.20 -1.39
CA VAL E 221 39.80 -11.42 -0.37
C VAL E 221 39.24 -11.71 1.01
N GLY E 222 39.13 -12.99 1.34
CA GLY E 222 38.48 -13.41 2.57
C GLY E 222 36.98 -13.31 2.45
N PRO E 223 36.34 -12.63 3.42
CA PRO E 223 34.88 -12.48 3.42
C PRO E 223 34.40 -11.52 2.33
N PRO F 1 -21.98 4.27 -8.29
CA PRO F 1 -22.48 5.62 -8.06
C PRO F 1 -22.92 6.28 -9.34
N ILE F 2 -23.47 7.49 -9.29
CA ILE F 2 -23.81 8.22 -10.50
C ILE F 2 -22.80 9.37 -10.57
N VAL F 3 -22.07 9.43 -11.67
CA VAL F 3 -21.05 10.45 -11.82
C VAL F 3 -21.22 11.14 -13.15
N GLN F 4 -20.56 12.27 -13.27
CA GLN F 4 -20.48 13.05 -14.50
C GLN F 4 -19.34 12.52 -15.36
N ASN F 5 -19.61 12.31 -16.64
CA ASN F 5 -18.55 11.89 -17.55
C ASN F 5 -18.01 13.10 -18.29
N LEU F 6 -16.86 12.92 -18.97
CA LEU F 6 -16.20 14.05 -19.60
C LEU F 6 -17.12 14.76 -20.59
N GLN F 7 -18.01 14.00 -21.24
CA GLN F 7 -19.03 14.58 -22.11
C GLN F 7 -20.04 15.42 -21.34
N GLY F 8 -20.04 15.33 -20.01
CA GLY F 8 -20.98 16.07 -19.18
C GLY F 8 -22.24 15.32 -18.82
N GLN F 9 -22.40 14.08 -19.27
CA GLN F 9 -23.59 13.31 -18.94
C GLN F 9 -23.37 12.51 -17.67
N MET F 10 -24.44 12.36 -16.89
CA MET F 10 -24.40 11.63 -15.64
C MET F 10 -24.62 10.15 -15.92
N VAL F 11 -23.63 9.32 -15.60
CA VAL F 11 -23.68 7.90 -15.90
C VAL F 11 -23.39 7.12 -14.64
N HIS F 12 -23.89 5.88 -14.59
CA HIS F 12 -23.59 5.01 -13.46
C HIS F 12 -22.17 4.49 -13.63
N GLN F 13 -21.48 4.35 -12.50
CA GLN F 13 -20.15 3.77 -12.47
C GLN F 13 -20.06 2.82 -11.30
N CYS F 14 -19.38 1.69 -11.51
CA CYS F 14 -19.26 0.73 -10.43
C CYS F 14 -18.51 1.35 -9.25
N ILE F 15 -18.95 0.95 -8.05
CA ILE F 15 -18.27 1.28 -6.81
C ILE F 15 -16.83 0.79 -6.87
N SER F 16 -15.90 1.63 -6.39
CA SER F 16 -14.50 1.29 -6.61
C SER F 16 -14.00 0.33 -5.53
N PRO F 17 -13.03 -0.53 -5.89
CA PRO F 17 -12.41 -1.40 -4.88
C PRO F 17 -11.76 -0.64 -3.75
N ARG F 18 -11.13 0.50 -4.06
CA ARG F 18 -10.55 1.37 -3.04
C ARG F 18 -11.61 1.90 -2.07
N THR F 19 -12.74 2.37 -2.60
CA THR F 19 -13.81 2.86 -1.74
C THR F 19 -14.33 1.76 -0.82
N LEU F 20 -14.60 0.58 -1.36
CA LEU F 20 -15.11 -0.50 -0.52
C LEU F 20 -14.13 -0.80 0.61
N ASN F 21 -12.85 -0.97 0.30
CA ASN F 21 -11.88 -1.29 1.35
C ASN F 21 -11.76 -0.14 2.34
N ALA F 22 -11.77 1.10 1.86
CA ALA F 22 -11.66 2.24 2.76
C ALA F 22 -12.76 2.24 3.83
N TRP F 23 -14.01 1.98 3.44
CA TRP F 23 -15.11 1.97 4.40
C TRP F 23 -14.97 0.82 5.39
N VAL F 24 -14.71 -0.40 4.90
CA VAL F 24 -14.52 -1.55 5.78
C VAL F 24 -13.43 -1.29 6.80
N LYS F 25 -12.30 -0.74 6.35
CA LYS F 25 -11.20 -0.50 7.27
C LYS F 25 -11.57 0.57 8.30
N VAL F 26 -12.28 1.60 7.87
CA VAL F 26 -12.66 2.67 8.79
C VAL F 26 -13.59 2.14 9.88
N VAL F 27 -14.51 1.26 9.51
CA VAL F 27 -15.37 0.64 10.51
C VAL F 27 -14.56 -0.29 11.42
N GLU F 28 -13.64 -1.08 10.84
CA GLU F 28 -12.81 -1.97 11.65
C GLU F 28 -11.93 -1.21 12.64
N GLU F 29 -11.38 -0.09 12.22
CA GLU F 29 -10.41 0.64 13.04
C GLU F 29 -11.06 1.65 13.98
N LYS F 30 -12.13 2.30 13.55
CA LYS F 30 -12.73 3.39 14.31
C LYS F 30 -14.05 3.01 14.94
N ALA F 31 -14.60 1.85 14.61
CA ALA F 31 -15.90 1.39 15.07
C ALA F 31 -16.95 2.48 14.84
N PHE F 32 -17.64 2.91 15.88
CA PHE F 32 -18.63 3.97 15.75
C PHE F 32 -18.21 5.21 16.51
N SER F 33 -16.93 5.53 16.44
CA SER F 33 -16.47 6.84 16.84
C SER F 33 -17.10 7.90 15.94
N PRO F 34 -17.40 9.08 16.48
CA PRO F 34 -18.17 10.07 15.72
C PRO F 34 -17.55 10.42 14.37
N GLU F 35 -16.23 10.41 14.24
CA GLU F 35 -15.57 10.79 12.99
C GLU F 35 -15.90 9.83 11.85
N VAL F 36 -16.43 8.64 12.15
CA VAL F 36 -16.82 7.70 11.11
C VAL F 36 -17.92 8.29 10.23
N ILE F 37 -18.90 8.95 10.85
CA ILE F 37 -20.08 9.42 10.11
C ILE F 37 -19.72 10.36 8.97
N PRO F 38 -18.88 11.38 9.16
CA PRO F 38 -18.47 12.21 8.00
C PRO F 38 -17.76 11.42 6.91
N MET F 39 -16.99 10.39 7.28
CA MET F 39 -16.35 9.56 6.28
C MET F 39 -17.38 8.79 5.45
N PHE F 40 -18.40 8.21 6.09
CA PHE F 40 -19.44 7.54 5.32
C PHE F 40 -20.01 8.50 4.29
N SER F 41 -20.35 9.72 4.70
CA SER F 41 -20.92 10.66 3.75
C SER F 41 -19.95 10.95 2.60
N ALA F 42 -18.65 11.10 2.90
CA ALA F 42 -17.69 11.39 1.83
C ALA F 42 -17.45 10.18 0.94
N LEU F 43 -17.28 8.99 1.53
CA LEU F 43 -17.09 7.78 0.74
C LEU F 43 -18.31 7.39 -0.09
N SER F 44 -19.51 7.82 0.28
CA SER F 44 -20.73 7.48 -0.44
C SER F 44 -21.19 8.58 -1.40
N CYS F 45 -20.29 9.44 -1.84
CA CYS F 45 -20.63 10.50 -2.79
C CYS F 45 -21.20 9.93 -4.08
N GLY F 46 -22.37 10.44 -4.48
CA GLY F 46 -22.99 9.97 -5.71
C GLY F 46 -23.62 8.60 -5.66
N ALA F 47 -23.72 7.99 -4.48
CA ALA F 47 -24.17 6.62 -4.37
C ALA F 47 -25.63 6.47 -4.79
N THR F 48 -25.93 5.36 -5.47
CA THR F 48 -27.31 4.92 -5.61
C THR F 48 -27.73 4.29 -4.30
N PRO F 49 -29.03 4.11 -4.08
CA PRO F 49 -29.43 3.34 -2.89
C PRO F 49 -28.79 1.96 -2.78
N GLN F 50 -28.65 1.25 -3.91
CA GLN F 50 -27.94 -0.03 -3.91
C GLN F 50 -26.51 0.09 -3.35
N ASP F 51 -25.78 1.10 -3.81
CA ASP F 51 -24.40 1.27 -3.35
C ASP F 51 -24.36 1.50 -1.85
N LEU F 52 -25.28 2.31 -1.34
CA LEU F 52 -25.31 2.56 0.09
C LEU F 52 -25.57 1.27 0.84
N ASN F 53 -26.50 0.46 0.34
CA ASN F 53 -26.78 -0.84 0.95
C ASN F 53 -25.57 -1.75 0.86
N THR F 54 -24.88 -1.75 -0.28
CA THR F 54 -23.63 -2.50 -0.44
C THR F 54 -22.61 -2.16 0.63
N MET F 55 -22.36 -0.87 0.83
CA MET F 55 -21.39 -0.44 1.84
C MET F 55 -21.77 -0.93 3.23
N LEU F 56 -23.05 -0.81 3.61
CA LEU F 56 -23.48 -1.26 4.91
C LEU F 56 -23.38 -2.78 5.03
N ASN F 57 -23.72 -3.50 3.96
CA ASN F 57 -23.68 -4.95 3.97
C ASN F 57 -22.24 -5.45 3.99
N THR F 58 -21.29 -4.63 3.53
CA THR F 58 -19.89 -5.05 3.51
C THR F 58 -19.28 -5.02 4.90
N VAL F 59 -19.98 -4.43 5.87
CA VAL F 59 -19.51 -4.45 7.25
C VAL F 59 -19.74 -5.84 7.82
N GLY F 60 -18.69 -6.45 8.33
CA GLY F 60 -18.82 -7.82 8.81
C GLY F 60 -19.29 -7.92 10.25
N GLY F 61 -18.76 -7.08 11.11
CA GLY F 61 -19.13 -7.13 12.51
C GLY F 61 -20.30 -6.21 12.79
N HIS F 62 -20.48 -5.91 14.07
CA HIS F 62 -21.41 -4.88 14.54
C HIS F 62 -22.83 -5.10 14.01
N GLN F 63 -23.26 -6.37 13.92
CA GLN F 63 -24.56 -6.65 13.34
C GLN F 63 -25.71 -6.25 14.26
N ALA F 64 -25.47 -6.12 15.57
CA ALA F 64 -26.50 -5.55 16.43
C ALA F 64 -26.79 -4.12 16.01
N ALA F 65 -25.75 -3.31 15.82
CA ALA F 65 -25.95 -1.95 15.37
C ALA F 65 -26.63 -1.93 13.99
N MET F 66 -26.24 -2.84 13.11
CA MET F 66 -26.80 -2.85 11.76
C MET F 66 -28.30 -3.17 11.81
N GLN F 67 -28.70 -4.05 12.72
CA GLN F 67 -30.12 -4.31 12.91
C GLN F 67 -30.84 -3.05 13.40
N MET F 68 -30.18 -2.30 14.29
CA MET F 68 -30.69 -1.01 14.72
C MET F 68 -30.81 -0.04 13.56
N LEU F 69 -29.83 -0.02 12.66
CA LEU F 69 -29.91 0.85 11.48
C LEU F 69 -31.14 0.49 10.64
N LYS F 70 -31.41 -0.80 10.45
CA LYS F 70 -32.59 -1.19 9.68
C LYS F 70 -33.87 -0.66 10.33
N GLU F 71 -33.96 -0.75 11.65
CA GLU F 71 -35.11 -0.21 12.37
C GLU F 71 -35.26 1.28 12.12
N THR F 72 -34.15 2.02 12.19
CA THR F 72 -34.24 3.44 11.94
C THR F 72 -34.67 3.72 10.50
N ILE F 73 -34.10 2.99 9.55
CA ILE F 73 -34.49 3.14 8.14
C ILE F 73 -35.98 2.84 7.95
N ASN F 74 -36.47 1.75 8.55
CA ASN F 74 -37.89 1.42 8.39
C ASN F 74 -38.78 2.49 9.00
N GLU F 75 -38.38 3.02 10.16
CA GLU F 75 -39.12 4.13 10.75
C GLU F 75 -39.11 5.34 9.82
N GLU F 76 -37.95 5.68 9.27
CA GLU F 76 -37.84 6.82 8.38
C GLU F 76 -38.56 6.56 7.05
N ALA F 77 -38.54 5.32 6.59
CA ALA F 77 -39.27 4.96 5.38
C ALA F 77 -40.76 5.14 5.57
N ALA F 78 -41.28 4.74 6.72
CA ALA F 78 -42.71 4.86 7.00
C ALA F 78 -43.15 6.33 7.02
N GLU F 79 -42.34 7.20 7.62
CA GLU F 79 -42.67 8.61 7.64
C GLU F 79 -42.70 9.19 6.23
N TRP F 80 -41.80 8.73 5.36
CA TRP F 80 -41.87 9.12 3.96
C TRP F 80 -43.22 8.72 3.36
N ASP F 81 -43.64 7.47 3.56
CA ASP F 81 -44.91 7.05 2.97
C ASP F 81 -46.08 7.83 3.56
N ARG F 82 -46.02 8.11 4.86
CA ARG F 82 -47.06 8.90 5.53
C ARG F 82 -47.12 10.34 5.03
N LEU F 83 -45.98 10.97 4.80
CA LEU F 83 -45.98 12.35 4.34
C LEU F 83 -46.11 12.45 2.85
N HIS F 84 -45.81 11.36 2.16
CA HIS F 84 -45.84 11.31 0.70
C HIS F 84 -46.47 9.99 0.26
N PRO F 85 -47.79 9.85 0.38
CA PRO F 85 -48.41 8.62 -0.12
C PRO F 85 -48.31 8.67 -1.61
N VAL F 86 -48.10 9.88 -2.11
CA VAL F 86 -47.93 10.30 -3.48
C VAL F 86 -48.71 9.49 -4.51
N HIS F 87 -49.84 8.92 -4.12
CA HIS F 87 -50.62 8.15 -5.08
C HIS F 87 -51.38 9.08 -6.01
N ALA F 88 -51.11 10.39 -5.88
CA ALA F 88 -51.91 11.42 -6.53
C ALA F 88 -51.89 11.33 -8.05
N GLY F 89 -50.74 11.03 -8.64
CA GLY F 89 -50.61 11.01 -10.07
C GLY F 89 -51.71 10.22 -10.75
N PRO F 90 -52.45 10.85 -11.67
CA PRO F 90 -53.50 10.10 -12.39
C PRO F 90 -52.93 8.87 -13.08
N ILE F 91 -51.90 9.11 -13.91
CA ILE F 91 -51.10 8.07 -14.50
C ILE F 91 -49.81 8.78 -14.85
N ALA F 92 -48.74 8.04 -15.04
CA ALA F 92 -47.45 8.63 -15.33
C ALA F 92 -47.23 8.68 -16.84
N PRO F 93 -47.38 9.85 -17.51
CA PRO F 93 -47.26 9.92 -18.97
C PRO F 93 -45.86 9.58 -19.46
N GLY F 94 -44.89 10.39 -19.10
CA GLY F 94 -43.52 10.06 -19.45
C GLY F 94 -42.69 10.02 -18.22
N GLN F 95 -43.34 10.04 -17.08
CA GLN F 95 -42.57 10.03 -15.86
C GLN F 95 -42.77 8.64 -15.29
N MET F 96 -41.78 8.18 -14.55
CA MET F 96 -41.85 6.87 -13.93
C MET F 96 -42.79 6.99 -12.73
N ARG F 97 -42.70 6.08 -11.78
CA ARG F 97 -43.50 6.18 -10.59
C ARG F 97 -42.82 7.07 -9.52
N GLU F 98 -43.63 7.39 -8.51
CA GLU F 98 -43.05 8.23 -7.48
C GLU F 98 -42.37 7.27 -6.54
N PRO F 99 -41.16 7.55 -6.05
CA PRO F 99 -40.46 6.56 -5.25
C PRO F 99 -41.15 6.42 -3.92
N ARG F 100 -41.34 5.16 -3.53
CA ARG F 100 -41.85 4.85 -2.22
C ARG F 100 -40.73 4.68 -1.23
N GLY F 101 -41.12 4.55 0.05
CA GLY F 101 -40.11 4.33 1.08
C GLY F 101 -39.20 3.17 0.79
N SER F 102 -39.79 2.02 0.44
CA SER F 102 -39.02 0.82 0.11
C SER F 102 -38.23 0.97 -1.18
N ASP F 103 -38.66 1.84 -2.10
CA ASP F 103 -37.88 2.07 -3.30
C ASP F 103 -36.64 2.89 -2.99
N ILE F 104 -36.78 3.89 -2.11
CA ILE F 104 -35.63 4.69 -1.71
C ILE F 104 -34.61 3.84 -0.95
N ALA F 105 -35.07 2.93 -0.11
CA ALA F 105 -34.19 2.05 0.63
C ALA F 105 -33.62 0.90 -0.20
N GLY F 106 -33.96 0.80 -1.49
CA GLY F 106 -33.40 -0.23 -2.34
C GLY F 106 -33.98 -1.61 -2.15
N THR F 107 -35.13 -1.73 -1.46
CA THR F 107 -35.73 -3.03 -1.16
C THR F 107 -36.64 -3.49 -2.28
N THR F 108 -37.39 -2.57 -2.88
CA THR F 108 -38.33 -2.86 -3.96
C THR F 108 -37.97 -2.17 -5.25
N SER F 109 -36.79 -1.57 -5.33
CA SER F 109 -36.39 -0.90 -6.55
C SER F 109 -35.23 -1.61 -7.20
N THR F 110 -35.16 -1.51 -8.52
CA THR F 110 -34.04 -2.06 -9.25
C THR F 110 -33.01 -0.96 -9.40
N LEU F 111 -31.77 -1.37 -9.68
CA LEU F 111 -30.73 -0.38 -9.94
C LEU F 111 -31.19 0.55 -11.06
N GLN F 112 -31.82 -0.02 -12.10
CA GLN F 112 -32.25 0.77 -13.24
C GLN F 112 -33.31 1.79 -12.84
N GLU F 113 -34.25 1.41 -11.98
CA GLU F 113 -35.21 2.38 -11.46
C GLU F 113 -34.52 3.47 -10.65
N GLN F 114 -33.55 3.08 -9.82
CA GLN F 114 -32.79 4.04 -9.02
C GLN F 114 -32.07 5.03 -9.93
N ILE F 115 -31.42 4.52 -10.97
CA ILE F 115 -30.75 5.36 -11.96
C ILE F 115 -31.75 6.28 -12.66
N GLY F 116 -32.92 5.76 -13.02
CA GLY F 116 -33.95 6.60 -13.65
C GLY F 116 -34.34 7.82 -12.83
N TRP F 117 -34.59 7.64 -11.54
CA TRP F 117 -34.97 8.77 -10.68
C TRP F 117 -33.80 9.73 -10.51
N MET F 118 -32.61 9.19 -10.22
CA MET F 118 -31.43 10.03 -9.98
C MET F 118 -31.03 10.80 -11.21
N THR F 119 -31.30 10.27 -12.40
CA THR F 119 -30.91 10.93 -13.64
C THR F 119 -32.07 11.66 -14.29
N HIS F 120 -33.19 11.81 -13.58
CA HIS F 120 -34.32 12.50 -14.15
C HIS F 120 -34.03 14.00 -14.23
N ASN F 121 -34.81 14.68 -15.04
CA ASN F 121 -34.77 16.14 -15.09
C ASN F 121 -36.19 16.66 -14.84
N PRO F 122 -36.50 17.20 -13.66
CA PRO F 122 -35.64 17.40 -12.50
C PRO F 122 -35.33 16.10 -11.73
N PRO F 123 -34.16 16.05 -11.09
CA PRO F 123 -33.75 14.83 -10.39
C PRO F 123 -34.53 14.60 -9.10
N ILE F 124 -34.85 13.33 -8.87
CA ILE F 124 -35.42 12.85 -7.62
C ILE F 124 -34.29 12.19 -6.84
N PRO F 125 -33.71 12.84 -5.85
CA PRO F 125 -32.43 12.35 -5.31
C PRO F 125 -32.58 11.23 -4.28
N VAL F 126 -32.96 10.05 -4.78
CA VAL F 126 -33.24 8.93 -3.89
C VAL F 126 -31.99 8.52 -3.11
N GLY F 127 -30.82 8.68 -3.72
CA GLY F 127 -29.60 8.40 -2.99
C GLY F 127 -29.36 9.32 -1.81
N GLU F 128 -29.56 10.62 -2.00
CA GLU F 128 -29.35 11.57 -0.91
C GLU F 128 -30.38 11.37 0.19
N ILE F 129 -31.62 11.05 -0.18
CA ILE F 129 -32.66 10.82 0.82
C ILE F 129 -32.33 9.59 1.66
N TYR F 130 -31.95 8.50 1.01
CA TYR F 130 -31.58 7.30 1.76
C TYR F 130 -30.36 7.55 2.64
N LYS F 131 -29.37 8.28 2.13
CA LYS F 131 -28.18 8.57 2.92
C LYS F 131 -28.53 9.34 4.19
N ARG F 132 -29.47 10.28 4.08
CA ARG F 132 -29.96 11.00 5.26
C ARG F 132 -30.48 10.04 6.31
N TRP F 133 -31.30 9.08 5.89
CA TRP F 133 -31.84 8.13 6.85
C TRP F 133 -30.73 7.29 7.48
N ILE F 134 -29.77 6.87 6.67
CA ILE F 134 -28.68 6.05 7.19
C ILE F 134 -27.86 6.84 8.20
N ILE F 135 -27.59 8.10 7.90
CA ILE F 135 -26.82 8.92 8.83
C ILE F 135 -27.59 9.14 10.13
N LEU F 136 -28.91 9.34 10.04
CA LEU F 136 -29.72 9.42 11.25
C LEU F 136 -29.57 8.17 12.11
N GLY F 137 -29.60 7.00 11.48
CA GLY F 137 -29.41 5.76 12.23
C GLY F 137 -28.02 5.64 12.83
N LEU F 138 -26.99 5.97 12.04
CA LEU F 138 -25.63 5.90 12.54
C LEU F 138 -25.40 6.88 13.68
N ASN F 139 -25.98 8.08 13.60
CA ASN F 139 -25.88 9.05 14.69
C ASN F 139 -26.34 8.44 16.01
N LYS F 140 -27.49 7.73 16.01
CA LYS F 140 -27.98 7.10 17.24
C LYS F 140 -27.00 6.05 17.75
N ILE F 141 -26.41 5.29 16.84
CA ILE F 141 -25.45 4.26 17.23
C ILE F 141 -24.24 4.89 17.89
N VAL F 142 -23.71 5.95 17.29
CA VAL F 142 -22.57 6.67 17.87
C VAL F 142 -22.89 7.11 19.30
N ARG F 143 -24.10 7.61 19.53
CA ARG F 143 -24.47 8.05 20.88
C ARG F 143 -24.51 6.86 21.83
N MET F 144 -25.06 5.74 21.37
CA MET F 144 -25.18 4.55 22.21
C MET F 144 -23.81 4.06 22.63
N TYR F 145 -22.83 4.16 21.73
CA TYR F 145 -21.49 3.65 21.98
C TYR F 145 -20.60 4.68 22.65
N SER F 146 -21.13 5.86 22.99
CA SER F 146 -20.38 6.83 23.78
C SER F 146 -20.07 6.23 25.14
N PRO F 147 -18.79 6.11 25.52
CA PRO F 147 -18.48 5.40 26.78
C PRO F 147 -18.71 6.18 28.06
N THR F 148 -18.79 7.51 28.02
CA THR F 148 -18.85 8.32 29.23
C THR F 148 -19.89 9.43 29.07
N SER F 149 -20.62 9.75 30.13
CA SER F 149 -21.49 10.93 30.07
C SER F 149 -20.73 12.25 30.25
N ILE F 150 -21.19 13.28 29.51
CA ILE F 150 -20.59 14.60 29.64
C ILE F 150 -20.69 15.19 31.05
N LEU F 151 -21.76 14.88 31.79
CA LEU F 151 -21.89 15.35 33.17
C LEU F 151 -20.87 14.74 34.11
N ASP F 152 -20.39 13.56 33.74
CA ASP F 152 -19.42 12.71 34.43
C ASP F 152 -17.99 12.85 33.91
N ILE F 153 -17.73 13.80 33.02
CA ILE F 153 -16.37 14.03 32.57
C ILE F 153 -15.70 14.94 33.56
N ARG F 154 -14.64 14.41 34.17
CA ARG F 154 -13.91 15.03 35.26
C ARG F 154 -12.47 15.28 34.83
N GLN F 155 -12.02 16.50 35.05
CA GLN F 155 -10.60 16.80 34.88
C GLN F 155 -9.83 16.25 36.05
N GLY F 156 -8.74 15.54 35.79
CA GLY F 156 -7.97 15.13 36.93
C GLY F 156 -7.32 16.39 37.47
N PRO F 157 -6.96 16.37 38.75
CA PRO F 157 -6.26 17.52 39.36
C PRO F 157 -4.96 17.89 38.65
N LYS F 158 -4.25 16.90 38.13
CA LYS F 158 -2.95 17.11 37.50
C LYS F 158 -2.98 16.97 35.98
N GLU F 159 -4.17 16.90 35.39
CA GLU F 159 -4.32 16.73 33.95
C GLU F 159 -4.13 18.09 33.29
N PRO F 160 -3.23 18.22 32.32
CA PRO F 160 -3.14 19.48 31.58
C PRO F 160 -4.50 19.86 31.04
N PHE F 161 -4.80 21.16 31.14
CA PHE F 161 -6.10 21.66 30.71
C PHE F 161 -6.42 21.25 29.28
N ARG F 162 -5.44 21.31 28.38
CA ARG F 162 -5.68 20.90 27.00
C ARG F 162 -6.16 19.47 26.88
N ASP F 163 -5.60 18.55 27.67
CA ASP F 163 -6.01 17.15 27.56
C ASP F 163 -7.43 16.95 28.06
N TYR F 164 -7.81 17.65 29.13
CA TYR F 164 -9.19 17.60 29.61
C TYR F 164 -10.17 18.16 28.58
N VAL F 165 -9.85 19.31 27.98
CA VAL F 165 -10.74 19.90 26.98
C VAL F 165 -10.91 18.99 25.77
N ASP F 166 -9.84 18.35 25.32
CA ASP F 166 -9.95 17.34 24.26
C ASP F 166 -10.95 16.24 24.66
N ARG F 167 -10.83 15.73 25.88
CA ARG F 167 -11.75 14.69 26.33
C ARG F 167 -13.17 15.23 26.43
N PHE F 168 -13.33 16.46 26.91
CA PHE F 168 -14.64 17.06 27.10
C PHE F 168 -15.41 17.18 25.78
N TYR F 169 -14.79 17.80 24.77
CA TYR F 169 -15.49 18.02 23.50
C TYR F 169 -15.62 16.76 22.65
N LYS F 170 -14.76 15.76 22.82
CA LYS F 170 -15.00 14.49 22.14
C LYS F 170 -16.32 13.87 22.62
N THR F 171 -16.51 13.80 23.93
CA THR F 171 -17.76 13.28 24.49
C THR F 171 -18.97 14.13 24.08
N LEU F 172 -18.85 15.45 24.14
CA LEU F 172 -19.97 16.31 23.76
C LEU F 172 -20.38 16.04 22.31
N ARG F 173 -19.39 15.83 21.42
CA ARG F 173 -19.70 15.56 20.03
C ARG F 173 -20.52 14.29 19.87
N ALA F 174 -20.15 13.21 20.56
CA ALA F 174 -20.91 11.97 20.39
C ALA F 174 -22.31 12.08 20.99
N GLU F 175 -22.44 12.71 22.16
CA GLU F 175 -23.75 12.79 22.80
C GLU F 175 -24.69 13.76 22.09
N GLN F 176 -24.13 14.74 21.38
CA GLN F 176 -24.93 15.64 20.54
C GLN F 176 -25.16 15.07 19.15
N ALA F 177 -24.14 14.40 18.60
CA ALA F 177 -24.26 13.64 17.35
C ALA F 177 -24.89 14.49 16.23
N ASN F 183 -24.05 24.19 23.76
CA ASN F 183 -24.66 25.33 24.45
C ASN F 183 -23.71 25.91 25.50
N ALA F 184 -24.09 27.05 26.08
CA ALA F 184 -23.21 27.67 27.06
C ALA F 184 -23.21 26.89 28.37
N ALA F 185 -24.30 26.19 28.68
CA ALA F 185 -24.31 25.33 29.87
C ALA F 185 -23.14 24.37 29.87
N THR F 186 -22.67 23.95 28.69
CA THR F 186 -21.48 23.12 28.60
C THR F 186 -20.27 23.91 29.05
N GLU F 187 -20.07 25.11 28.48
CA GLU F 187 -19.01 26.02 28.94
C GLU F 187 -19.02 26.04 30.46
N THR F 188 -20.21 26.19 31.04
CA THR F 188 -20.29 26.33 32.49
C THR F 188 -19.81 25.03 33.10
N LEU F 189 -20.16 23.90 32.46
CA LEU F 189 -19.89 22.60 33.04
C LEU F 189 -18.38 22.36 32.93
N LEU F 190 -17.80 22.86 31.83
CA LEU F 190 -16.37 22.74 31.56
C LEU F 190 -15.54 23.42 32.64
N VAL F 191 -15.98 24.58 33.13
CA VAL F 191 -15.27 25.28 34.18
C VAL F 191 -15.52 24.59 35.51
N GLN F 192 -16.77 24.22 35.77
CA GLN F 192 -17.14 23.58 37.03
C GLN F 192 -16.40 22.26 37.22
N ASN F 193 -16.15 21.53 36.14
CA ASN F 193 -15.47 20.26 36.27
C ASN F 193 -13.95 20.37 36.19
N ALA F 194 -13.41 21.57 36.01
CA ALA F 194 -11.98 21.82 36.04
C ALA F 194 -11.42 21.73 37.46
N ASN F 195 -10.09 21.60 37.57
CA ASN F 195 -9.49 21.53 38.89
C ASN F 195 -9.40 22.94 39.50
N PRO F 196 -9.15 23.06 40.82
CA PRO F 196 -9.24 24.39 41.49
C PRO F 196 -8.45 25.58 40.95
N ASP F 197 -7.17 25.45 40.61
CA ASP F 197 -6.38 26.61 40.20
C ASP F 197 -6.86 27.22 38.87
N CYS F 198 -7.06 26.40 37.86
CA CYS F 198 -7.56 26.94 36.60
C CYS F 198 -8.92 27.57 36.79
N LYS F 199 -9.76 26.99 37.65
CA LYS F 199 -11.12 27.52 37.83
C LYS F 199 -11.05 28.97 38.28
N THR F 200 -10.17 29.29 39.24
CA THR F 200 -10.01 30.69 39.65
C THR F 200 -9.59 31.54 38.46
N ILE F 201 -8.67 31.03 37.64
CA ILE F 201 -8.23 31.73 36.45
C ILE F 201 -9.38 31.84 35.46
N LEU F 202 -10.12 30.75 35.25
CA LEU F 202 -11.22 30.77 34.30
C LEU F 202 -12.31 31.71 34.78
N LYS F 203 -12.61 31.68 36.09
CA LYS F 203 -13.58 32.60 36.66
C LYS F 203 -13.15 34.05 36.46
N ALA F 204 -11.86 34.32 36.64
CA ALA F 204 -11.31 35.65 36.50
C ALA F 204 -11.30 36.15 35.07
N LEU F 205 -11.37 35.26 34.07
CA LEU F 205 -11.36 35.78 32.70
C LEU F 205 -12.59 36.60 32.35
N GLY F 206 -13.73 36.35 32.95
CA GLY F 206 -14.86 37.19 32.63
C GLY F 206 -15.68 36.69 31.47
N PRO F 207 -16.72 37.46 31.15
CA PRO F 207 -17.61 37.09 30.04
C PRO F 207 -16.97 37.35 28.69
N GLY F 208 -17.42 36.58 27.71
CA GLY F 208 -16.99 36.72 26.33
C GLY F 208 -15.64 36.14 26.01
N ALA F 209 -15.07 35.32 26.90
CA ALA F 209 -13.80 34.69 26.61
C ALA F 209 -13.90 33.64 25.52
N THR F 210 -12.95 33.66 24.60
CA THR F 210 -12.88 32.68 23.54
C THR F 210 -12.29 31.40 24.11
N LEU F 211 -12.50 30.28 23.41
CA LEU F 211 -11.87 29.04 23.86
C LEU F 211 -10.37 29.25 23.89
N GLU F 212 -9.85 29.92 22.86
CA GLU F 212 -8.43 30.25 22.79
C GLU F 212 -7.96 31.00 24.02
N GLU F 213 -8.73 32.02 24.45
CA GLU F 213 -8.33 32.78 25.64
C GLU F 213 -8.33 31.92 26.88
N MET F 214 -9.33 31.05 27.05
CA MET F 214 -9.36 30.16 28.19
C MET F 214 -8.17 29.20 28.18
N MET F 215 -7.89 28.58 27.03
CA MET F 215 -6.78 27.64 26.95
C MET F 215 -5.41 28.29 27.08
N THR F 216 -5.24 29.48 26.49
CA THR F 216 -4.00 30.24 26.65
C THR F 216 -3.79 30.63 28.11
N ALA F 217 -4.86 31.12 28.75
CA ALA F 217 -4.83 31.55 30.15
C ALA F 217 -4.35 30.41 31.03
N CYS F 218 -4.81 29.20 30.73
CA CYS F 218 -4.58 27.94 31.43
C CYS F 218 -3.35 27.22 30.89
N GLN F 219 -2.59 27.88 30.04
CA GLN F 219 -1.34 27.32 29.53
C GLN F 219 -0.34 27.39 30.67
N GLY F 220 0.11 26.20 31.07
CA GLY F 220 0.89 26.03 32.27
C GLY F 220 -0.01 25.28 33.23
N VAL F 221 -0.94 26.01 33.87
CA VAL F 221 -1.89 25.48 34.85
C VAL F 221 -1.20 24.44 35.72
N GLY F 222 -0.06 24.84 36.30
CA GLY F 222 0.83 23.91 36.95
C GLY F 222 1.51 23.04 35.92
N PRO F 223 1.25 21.73 35.97
CA PRO F 223 1.76 20.77 34.98
C PRO F 223 1.33 21.12 33.56
N ASP G 1 47.93 -24.40 1.46
CA ASP G 1 46.86 -23.65 0.83
C ASP G 1 47.03 -23.63 -0.70
N VAL G 2 47.72 -22.63 -1.25
CA VAL G 2 47.89 -22.58 -2.70
C VAL G 2 49.34 -22.28 -3.05
N GLN G 3 49.97 -23.20 -3.78
CA GLN G 3 51.35 -23.08 -4.22
C GLN G 3 51.36 -23.13 -5.74
N LEU G 4 52.10 -22.22 -6.39
CA LEU G 4 52.25 -22.23 -7.84
C LEU G 4 53.75 -22.15 -8.16
N GLN G 5 54.14 -22.83 -9.25
CA GLN G 5 55.52 -22.91 -9.77
C GLN G 5 55.59 -22.89 -11.29
N GLU G 6 56.42 -21.99 -11.82
CA GLU G 6 56.73 -21.82 -13.24
C GLU G 6 57.68 -22.91 -13.73
N SER G 7 57.72 -23.07 -15.06
CA SER G 7 58.63 -24.01 -15.72
C SER G 7 58.68 -23.70 -17.20
N GLY G 8 59.61 -24.37 -17.89
CA GLY G 8 59.79 -24.12 -19.30
C GLY G 8 60.88 -23.13 -19.63
N GLY G 9 61.60 -22.60 -18.63
CA GLY G 9 62.64 -21.65 -18.92
C GLY G 9 63.95 -22.27 -19.31
N GLY G 10 64.75 -21.43 -19.98
CA GLY G 10 66.04 -21.81 -20.47
C GLY G 10 66.68 -20.69 -21.28
N LEU G 11 67.62 -21.11 -22.13
CA LEU G 11 68.49 -20.26 -22.92
C LEU G 11 68.01 -20.39 -24.35
N VAL G 12 67.82 -19.26 -25.02
CA VAL G 12 67.25 -19.24 -26.35
C VAL G 12 68.09 -18.23 -27.13
N GLN G 13 68.07 -18.38 -28.45
CA GLN G 13 68.76 -17.41 -29.28
C GLN G 13 67.96 -16.15 -29.52
N ALA G 14 68.66 -15.07 -29.90
CA ALA G 14 67.96 -13.86 -30.29
C ALA G 14 67.10 -14.21 -31.49
N GLY G 15 65.91 -13.65 -31.58
CA GLY G 15 65.11 -14.06 -32.71
C GLY G 15 64.44 -15.40 -32.57
N GLY G 16 64.10 -15.83 -31.35
CA GLY G 16 63.50 -17.13 -31.14
C GLY G 16 62.19 -17.08 -30.38
N SER G 17 61.66 -18.27 -30.10
CA SER G 17 60.41 -18.44 -29.39
C SER G 17 60.57 -19.48 -28.28
N LEU G 18 59.70 -19.38 -27.29
CA LEU G 18 59.67 -20.26 -26.13
C LEU G 18 58.26 -20.26 -25.54
N ARG G 19 57.89 -21.34 -24.87
CA ARG G 19 56.57 -21.41 -24.24
C ARG G 19 56.79 -21.75 -22.77
N LEU G 20 56.48 -20.77 -21.92
CA LEU G 20 56.51 -20.87 -20.47
C LEU G 20 55.16 -21.36 -19.95
N SER G 21 55.22 -22.09 -18.85
CA SER G 21 54.02 -22.64 -18.25
C SER G 21 54.04 -22.46 -16.75
N CYS G 22 52.89 -22.09 -16.20
CA CYS G 22 52.73 -21.79 -14.79
C CYS G 22 51.71 -22.81 -14.28
N ALA G 23 52.18 -23.74 -13.44
CA ALA G 23 51.40 -24.80 -12.83
C ALA G 23 50.78 -24.33 -11.53
N ALA G 24 49.50 -24.68 -11.33
CA ALA G 24 48.69 -24.27 -10.17
C ALA G 24 48.21 -25.52 -9.43
N SER G 25 48.17 -25.42 -8.11
CA SER G 25 47.58 -26.46 -7.28
C SER G 25 46.07 -26.33 -7.34
N GLY G 26 45.37 -27.43 -7.10
CA GLY G 26 43.95 -27.26 -7.30
C GLY G 26 43.56 -27.03 -8.75
N SER G 27 42.35 -26.50 -8.88
CA SER G 27 41.70 -26.15 -10.12
C SER G 27 41.97 -24.69 -10.46
N ILE G 28 42.28 -24.42 -11.73
CA ILE G 28 42.65 -23.07 -12.12
C ILE G 28 41.42 -22.16 -12.21
N SER G 29 40.23 -22.73 -12.40
CA SER G 29 39.04 -21.90 -12.49
C SER G 29 38.69 -21.25 -11.15
N ARG G 30 39.33 -21.66 -10.05
CA ARG G 30 39.01 -21.04 -8.76
C ARG G 30 39.71 -19.71 -8.56
N PHE G 31 40.83 -19.49 -9.26
CA PHE G 31 41.55 -18.22 -9.13
C PHE G 31 40.72 -17.14 -9.81
N ASN G 32 40.69 -15.95 -9.22
CA ASN G 32 39.94 -14.85 -9.79
C ASN G 32 40.75 -14.01 -10.76
N ALA G 33 42.07 -14.14 -10.72
CA ALA G 33 42.94 -13.46 -11.66
C ALA G 33 44.30 -14.11 -11.60
N MET G 34 44.96 -14.22 -12.75
CA MET G 34 46.34 -14.70 -12.81
C MET G 34 47.10 -13.86 -13.82
N GLY G 35 48.43 -13.93 -13.74
CA GLY G 35 49.23 -13.19 -14.68
C GLY G 35 50.72 -13.45 -14.50
N TRP G 36 51.50 -12.63 -15.21
CA TRP G 36 52.94 -12.78 -15.34
C TRP G 36 53.67 -11.45 -15.16
N TRP G 37 54.73 -11.46 -14.36
CA TRP G 37 55.65 -10.35 -14.26
C TRP G 37 57.06 -10.84 -14.56
N ARG G 38 57.94 -9.89 -14.87
CA ARG G 38 59.35 -10.17 -15.10
C ARG G 38 60.16 -9.04 -14.53
N GLN G 39 61.40 -9.37 -14.17
CA GLN G 39 62.37 -8.40 -13.69
C GLN G 39 63.74 -8.69 -14.28
N ALA G 40 64.33 -7.71 -14.85
CA ALA G 40 65.66 -8.02 -15.30
C ALA G 40 66.64 -7.57 -14.21
N PRO G 41 67.81 -8.20 -14.14
CA PRO G 41 68.78 -7.87 -13.08
C PRO G 41 69.16 -6.39 -13.09
N GLY G 42 68.93 -5.74 -11.94
CA GLY G 42 69.24 -4.32 -11.78
C GLY G 42 68.14 -3.36 -12.19
N LYS G 43 67.09 -3.85 -12.86
CA LYS G 43 65.95 -3.12 -13.40
C LYS G 43 64.72 -3.28 -12.51
N GLU G 44 63.83 -2.29 -12.59
CA GLU G 44 62.64 -2.32 -11.74
C GLU G 44 61.72 -3.43 -12.24
N ARG G 45 60.94 -3.99 -11.32
CA ARG G 45 59.97 -5.01 -11.69
C ARG G 45 59.11 -4.50 -12.83
N GLU G 46 59.00 -5.28 -13.91
CA GLU G 46 58.23 -4.86 -15.06
C GLU G 46 57.00 -5.76 -15.24
N PHE G 47 55.89 -5.14 -15.61
CA PHE G 47 54.62 -5.85 -15.78
C PHE G 47 54.51 -6.54 -17.13
N VAL G 48 54.06 -7.80 -17.15
CA VAL G 48 54.02 -8.51 -18.41
C VAL G 48 52.58 -8.81 -18.87
N ALA G 49 51.82 -9.59 -18.08
CA ALA G 49 50.47 -9.99 -18.50
C ALA G 49 49.53 -10.25 -17.33
N ARG G 50 48.21 -10.14 -17.58
CA ARG G 50 47.17 -10.40 -16.56
C ARG G 50 45.95 -10.99 -17.27
N ILE G 51 45.31 -11.96 -16.62
CA ILE G 51 44.00 -12.51 -17.00
C ILE G 51 43.17 -12.58 -15.72
N VAL G 52 42.02 -11.91 -15.75
CA VAL G 52 41.03 -11.90 -14.69
C VAL G 52 39.82 -12.76 -15.06
N LYS G 53 39.24 -13.44 -14.05
CA LYS G 53 38.21 -14.45 -14.27
C LYS G 53 37.06 -13.83 -15.04
N GLY G 54 36.74 -14.40 -16.20
CA GLY G 54 35.68 -13.83 -16.99
C GLY G 54 36.17 -12.70 -17.87
N GLY G 55 37.48 -12.63 -18.10
CA GLY G 55 38.05 -11.49 -18.76
C GLY G 55 39.01 -11.83 -19.87
N TYR G 56 39.05 -10.93 -20.85
CA TYR G 56 40.02 -11.04 -21.93
C TYR G 56 41.39 -10.59 -21.45
N ALA G 57 42.41 -11.31 -21.90
CA ALA G 57 43.74 -11.04 -21.44
C ALA G 57 44.20 -9.71 -22.00
N VAL G 58 45.02 -9.04 -21.21
CA VAL G 58 45.55 -7.72 -21.55
C VAL G 58 47.07 -7.90 -21.49
N LEU G 59 47.78 -7.35 -22.48
CA LEU G 59 49.22 -7.56 -22.52
C LEU G 59 49.96 -6.23 -22.51
N ALA G 60 51.20 -6.27 -22.02
CA ALA G 60 52.03 -5.07 -22.01
C ALA G 60 52.41 -4.66 -23.43
N ASP G 61 52.77 -3.37 -23.56
CA ASP G 61 53.09 -2.77 -24.86
C ASP G 61 54.41 -3.28 -25.44
N SER G 62 55.41 -3.58 -24.61
CA SER G 62 56.71 -4.07 -25.07
C SER G 62 56.65 -5.48 -25.65
N VAL G 63 55.49 -6.14 -25.51
CA VAL G 63 55.27 -7.54 -25.89
C VAL G 63 53.99 -7.70 -26.68
N LYS G 64 53.21 -6.62 -26.83
CA LYS G 64 51.82 -6.60 -27.28
C LYS G 64 51.62 -7.35 -28.60
N GLY G 65 52.55 -7.17 -29.52
CA GLY G 65 52.43 -7.83 -30.80
C GLY G 65 52.70 -9.33 -30.76
N ARG G 66 53.39 -9.82 -29.73
CA ARG G 66 53.95 -11.17 -29.78
C ARG G 66 53.44 -12.27 -28.85
N PHE G 67 53.85 -12.19 -27.59
CA PHE G 67 53.57 -13.19 -26.58
C PHE G 67 52.07 -13.46 -26.54
N THR G 68 51.68 -14.64 -26.07
CA THR G 68 50.29 -15.00 -25.86
C THR G 68 50.18 -15.75 -24.55
N ILE G 69 49.07 -15.55 -23.87
CA ILE G 69 48.75 -16.17 -22.58
C ILE G 69 47.57 -17.09 -22.79
N SER G 70 47.66 -18.28 -22.21
CA SER G 70 46.59 -19.25 -22.40
C SER G 70 46.30 -19.94 -21.09
N ILE G 71 45.11 -20.52 -21.04
CA ILE G 71 44.64 -21.23 -19.87
C ILE G 71 44.18 -22.63 -20.26
N ASP G 72 44.66 -23.63 -19.55
CA ASP G 72 44.21 -24.98 -19.84
C ASP G 72 43.46 -25.39 -18.56
N SER G 73 42.12 -25.37 -18.61
CA SER G 73 41.42 -25.77 -17.39
C SER G 73 41.50 -27.27 -17.19
N ALA G 74 41.70 -28.02 -18.27
CA ALA G 74 41.86 -29.47 -18.19
C ALA G 74 43.12 -29.86 -17.43
N GLU G 75 44.27 -29.27 -17.81
CA GLU G 75 45.56 -29.53 -17.20
C GLU G 75 45.88 -28.62 -16.02
N ASN G 76 44.98 -27.70 -15.69
CA ASN G 76 45.13 -26.74 -14.59
C ASN G 76 46.39 -25.88 -14.72
N THR G 77 46.69 -25.39 -15.91
CA THR G 77 47.93 -24.65 -16.07
C THR G 77 47.65 -23.38 -16.85
N LEU G 78 48.45 -22.35 -16.60
CA LEU G 78 48.31 -21.10 -17.34
C LEU G 78 49.62 -20.93 -18.12
N ALA G 79 49.51 -20.90 -19.44
CA ALA G 79 50.67 -20.91 -20.33
C ALA G 79 50.91 -19.53 -20.91
N LEU G 80 52.18 -19.15 -21.01
CA LEU G 80 52.60 -17.96 -21.74
C LEU G 80 53.61 -18.39 -22.81
N GLN G 81 53.16 -18.30 -24.06
CA GLN G 81 53.95 -18.62 -25.24
C GLN G 81 54.68 -17.38 -25.67
N MET G 82 56.00 -17.47 -25.75
CA MET G 82 56.81 -16.32 -26.09
C MET G 82 57.38 -16.54 -27.48
N ASN G 83 57.17 -15.55 -28.34
CA ASN G 83 57.64 -15.62 -29.70
C ASN G 83 58.37 -14.32 -30.05
N ARG G 84 59.20 -14.40 -31.09
CA ARG G 84 59.98 -13.26 -31.59
C ARG G 84 60.80 -12.60 -30.49
N LEU G 85 61.52 -13.43 -29.75
CA LEU G 85 62.27 -13.00 -28.58
C LEU G 85 63.42 -12.09 -29.00
N LYS G 86 63.74 -11.12 -28.16
CA LYS G 86 64.80 -10.17 -28.48
C LYS G 86 65.85 -10.38 -27.40
N PRO G 87 67.08 -9.94 -27.63
CA PRO G 87 68.08 -10.06 -26.54
C PRO G 87 67.69 -9.33 -25.27
N GLU G 88 67.01 -8.20 -25.34
CA GLU G 88 66.54 -7.49 -24.14
C GLU G 88 65.51 -8.28 -23.34
N ASP G 89 64.95 -9.38 -23.87
CA ASP G 89 63.99 -10.13 -23.09
C ASP G 89 64.63 -11.00 -22.03
N THR G 90 65.96 -11.09 -22.01
CA THR G 90 66.63 -11.83 -20.97
C THR G 90 66.27 -11.16 -19.66
N ALA G 91 65.69 -11.91 -18.74
CA ALA G 91 65.23 -11.36 -17.46
C ALA G 91 64.78 -12.53 -16.61
N VAL G 92 64.51 -12.24 -15.34
CA VAL G 92 63.86 -13.20 -14.46
C VAL G 92 62.34 -13.06 -14.52
N TYR G 93 61.66 -14.18 -14.76
CA TYR G 93 60.21 -14.23 -14.97
C TYR G 93 59.48 -14.86 -13.78
N TYR G 94 58.43 -14.19 -13.31
CA TYR G 94 57.58 -14.60 -12.19
C TYR G 94 56.13 -14.73 -12.63
N CYS G 95 55.42 -15.78 -12.19
CA CYS G 95 53.97 -15.87 -12.32
C CYS G 95 53.25 -15.43 -11.04
N PHE G 96 52.02 -14.87 -11.17
CA PHE G 96 51.20 -14.55 -10.00
C PHE G 96 49.76 -15.03 -10.15
N ALA G 97 49.13 -15.35 -9.01
CA ALA G 97 47.72 -15.77 -8.92
C ALA G 97 46.99 -15.06 -7.78
N ALA G 98 45.70 -14.75 -7.99
CA ALA G 98 44.89 -14.00 -7.03
C ALA G 98 43.77 -14.86 -6.44
N LEU G 99 43.78 -15.07 -5.12
CA LEU G 99 42.68 -15.71 -4.39
C LEU G 99 42.30 -14.91 -3.14
N ASP G 100 42.62 -15.42 -1.94
CA ASP G 100 42.43 -14.64 -0.72
C ASP G 100 43.51 -13.58 -0.54
N THR G 101 44.66 -13.79 -1.17
CA THR G 101 45.70 -12.79 -1.35
C THR G 101 46.39 -13.11 -2.66
N ALA G 102 47.47 -12.41 -2.97
CA ALA G 102 48.23 -12.72 -4.18
C ALA G 102 49.36 -13.69 -3.86
N TYR G 103 49.45 -14.76 -4.67
CA TYR G 103 50.49 -15.77 -4.53
C TYR G 103 51.40 -15.74 -5.74
N TRP G 104 52.70 -15.94 -5.50
CA TRP G 104 53.71 -15.90 -6.55
C TRP G 104 54.51 -17.19 -6.54
N GLY G 105 54.98 -17.61 -7.72
CA GLY G 105 56.01 -18.61 -7.80
C GLY G 105 57.36 -17.99 -7.54
N GLN G 106 58.39 -18.84 -7.53
CA GLN G 106 59.74 -18.31 -7.33
C GLN G 106 60.37 -17.84 -8.63
N GLY G 107 59.83 -18.23 -9.76
CA GLY G 107 60.28 -17.72 -11.04
C GLY G 107 61.12 -18.73 -11.81
N THR G 108 61.19 -18.49 -13.13
CA THR G 108 62.03 -19.25 -14.04
C THR G 108 62.82 -18.27 -14.91
N GLN G 109 64.09 -18.60 -15.13
CA GLN G 109 65.03 -17.74 -15.83
C GLN G 109 64.89 -17.91 -17.34
N VAL G 110 64.80 -16.79 -18.06
CA VAL G 110 64.76 -16.76 -19.52
C VAL G 110 65.93 -15.90 -19.99
N THR G 111 66.77 -16.47 -20.87
CA THR G 111 68.02 -15.84 -21.29
C THR G 111 68.09 -15.85 -22.82
N VAL G 112 68.16 -14.66 -23.41
CA VAL G 112 68.26 -14.47 -24.85
C VAL G 112 69.63 -13.90 -25.21
N SER G 113 70.37 -14.59 -26.08
CA SER G 113 71.74 -14.23 -26.40
C SER G 113 72.17 -14.90 -27.71
N ASP H 1 14.89 -55.48 -2.09
CA ASP H 1 14.32 -54.20 -2.47
C ASP H 1 13.58 -54.30 -3.81
N VAL H 2 14.25 -54.05 -4.93
CA VAL H 2 13.58 -54.15 -6.22
C VAL H 2 14.44 -54.91 -7.22
N GLN H 3 13.92 -56.03 -7.72
CA GLN H 3 14.62 -56.86 -8.69
C GLN H 3 13.75 -56.95 -9.95
N LEU H 4 14.36 -56.76 -11.13
CA LEU H 4 13.65 -56.90 -12.39
C LEU H 4 14.46 -57.84 -13.30
N GLN H 5 13.73 -58.62 -14.11
CA GLN H 5 14.25 -59.59 -15.08
C GLN H 5 13.46 -59.64 -16.39
N GLU H 6 14.19 -59.55 -17.50
CA GLU H 6 13.70 -59.64 -18.88
C GLU H 6 13.40 -61.09 -19.26
N SER H 7 12.61 -61.23 -20.32
CA SER H 7 12.26 -62.54 -20.86
C SER H 7 11.65 -62.35 -22.24
N GLY H 8 11.46 -63.47 -22.95
CA GLY H 8 10.93 -63.41 -24.29
C GLY H 8 11.98 -63.43 -25.39
N GLY H 9 13.27 -63.52 -25.03
CA GLY H 9 14.30 -63.51 -26.05
C GLY H 9 14.57 -64.86 -26.68
N GLY H 10 15.17 -64.79 -27.86
CA GLY H 10 15.48 -65.97 -28.64
C GLY H 10 16.05 -65.60 -29.99
N LEU H 11 15.93 -66.54 -30.91
CA LEU H 11 16.50 -66.50 -32.25
C LEU H 11 15.35 -66.28 -33.21
N VAL H 12 15.50 -65.31 -34.11
CA VAL H 12 14.45 -64.93 -35.03
C VAL H 12 15.13 -64.72 -36.38
N GLN H 13 14.33 -64.83 -37.45
CA GLN H 13 14.84 -64.58 -38.78
C GLN H 13 14.89 -63.10 -39.14
N ALA H 14 15.73 -62.78 -40.14
CA ALA H 14 15.74 -61.42 -40.64
C ALA H 14 14.34 -61.11 -41.15
N GLY H 15 13.86 -59.89 -40.95
CA GLY H 15 12.51 -59.67 -41.41
C GLY H 15 11.43 -60.22 -40.50
N GLY H 16 11.66 -60.29 -39.20
CA GLY H 16 10.68 -60.85 -38.30
C GLY H 16 10.31 -59.92 -37.16
N SER H 17 9.47 -60.46 -36.27
CA SER H 17 8.99 -59.73 -35.10
C SER H 17 9.11 -60.60 -33.86
N LEU H 18 9.17 -59.93 -32.71
CA LEU H 18 9.29 -60.56 -31.40
C LEU H 18 8.74 -59.61 -30.36
N ARG H 19 8.26 -60.14 -29.23
CA ARG H 19 7.76 -59.29 -28.17
C ARG H 19 8.51 -59.67 -26.89
N LEU H 20 9.34 -58.73 -26.43
CA LEU H 20 10.10 -58.82 -25.18
C LEU H 20 9.28 -58.26 -24.03
N SER H 21 9.50 -58.82 -22.84
CA SER H 21 8.78 -58.41 -21.65
C SER H 21 9.74 -58.28 -20.48
N CYS H 22 9.54 -57.23 -19.70
CA CYS H 22 10.38 -56.88 -18.57
C CYS H 22 9.46 -56.95 -17.36
N ALA H 23 9.70 -57.94 -16.51
CA ALA H 23 8.95 -58.21 -15.28
C ALA H 23 9.55 -57.44 -14.11
N ALA H 24 8.68 -56.82 -13.30
CA ALA H 24 9.06 -56.00 -12.15
C ALA H 24 8.43 -56.60 -10.89
N SER H 25 9.19 -56.51 -9.78
CA SER H 25 8.67 -56.88 -8.47
C SER H 25 7.81 -55.75 -7.95
N GLY H 26 6.88 -56.07 -7.06
CA GLY H 26 6.01 -54.97 -6.71
C GLY H 26 5.10 -54.52 -7.84
N SER H 27 4.60 -53.31 -7.67
CA SER H 27 3.71 -52.60 -8.58
C SER H 27 4.52 -51.72 -9.52
N ILE H 28 4.16 -51.75 -10.81
CA ILE H 28 4.93 -51.02 -11.80
C ILE H 28 4.63 -49.52 -11.72
N SER H 29 3.47 -49.13 -11.19
CA SER H 29 3.14 -47.73 -11.08
C SER H 29 4.01 -46.99 -10.06
N ARG H 30 4.78 -47.70 -9.24
CA ARG H 30 5.64 -47.03 -8.28
C ARG H 30 6.93 -46.52 -8.89
N PHE H 31 7.36 -47.12 -9.99
CA PHE H 31 8.58 -46.69 -10.65
C PHE H 31 8.32 -45.32 -11.28
N ASN H 32 9.30 -44.43 -11.22
CA ASN H 32 9.12 -43.12 -11.82
C ASN H 32 9.56 -43.06 -13.28
N ALA H 33 10.31 -44.06 -13.73
CA ALA H 33 10.72 -44.16 -15.13
C ALA H 33 11.24 -45.57 -15.38
N MET H 34 10.96 -46.10 -16.56
CA MET H 34 11.52 -47.37 -16.99
C MET H 34 11.90 -47.29 -18.45
N GLY H 35 12.73 -48.22 -18.88
CA GLY H 35 13.12 -48.23 -20.29
C GLY H 35 14.02 -49.41 -20.64
N TRP H 36 14.56 -49.34 -21.86
CA TRP H 36 15.29 -50.42 -22.51
C TRP H 36 16.57 -49.93 -23.16
N TRP H 37 17.66 -50.64 -22.91
CA TRP H 37 18.91 -50.45 -23.63
C TRP H 37 19.34 -51.76 -24.25
N ARG H 38 20.25 -51.66 -25.22
CA ARG H 38 20.83 -52.82 -25.87
C ARG H 38 22.29 -52.55 -26.14
N GLN H 39 23.06 -53.63 -26.22
CA GLN H 39 24.48 -53.58 -26.56
C GLN H 39 24.84 -54.71 -27.50
N ALA H 40 25.43 -54.39 -28.58
CA ALA H 40 25.84 -55.52 -29.38
C ALA H 40 27.29 -55.85 -29.05
N PRO H 41 27.69 -57.10 -29.22
CA PRO H 41 29.05 -57.52 -28.86
C PRO H 41 30.11 -56.69 -29.58
N GLY H 42 30.98 -56.06 -28.78
CA GLY H 42 32.05 -55.23 -29.32
C GLY H 42 31.68 -53.78 -29.56
N LYS H 43 30.39 -53.44 -29.49
CA LYS H 43 29.81 -52.13 -29.74
C LYS H 43 29.46 -51.42 -28.44
N GLU H 44 29.44 -50.07 -28.50
CA GLU H 44 29.17 -49.30 -27.30
C GLU H 44 27.70 -49.46 -26.94
N ARG H 45 27.41 -49.34 -25.64
CA ARG H 45 26.02 -49.41 -25.20
C ARG H 45 25.15 -48.44 -25.99
N GLU H 46 24.06 -48.95 -26.56
CA GLU H 46 23.17 -48.12 -27.36
C GLU H 46 21.80 -47.99 -26.68
N PHE H 47 21.24 -46.79 -26.77
CA PHE H 47 19.96 -46.46 -26.15
C PHE H 47 18.78 -46.92 -26.99
N VAL H 48 17.77 -47.55 -26.35
CA VAL H 48 16.66 -48.06 -27.12
C VAL H 48 15.35 -47.31 -26.81
N ALA H 49 14.87 -47.37 -25.56
CA ALA H 49 13.58 -46.77 -25.21
C ALA H 49 13.50 -46.33 -23.75
N ARG H 50 12.61 -45.36 -23.47
CA ARG H 50 12.39 -44.88 -22.10
C ARG H 50 10.90 -44.52 -21.98
N ILE H 51 10.32 -44.83 -20.83
CA ILE H 51 8.97 -44.37 -20.45
C ILE H 51 9.08 -43.87 -19.02
N VAL H 52 8.73 -42.63 -18.85
CA VAL H 52 8.65 -41.92 -17.59
C VAL H 52 7.22 -41.73 -17.08
N LYS H 53 7.07 -41.80 -15.73
CA LYS H 53 5.76 -41.82 -15.09
C LYS H 53 4.98 -40.58 -15.51
N GLY H 54 3.80 -40.76 -16.11
CA GLY H 54 3.07 -39.57 -16.54
C GLY H 54 3.51 -39.08 -17.89
N GLY H 55 4.24 -39.93 -18.61
CA GLY H 55 4.91 -39.49 -19.82
C GLY H 55 4.74 -40.39 -21.02
N TYR H 56 4.72 -39.73 -22.18
CA TYR H 56 4.66 -40.45 -23.42
C TYR H 56 6.03 -41.03 -23.78
N ALA H 57 5.99 -42.24 -24.31
CA ALA H 57 7.22 -42.95 -24.60
C ALA H 57 7.94 -42.26 -25.74
N VAL H 58 9.25 -42.33 -25.66
CA VAL H 58 10.15 -41.72 -26.64
C VAL H 58 11.01 -42.88 -27.15
N LEU H 59 11.21 -42.95 -28.46
CA LEU H 59 11.95 -44.08 -28.99
C LEU H 59 13.17 -43.63 -29.78
N ALA H 60 14.18 -44.50 -29.84
CA ALA H 60 15.38 -44.18 -30.61
C ALA H 60 15.07 -44.15 -32.11
N ASP H 61 15.95 -43.44 -32.84
CA ASP H 61 15.78 -43.22 -34.27
C ASP H 61 15.98 -44.48 -35.11
N SER H 62 16.89 -45.39 -34.69
CA SER H 62 17.15 -46.62 -35.43
C SER H 62 15.99 -47.62 -35.35
N VAL H 63 14.99 -47.31 -34.51
CA VAL H 63 13.85 -48.18 -34.19
C VAL H 63 12.55 -47.41 -34.26
N LYS H 64 12.61 -46.09 -34.47
CA LYS H 64 11.52 -45.14 -34.27
C LYS H 64 10.27 -45.58 -35.02
N GLY H 65 10.45 -46.07 -36.24
CA GLY H 65 9.34 -46.49 -37.04
C GLY H 65 8.71 -47.80 -36.57
N ARG H 66 9.45 -48.62 -35.80
CA ARG H 66 9.04 -50.01 -35.58
C ARG H 66 8.60 -50.45 -34.20
N PHE H 67 9.57 -50.64 -33.31
CA PHE H 67 9.34 -51.17 -31.98
C PHE H 67 8.26 -50.35 -31.25
N THR H 68 7.61 -50.98 -30.28
CA THR H 68 6.64 -50.31 -29.41
C THR H 68 6.85 -50.79 -27.98
N ILE H 69 6.65 -49.88 -27.03
CA ILE H 69 6.79 -50.11 -25.60
C ILE H 69 5.45 -49.96 -24.92
N SER H 70 5.14 -50.89 -24.01
CA SER H 70 3.83 -50.86 -23.36
C SER H 70 3.99 -51.19 -21.88
N ILE H 71 2.97 -50.81 -21.12
CA ILE H 71 2.93 -51.04 -19.68
C ILE H 71 1.63 -51.74 -19.34
N ASP H 72 1.72 -52.82 -18.60
CA ASP H 72 0.52 -53.52 -18.15
C ASP H 72 0.55 -53.33 -16.64
N SER H 73 -0.28 -52.41 -16.13
CA SER H 73 -0.26 -52.23 -14.69
C SER H 73 -0.94 -53.39 -13.99
N ALA H 74 -1.84 -54.08 -14.69
CA ALA H 74 -2.52 -55.25 -14.15
C ALA H 74 -1.55 -56.40 -13.90
N GLU H 75 -0.73 -56.72 -14.89
CA GLU H 75 0.27 -57.79 -14.81
C GLU H 75 1.63 -57.33 -14.30
N ASN H 76 1.77 -56.04 -14.00
CA ASN H 76 3.01 -55.44 -13.50
C ASN H 76 4.21 -55.66 -14.43
N THR H 77 4.02 -55.50 -15.73
CA THR H 77 5.11 -55.80 -16.64
C THR H 77 5.22 -54.67 -17.66
N LEU H 78 6.42 -54.45 -18.16
CA LEU H 78 6.64 -53.43 -19.19
C LEU H 78 7.11 -54.18 -20.43
N ALA H 79 6.33 -54.11 -21.51
CA ALA H 79 6.55 -54.90 -22.72
C ALA H 79 7.16 -54.04 -23.81
N LEU H 80 8.09 -54.62 -24.54
CA LEU H 80 8.62 -54.04 -25.77
C LEU H 80 8.40 -55.05 -26.89
N GLN H 81 7.49 -54.68 -27.79
CA GLN H 81 7.14 -55.48 -28.96
C GLN H 81 8.06 -55.08 -30.09
N MET H 82 8.77 -56.06 -30.63
CA MET H 82 9.73 -55.79 -31.68
C MET H 82 9.20 -56.32 -32.99
N ASN H 83 9.17 -55.44 -33.99
CA ASN H 83 8.69 -55.78 -35.31
C ASN H 83 9.69 -55.32 -36.36
N ARG H 84 9.57 -55.92 -37.55
CA ARG H 84 10.42 -55.58 -38.69
C ARG H 84 11.91 -55.67 -38.36
N LEU H 85 12.29 -56.77 -37.73
CA LEU H 85 13.64 -56.97 -37.23
C LEU H 85 14.62 -57.08 -38.38
N LYS H 86 15.83 -56.59 -38.15
CA LYS H 86 16.90 -56.58 -39.13
C LYS H 86 18.03 -57.43 -38.58
N PRO H 87 18.94 -57.91 -39.45
CA PRO H 87 20.08 -58.67 -38.92
C PRO H 87 20.94 -57.88 -37.96
N GLU H 88 21.09 -56.57 -38.18
CA GLU H 88 21.83 -55.72 -37.25
C GLU H 88 21.18 -55.62 -35.88
N ASP H 89 19.94 -56.06 -35.71
CA ASP H 89 19.35 -55.98 -34.39
C ASP H 89 19.83 -57.06 -33.45
N THR H 90 20.63 -58.01 -33.95
CA THR H 90 21.20 -59.02 -33.07
C THR H 90 22.07 -58.27 -32.09
N ALA H 91 21.79 -58.44 -30.80
CA ALA H 91 22.50 -57.71 -29.75
C ALA H 91 22.04 -58.27 -28.41
N VAL H 92 22.73 -57.87 -27.36
CA VAL H 92 22.28 -58.14 -26.00
C VAL H 92 21.39 -57.00 -25.50
N TYR H 93 20.21 -57.36 -25.00
CA TYR H 93 19.17 -56.41 -24.57
C TYR H 93 19.02 -56.38 -23.05
N TYR H 94 19.01 -55.17 -22.49
CA TYR H 94 18.88 -54.90 -21.05
C TYR H 94 17.66 -53.99 -20.79
N CYS H 95 16.87 -54.29 -19.76
CA CYS H 95 15.85 -53.38 -19.25
C CYS H 95 16.35 -52.56 -18.06
N PHE H 96 15.82 -51.33 -17.88
CA PHE H 96 16.14 -50.53 -16.68
C PHE H 96 14.89 -49.94 -16.03
N ALA H 97 14.96 -49.74 -14.70
CA ALA H 97 13.92 -49.12 -13.87
C ALA H 97 14.48 -48.09 -12.89
N ALA H 98 13.73 -47.02 -12.63
CA ALA H 98 14.16 -45.91 -11.77
C ALA H 98 13.30 -45.80 -10.50
N LEU H 99 13.94 -45.94 -9.32
CA LEU H 99 13.25 -45.64 -8.06
C LEU H 99 14.07 -44.75 -7.12
N ASP H 100 14.60 -45.29 -6.01
CA ASP H 100 15.53 -44.51 -5.18
C ASP H 100 16.92 -44.47 -5.79
N THR H 101 17.22 -45.44 -6.66
CA THR H 101 18.39 -45.44 -7.52
C THR H 101 17.98 -46.18 -8.78
N ALA H 102 18.92 -46.42 -9.69
CA ALA H 102 18.63 -47.16 -10.91
C ALA H 102 18.92 -48.66 -10.82
N TYR H 103 17.93 -49.48 -11.23
CA TYR H 103 18.05 -50.92 -11.24
C TYR H 103 17.99 -51.48 -12.67
N TRP H 104 18.79 -52.51 -12.93
CA TRP H 104 18.89 -53.15 -14.24
C TRP H 104 18.62 -54.65 -14.11
N GLY H 105 18.04 -55.25 -15.15
CA GLY H 105 18.05 -56.69 -15.26
C GLY H 105 19.38 -57.17 -15.81
N GLN H 106 19.54 -58.48 -15.90
CA GLN H 106 20.77 -59.03 -16.46
C GLN H 106 20.71 -59.11 -17.99
N GLY H 107 19.53 -59.03 -18.57
CA GLY H 107 19.39 -58.97 -20.01
C GLY H 107 18.91 -60.28 -20.61
N THR H 108 18.36 -60.15 -21.83
CA THR H 108 17.95 -61.28 -22.64
C THR H 108 18.51 -61.12 -24.05
N GLN H 109 18.99 -62.23 -24.61
CA GLN H 109 19.67 -62.22 -25.90
C GLN H 109 18.66 -62.27 -27.04
N VAL H 110 18.84 -61.39 -28.02
CA VAL H 110 18.04 -61.35 -29.24
C VAL H 110 18.97 -61.51 -30.43
N THR H 111 18.70 -62.51 -31.28
CA THR H 111 19.59 -62.90 -32.36
C THR H 111 18.80 -62.97 -33.66
N VAL H 112 19.18 -62.14 -34.63
CA VAL H 112 18.56 -62.09 -35.95
C VAL H 112 19.54 -62.58 -37.02
N SER H 113 19.13 -63.60 -37.78
CA SER H 113 20.01 -64.26 -38.74
C SER H 113 19.17 -65.05 -39.74
N ASP I 1 -27.68 -43.64 23.33
CA ASP I 1 -27.44 -42.53 22.42
C ASP I 1 -28.64 -42.28 21.50
N VAL I 2 -28.68 -42.90 20.32
CA VAL I 2 -29.80 -42.69 19.42
C VAL I 2 -30.29 -44.01 18.86
N GLN I 3 -31.56 -44.33 19.10
CA GLN I 3 -32.17 -45.56 18.62
C GLN I 3 -33.37 -45.18 17.76
N LEU I 4 -33.50 -45.78 16.58
CA LEU I 4 -34.64 -45.55 15.70
C LEU I 4 -35.23 -46.92 15.31
N GLN I 5 -36.56 -46.95 15.16
CA GLN I 5 -37.37 -48.12 14.78
C GLN I 5 -38.53 -47.78 13.85
N GLU I 6 -38.62 -48.53 12.74
CA GLU I 6 -39.66 -48.47 11.73
C GLU I 6 -40.94 -49.13 12.21
N SER I 7 -42.04 -48.79 11.53
CA SER I 7 -43.35 -49.39 11.82
C SER I 7 -44.30 -49.07 10.67
N GLY I 8 -45.48 -49.70 10.71
CA GLY I 8 -46.44 -49.53 9.64
C GLY I 8 -46.39 -50.59 8.57
N GLY I 9 -45.52 -51.59 8.70
CA GLY I 9 -45.44 -52.61 7.68
C GLY I 9 -46.45 -53.72 7.82
N GLY I 10 -46.65 -54.39 6.68
CA GLY I 10 -47.61 -55.47 6.59
C GLY I 10 -47.72 -55.99 5.16
N LEU I 11 -48.86 -56.62 4.92
CA LEU I 11 -49.19 -57.35 3.71
C LEU I 11 -50.21 -56.50 2.98
N VAL I 12 -50.01 -56.27 1.70
CA VAL I 12 -50.85 -55.37 0.92
C VAL I 12 -51.06 -56.08 -0.41
N GLN I 13 -52.14 -55.71 -1.09
CA GLN I 13 -52.38 -56.27 -2.41
C GLN I 13 -51.58 -55.58 -3.50
N ALA I 14 -51.42 -56.28 -4.62
CA ALA I 14 -50.78 -55.64 -5.77
C ALA I 14 -51.64 -54.44 -6.12
N GLY I 15 -51.01 -53.34 -6.52
CA GLY I 15 -51.86 -52.21 -6.79
C GLY I 15 -52.34 -51.49 -5.55
N GLY I 16 -51.55 -51.42 -4.48
CA GLY I 16 -52.02 -50.78 -3.27
C GLY I 16 -51.10 -49.68 -2.77
N SER I 17 -51.47 -49.13 -1.63
CA SER I 17 -50.74 -48.07 -0.98
C SER I 17 -50.57 -48.42 0.50
N LEU I 18 -49.54 -47.84 1.09
CA LEU I 18 -49.19 -48.02 2.49
C LEU I 18 -48.39 -46.83 2.96
N ARG I 19 -48.43 -46.53 4.25
CA ARG I 19 -47.64 -45.42 4.77
C ARG I 19 -46.79 -45.98 5.90
N LEU I 20 -45.48 -46.03 5.67
CA LEU I 20 -44.47 -46.43 6.62
C LEU I 20 -43.98 -45.23 7.41
N SER I 21 -43.61 -45.48 8.67
CA SER I 21 -43.15 -44.43 9.56
C SER I 21 -41.92 -44.88 10.32
N CYS I 22 -40.97 -43.98 10.44
CA CYS I 22 -39.68 -44.22 11.08
C CYS I 22 -39.64 -43.28 12.27
N ALA I 23 -39.71 -43.86 13.47
CA ALA I 23 -39.69 -43.16 14.74
C ALA I 23 -38.26 -42.97 15.23
N ALA I 24 -37.96 -41.76 15.71
CA ALA I 24 -36.64 -41.36 16.19
C ALA I 24 -36.71 -40.95 17.66
N SER I 25 -35.66 -41.28 18.41
CA SER I 25 -35.52 -40.80 19.77
C SER I 25 -35.03 -39.37 19.73
N GLY I 26 -35.31 -38.62 20.79
CA GLY I 26 -34.92 -37.23 20.63
C GLY I 26 -35.74 -36.48 19.60
N SER I 27 -35.16 -35.35 19.18
CA SER I 27 -35.70 -34.44 18.18
C SER I 27 -35.15 -34.78 16.80
N ILE I 28 -36.04 -34.77 15.80
CA ILE I 28 -35.63 -35.17 14.46
C ILE I 28 -34.81 -34.07 13.79
N SER I 29 -34.96 -32.82 14.22
CA SER I 29 -34.22 -31.73 13.61
C SER I 29 -32.73 -31.80 13.95
N ARG I 30 -32.31 -32.66 14.89
CA ARG I 30 -30.89 -32.77 15.20
C ARG I 30 -30.14 -33.65 14.22
N PHE I 31 -30.85 -34.55 13.54
CA PHE I 31 -30.20 -35.42 12.57
C PHE I 31 -29.81 -34.58 11.37
N ASN I 32 -28.64 -34.85 10.79
CA ASN I 32 -28.22 -34.08 9.63
C ASN I 32 -28.69 -34.68 8.32
N ALA I 33 -29.11 -35.95 8.32
CA ALA I 33 -29.65 -36.60 7.14
C ALA I 33 -30.37 -37.86 7.59
N MET I 34 -31.48 -38.18 6.94
CA MET I 34 -32.18 -39.43 7.18
C MET I 34 -32.66 -40.00 5.85
N GLY I 35 -32.99 -41.28 5.86
CA GLY I 35 -33.49 -41.89 4.64
C GLY I 35 -33.90 -43.34 4.83
N TRP I 36 -34.17 -43.97 3.68
CA TRP I 36 -34.75 -45.31 3.59
C TRP I 36 -34.03 -46.19 2.58
N TRP I 37 -33.72 -47.41 2.98
CA TRP I 37 -33.23 -48.45 2.07
C TRP I 37 -34.14 -49.66 2.18
N ARG I 38 -34.04 -50.52 1.17
CA ARG I 38 -34.77 -51.78 1.14
C ARG I 38 -33.91 -52.85 0.53
N GLN I 39 -34.19 -54.10 0.91
CA GLN I 39 -33.51 -55.27 0.36
C GLN I 39 -34.50 -56.38 0.12
N ALA I 40 -34.51 -56.89 -1.04
CA ALA I 40 -35.39 -58.01 -1.16
C ALA I 40 -34.58 -59.28 -0.94
N PRO I 41 -35.24 -60.35 -0.47
CA PRO I 41 -34.51 -61.60 -0.16
C PRO I 41 -33.74 -62.12 -1.37
N GLY I 42 -32.42 -62.29 -1.18
CA GLY I 42 -31.55 -62.78 -2.22
C GLY I 42 -30.98 -61.71 -3.14
N LYS I 43 -31.48 -60.49 -3.07
CA LYS I 43 -31.12 -59.34 -3.90
C LYS I 43 -30.21 -58.39 -3.13
N GLU I 44 -29.39 -57.63 -3.87
CA GLU I 44 -28.45 -56.72 -3.24
C GLU I 44 -29.22 -55.57 -2.63
N ARG I 45 -28.67 -54.99 -1.56
CA ARG I 45 -29.29 -53.83 -0.93
C ARG I 45 -29.59 -52.76 -1.98
N GLU I 46 -30.84 -52.28 -2.02
CA GLU I 46 -31.25 -51.28 -2.98
C GLU I 46 -31.58 -49.98 -2.27
N PHE I 47 -31.19 -48.87 -2.91
CA PHE I 47 -31.40 -47.53 -2.35
C PHE I 47 -32.80 -47.00 -2.59
N VAL I 48 -33.45 -46.42 -1.57
CA VAL I 48 -34.81 -45.97 -1.75
C VAL I 48 -34.95 -44.44 -1.69
N ALA I 49 -34.62 -43.84 -0.53
CA ALA I 49 -34.80 -42.39 -0.34
C ALA I 49 -33.82 -41.78 0.64
N ARG I 50 -33.58 -40.46 0.52
CA ARG I 50 -32.68 -39.71 1.42
C ARG I 50 -33.25 -38.30 1.58
N ILE I 51 -33.15 -37.77 2.80
CA ILE I 51 -33.42 -36.36 3.12
C ILE I 51 -32.27 -35.89 4.01
N VAL I 52 -31.59 -34.85 3.53
CA VAL I 52 -30.51 -34.15 4.21
C VAL I 52 -30.99 -32.81 4.77
N LYS I 53 -30.45 -32.44 5.95
CA LYS I 53 -30.94 -31.29 6.72
C LYS I 53 -30.86 -30.05 5.86
N GLY I 54 -31.98 -29.37 5.65
CA GLY I 54 -31.95 -28.18 4.80
C GLY I 54 -32.08 -28.54 3.35
N GLY I 55 -32.54 -29.75 3.06
CA GLY I 55 -32.50 -30.27 1.71
C GLY I 55 -33.79 -30.89 1.21
N TYR I 56 -33.98 -30.75 -0.09
CA TYR I 56 -35.10 -31.37 -0.75
C TYR I 56 -34.85 -32.85 -0.93
N ALA I 57 -35.91 -33.63 -0.75
CA ALA I 57 -35.79 -35.06 -0.81
C ALA I 57 -35.51 -35.49 -2.24
N VAL I 58 -34.76 -36.57 -2.34
CA VAL I 58 -34.35 -37.13 -3.62
C VAL I 58 -34.84 -38.58 -3.58
N LEU I 59 -35.44 -39.05 -4.66
CA LEU I 59 -36.00 -40.40 -4.62
C LEU I 59 -35.41 -41.25 -5.73
N ALA I 60 -35.40 -42.57 -5.49
CA ALA I 60 -34.91 -43.50 -6.49
C ALA I 60 -35.82 -43.54 -7.71
N ASP I 61 -35.24 -44.00 -8.83
CA ASP I 61 -35.93 -44.03 -10.12
C ASP I 61 -37.05 -45.08 -10.18
N SER I 62 -36.88 -46.24 -9.50
CA SER I 62 -37.89 -47.29 -9.49
C SER I 62 -39.14 -46.92 -8.71
N VAL I 63 -39.12 -45.77 -8.03
CA VAL I 63 -40.17 -45.28 -7.14
C VAL I 63 -40.49 -43.83 -7.41
N LYS I 64 -39.74 -43.17 -8.30
CA LYS I 64 -39.69 -41.73 -8.48
C LYS I 64 -41.08 -41.15 -8.67
N GLY I 65 -41.91 -41.84 -9.44
CA GLY I 65 -43.24 -41.34 -9.70
C GLY I 65 -44.18 -41.47 -8.51
N ARG I 66 -43.88 -42.35 -7.55
CA ARG I 66 -44.88 -42.73 -6.56
C ARG I 66 -44.69 -42.36 -5.09
N PHE I 67 -43.78 -43.06 -4.41
CA PHE I 67 -43.56 -42.90 -2.98
C PHE I 67 -43.29 -41.43 -2.64
N THR I 68 -43.56 -41.07 -1.37
CA THR I 68 -43.25 -39.75 -0.85
C THR I 68 -42.69 -39.90 0.56
N ILE I 69 -41.74 -39.03 0.89
CA ILE I 69 -41.05 -38.99 2.18
C ILE I 69 -41.40 -37.69 2.88
N SER I 70 -41.69 -37.77 4.19
CA SER I 70 -42.08 -36.58 4.91
C SER I 70 -41.43 -36.57 6.29
N ILE I 71 -41.39 -35.38 6.87
CA ILE I 71 -40.81 -35.18 8.19
C ILE I 71 -41.84 -34.46 9.06
N ASP I 72 -42.08 -34.99 10.24
CA ASP I 72 -42.99 -34.33 11.16
C ASP I 72 -42.09 -33.93 12.32
N SER I 73 -41.74 -32.65 12.40
CA SER I 73 -40.88 -32.27 13.50
C SER I 73 -41.65 -32.23 14.81
N ALA I 74 -42.96 -32.05 14.72
CA ALA I 74 -43.84 -32.05 15.89
C ALA I 74 -43.87 -33.42 16.56
N GLU I 75 -44.11 -34.47 15.77
CA GLU I 75 -44.17 -35.85 16.25
C GLU I 75 -42.83 -36.57 16.23
N ASN I 76 -41.78 -35.91 15.78
CA ASN I 76 -40.43 -36.46 15.68
C ASN I 76 -40.35 -37.73 14.83
N THR I 77 -41.04 -37.76 13.70
CA THR I 77 -41.06 -38.99 12.93
C THR I 77 -40.80 -38.65 11.47
N LEU I 78 -40.22 -39.59 10.73
CA LEU I 78 -39.97 -39.40 9.32
C LEU I 78 -40.82 -40.45 8.60
N ALA I 79 -41.77 -40.01 7.78
CA ALA I 79 -42.76 -40.87 7.16
C ALA I 79 -42.43 -41.10 5.70
N LEU I 80 -42.63 -42.33 5.25
CA LEU I 80 -42.58 -42.67 3.83
C LEU I 80 -43.92 -43.29 3.46
N GLN I 81 -44.68 -42.54 2.66
CA GLN I 81 -45.98 -42.93 2.16
C GLN I 81 -45.78 -43.69 0.87
N MET I 82 -46.27 -44.91 0.82
CA MET I 82 -46.08 -45.75 -0.34
C MET I 82 -47.41 -45.88 -1.06
N ASN I 83 -47.40 -45.57 -2.35
CA ASN I 83 -48.58 -45.65 -3.17
C ASN I 83 -48.27 -46.41 -4.44
N ARG I 84 -49.32 -46.91 -5.09
CA ARG I 84 -49.19 -47.64 -6.34
C ARG I 84 -48.22 -48.80 -6.25
N LEU I 85 -48.38 -49.61 -5.21
CA LEU I 85 -47.45 -50.68 -4.91
C LEU I 85 -47.53 -51.75 -6.01
N LYS I 86 -46.39 -52.39 -6.28
CA LYS I 86 -46.28 -53.41 -7.31
C LYS I 86 -45.90 -54.69 -6.59
N PRO I 87 -46.12 -55.86 -7.21
CA PRO I 87 -45.68 -57.10 -6.55
C PRO I 87 -44.19 -57.16 -6.30
N GLU I 88 -43.37 -56.60 -7.20
CA GLU I 88 -41.93 -56.54 -6.99
C GLU I 88 -41.52 -55.69 -5.79
N ASP I 89 -42.42 -54.90 -5.21
CA ASP I 89 -42.03 -54.10 -4.06
C ASP I 89 -41.94 -54.92 -2.77
N THR I 90 -42.35 -56.18 -2.81
CA THR I 90 -42.22 -57.03 -1.63
C THR I 90 -40.72 -57.10 -1.36
N ALA I 91 -40.34 -56.71 -0.15
CA ALA I 91 -38.92 -56.66 0.22
C ALA I 91 -38.84 -56.33 1.70
N VAL I 92 -37.65 -56.45 2.25
CA VAL I 92 -37.37 -55.95 3.59
C VAL I 92 -36.91 -54.49 3.55
N TYR I 93 -37.56 -53.64 4.34
CA TYR I 93 -37.34 -52.20 4.37
C TYR I 93 -36.64 -51.75 5.64
N TYR I 94 -35.59 -50.92 5.49
CA TYR I 94 -34.76 -50.38 6.56
C TYR I 94 -34.76 -48.85 6.50
N CYS I 95 -34.87 -48.18 7.65
CA CYS I 95 -34.63 -46.74 7.77
C CYS I 95 -33.22 -46.44 8.26
N PHE I 96 -32.65 -45.29 7.84
CA PHE I 96 -31.35 -44.86 8.36
C PHE I 96 -31.37 -43.38 8.79
N ALA I 97 -30.54 -43.04 9.78
CA ALA I 97 -30.35 -41.67 10.29
C ALA I 97 -28.86 -41.34 10.48
N ALA I 98 -28.47 -40.09 10.22
CA ALA I 98 -27.08 -39.65 10.29
C ALA I 98 -26.85 -38.63 11.41
N LEU I 99 -25.98 -38.99 12.37
CA LEU I 99 -25.49 -38.06 13.39
C LEU I 99 -23.98 -38.13 13.55
N ASP I 100 -23.48 -38.69 14.66
CA ASP I 100 -22.05 -38.93 14.81
C ASP I 100 -21.58 -40.14 14.03
N THR I 101 -22.49 -41.05 13.72
CA THR I 101 -22.29 -42.13 12.76
C THR I 101 -23.65 -42.41 12.14
N ALA I 102 -23.74 -43.45 11.33
CA ALA I 102 -25.03 -43.82 10.76
C ALA I 102 -25.70 -44.88 11.62
N TYR I 103 -26.96 -44.65 11.97
CA TYR I 103 -27.76 -45.57 12.77
C TYR I 103 -28.90 -46.09 11.90
N TRP I 104 -29.22 -47.37 12.09
CA TRP I 104 -30.25 -48.06 11.32
C TRP I 104 -31.26 -48.67 12.29
N GLY I 105 -32.50 -48.75 11.84
CA GLY I 105 -33.46 -49.60 12.51
C GLY I 105 -33.26 -51.03 12.07
N GLN I 106 -34.05 -51.93 12.67
CA GLN I 106 -33.96 -53.32 12.28
C GLN I 106 -34.81 -53.64 11.07
N GLY I 107 -35.74 -52.77 10.72
CA GLY I 107 -36.52 -52.91 9.51
C GLY I 107 -37.94 -53.39 9.77
N THR I 108 -38.80 -53.13 8.79
CA THR I 108 -40.18 -53.61 8.77
C THR I 108 -40.46 -54.24 7.41
N GLN I 109 -41.17 -55.37 7.45
CA GLN I 109 -41.44 -56.18 6.28
C GLN I 109 -42.64 -55.62 5.50
N VAL I 110 -42.47 -55.48 4.18
CA VAL I 110 -43.53 -55.06 3.28
C VAL I 110 -43.70 -56.15 2.23
N THR I 111 -44.93 -56.66 2.08
CA THR I 111 -45.23 -57.81 1.25
C THR I 111 -46.39 -57.47 0.32
N VAL I 112 -46.14 -57.52 -0.98
CA VAL I 112 -47.14 -57.26 -2.01
C VAL I 112 -47.45 -58.53 -2.79
N SER I 113 -48.72 -58.93 -2.82
CA SER I 113 -49.15 -60.20 -3.40
C SER I 113 -50.64 -60.17 -3.70
N ASP J 1 -23.79 -0.79 48.20
CA ASP J 1 -23.74 -0.44 46.79
C ASP J 1 -24.88 0.51 46.40
N VAL J 2 -26.04 -0.01 45.99
CA VAL J 2 -27.12 0.88 45.59
C VAL J 2 -28.43 0.44 46.22
N GLN J 3 -29.03 1.34 47.01
CA GLN J 3 -30.30 1.12 47.71
C GLN J 3 -31.27 2.19 47.23
N LEU J 4 -32.50 1.80 46.88
CA LEU J 4 -33.53 2.74 46.49
C LEU J 4 -34.79 2.43 47.30
N GLN J 5 -35.55 3.49 47.65
CA GLN J 5 -36.80 3.45 48.41
C GLN J 5 -37.84 4.45 47.93
N GLU J 6 -39.05 3.95 47.70
CA GLU J 6 -40.26 4.68 47.31
C GLU J 6 -40.86 5.44 48.50
N SER J 7 -41.70 6.43 48.19
CA SER J 7 -42.43 7.19 49.20
C SER J 7 -43.54 7.98 48.52
N GLY J 8 -44.39 8.59 49.36
CA GLY J 8 -45.52 9.32 48.82
C GLY J 8 -46.81 8.53 48.76
N GLY J 9 -46.82 7.28 49.22
CA GLY J 9 -48.03 6.50 49.16
C GLY J 9 -48.98 6.73 50.30
N GLY J 10 -50.23 6.37 50.02
CA GLY J 10 -51.32 6.54 50.97
C GLY J 10 -52.65 6.15 50.36
N LEU J 11 -53.69 6.69 50.96
CA LEU J 11 -55.10 6.38 50.70
C LEU J 11 -55.65 7.60 49.97
N VAL J 12 -56.34 7.37 48.87
CA VAL J 12 -56.84 8.44 48.03
C VAL J 12 -58.25 8.03 47.64
N GLN J 13 -59.05 9.02 47.28
CA GLN J 13 -60.39 8.71 46.80
C GLN J 13 -60.42 8.31 45.34
N ALA J 14 -61.50 7.62 44.96
CA ALA J 14 -61.68 7.31 43.55
C ALA J 14 -61.75 8.63 42.81
N GLY J 15 -61.17 8.71 41.62
CA GLY J 15 -61.23 10.01 40.97
C GLY J 15 -60.23 11.01 41.49
N GLY J 16 -59.08 10.58 41.99
CA GLY J 16 -58.11 11.50 42.54
C GLY J 16 -56.74 11.36 41.90
N SER J 17 -55.80 12.15 42.44
CA SER J 17 -54.42 12.17 41.99
C SER J 17 -53.48 12.06 43.17
N LEU J 18 -52.26 11.60 42.87
CA LEU J 18 -51.20 11.42 43.84
C LEU J 18 -49.87 11.48 43.11
N ARG J 19 -48.80 11.86 43.81
CA ARG J 19 -47.47 11.91 43.21
C ARG J 19 -46.55 11.07 44.09
N LEU J 20 -46.11 9.95 43.53
CA LEU J 20 -45.14 9.02 44.10
C LEU J 20 -43.73 9.43 43.72
N SER J 21 -42.80 9.14 44.64
CA SER J 21 -41.40 9.49 44.42
C SER J 21 -40.50 8.34 44.82
N CYS J 22 -39.49 8.11 44.00
CA CYS J 22 -38.54 7.01 44.16
C CYS J 22 -37.19 7.68 44.36
N ALA J 23 -36.65 7.55 45.57
CA ALA J 23 -35.37 8.10 45.99
C ALA J 23 -34.26 7.10 45.69
N ALA J 24 -33.15 7.59 45.14
CA ALA J 24 -31.99 6.78 44.74
C ALA J 24 -30.76 7.25 45.50
N SER J 25 -29.90 6.30 45.85
CA SER J 25 -28.61 6.62 46.44
C SER J 25 -27.66 7.06 45.34
N GLY J 26 -26.66 7.84 45.71
CA GLY J 26 -25.88 8.32 44.61
C GLY J 26 -26.63 9.30 43.72
N SER J 27 -26.07 9.44 42.52
CA SER J 27 -26.55 10.28 41.44
C SER J 27 -27.46 9.45 40.53
N ILE J 28 -28.60 10.04 40.13
CA ILE J 28 -29.55 9.29 39.33
C ILE J 28 -29.08 9.15 37.89
N SER J 29 -28.22 10.06 37.42
CA SER J 29 -27.74 9.97 36.05
C SER J 29 -26.85 8.75 35.83
N ARG J 30 -26.43 8.06 36.90
CA ARG J 30 -25.57 6.89 36.70
C ARG J 30 -26.36 5.65 36.34
N PHE J 31 -27.66 5.60 36.68
CA PHE J 31 -28.47 4.44 36.35
C PHE J 31 -28.71 4.44 34.85
N ASN J 32 -28.69 3.25 34.24
CA ASN J 32 -28.92 3.18 32.80
C ASN J 32 -30.38 3.02 32.43
N ALA J 33 -31.22 2.65 33.40
CA ALA J 33 -32.65 2.54 33.19
C ALA J 33 -33.31 2.48 34.55
N MET J 34 -34.47 3.11 34.68
CA MET J 34 -35.29 3.02 35.87
C MET J 34 -36.76 2.91 35.47
N GLY J 35 -37.57 2.47 36.42
CA GLY J 35 -38.99 2.36 36.14
C GLY J 35 -39.80 1.92 37.34
N TRP J 36 -41.07 1.63 37.06
CA TRP J 36 -42.09 1.35 38.06
C TRP J 36 -42.91 0.12 37.70
N TRP J 37 -43.11 -0.76 38.67
CA TRP J 37 -44.05 -1.87 38.56
C TRP J 37 -45.04 -1.79 39.72
N ARG J 38 -46.16 -2.49 39.55
CA ARG J 38 -47.17 -2.59 40.59
C ARG J 38 -47.74 -4.00 40.58
N GLN J 39 -48.24 -4.41 41.74
CA GLN J 39 -48.90 -5.69 41.89
C GLN J 39 -50.13 -5.55 42.78
N ALA J 40 -51.21 -5.99 42.31
CA ALA J 40 -52.32 -5.92 43.23
C ALA J 40 -52.44 -7.26 43.94
N PRO J 41 -52.98 -7.27 45.16
CA PRO J 41 -53.07 -8.51 45.94
C PRO J 41 -53.83 -9.61 45.19
N GLY J 42 -53.16 -10.75 45.00
CA GLY J 42 -53.74 -11.88 44.31
C GLY J 42 -53.57 -11.88 42.81
N LYS J 43 -53.11 -10.78 42.23
CA LYS J 43 -52.90 -10.52 40.81
C LYS J 43 -51.43 -10.62 40.43
N GLU J 44 -51.18 -10.94 39.16
CA GLU J 44 -49.82 -11.12 38.69
C GLU J 44 -49.14 -9.76 38.65
N ARG J 45 -47.82 -9.76 38.82
CA ARG J 45 -47.06 -8.51 38.73
C ARG J 45 -47.40 -7.81 37.43
N GLU J 46 -47.76 -6.53 37.51
CA GLU J 46 -48.13 -5.78 36.31
C GLU J 46 -47.12 -4.67 36.05
N PHE J 47 -46.80 -4.47 34.78
CA PHE J 47 -45.82 -3.47 34.36
C PHE J 47 -46.39 -2.07 34.29
N VAL J 48 -45.68 -1.08 34.84
CA VAL J 48 -46.23 0.27 34.86
C VAL J 48 -45.46 1.23 33.96
N ALA J 49 -44.17 1.46 34.25
CA ALA J 49 -43.40 2.45 33.49
C ALA J 49 -41.90 2.13 33.44
N ARG J 50 -41.20 2.66 32.41
CA ARG J 50 -39.76 2.48 32.27
C ARG J 50 -39.17 3.75 31.62
N ILE J 51 -37.98 4.14 32.07
CA ILE J 51 -37.17 5.19 31.45
C ILE J 51 -35.75 4.64 31.37
N VAL J 52 -35.23 4.60 30.16
CA VAL J 52 -33.87 4.19 29.82
C VAL J 52 -32.99 5.41 29.52
N LYS J 53 -31.71 5.34 29.92
CA LYS J 53 -30.81 6.50 29.86
C LYS J 53 -30.75 7.05 28.45
N GLY J 54 -31.08 8.32 28.27
CA GLY J 54 -31.05 8.87 26.93
C GLY J 54 -32.33 8.60 26.20
N GLY J 55 -33.38 8.24 26.94
CA GLY J 55 -34.59 7.73 26.33
C GLY J 55 -35.87 8.36 26.81
N TYR J 56 -36.81 8.43 25.89
CA TYR J 56 -38.14 8.90 26.21
C TYR J 56 -38.93 7.82 26.94
N ALA J 57 -39.69 8.27 27.93
CA ALA J 57 -40.42 7.35 28.78
C ALA J 57 -41.52 6.69 27.98
N VAL J 58 -41.79 5.46 28.35
CA VAL J 58 -42.79 4.62 27.70
C VAL J 58 -43.74 4.21 28.83
N LEU J 59 -45.04 4.28 28.58
CA LEU J 59 -45.98 3.98 29.65
C LEU J 59 -46.92 2.86 29.24
N ALA J 60 -47.43 2.14 30.24
CA ALA J 60 -48.38 1.07 29.98
C ALA J 60 -49.71 1.62 29.46
N ASP J 61 -50.45 0.75 28.78
CA ASP J 61 -51.71 1.12 28.14
C ASP J 61 -52.82 1.43 29.15
N SER J 62 -52.84 0.72 30.29
CA SER J 62 -53.87 0.93 31.32
C SER J 62 -53.72 2.27 32.04
N VAL J 63 -52.64 3.00 31.76
CA VAL J 63 -52.27 4.24 32.42
C VAL J 63 -51.86 5.31 31.43
N LYS J 64 -51.79 4.96 30.14
CA LYS J 64 -51.15 5.72 29.08
C LYS J 64 -51.66 7.15 29.05
N GLY J 65 -52.96 7.32 29.25
CA GLY J 65 -53.53 8.64 29.22
C GLY J 65 -53.21 9.49 30.43
N ARG J 66 -52.83 8.88 31.57
CA ARG J 66 -52.81 9.63 32.82
C ARG J 66 -51.46 9.91 33.51
N PHE J 67 -50.90 8.88 34.14
CA PHE J 67 -49.68 9.02 34.90
C PHE J 67 -48.56 9.64 34.07
N THR J 68 -47.61 10.26 34.77
CA THR J 68 -46.40 10.82 34.19
C THR J 68 -45.24 10.47 35.10
N ILE J 69 -44.09 10.23 34.48
CA ILE J 69 -42.84 9.88 35.12
C ILE J 69 -41.85 11.00 34.89
N SER J 70 -41.12 11.36 35.95
CA SER J 70 -40.19 12.47 35.84
C SER J 70 -38.90 12.13 36.55
N ILE J 71 -37.88 12.88 36.18
CA ILE J 71 -36.56 12.71 36.75
C ILE J 71 -36.04 14.06 37.25
N ASP J 72 -35.57 14.09 38.47
CA ASP J 72 -34.99 15.31 38.99
C ASP J 72 -33.51 14.96 39.21
N SER J 73 -32.64 15.40 38.30
CA SER J 73 -31.24 15.05 38.54
C SER J 73 -30.66 15.87 39.67
N ALA J 74 -31.23 17.03 39.94
CA ALA J 74 -30.82 17.89 41.04
C ALA J 74 -31.05 17.24 42.40
N GLU J 75 -32.28 16.73 42.61
CA GLU J 75 -32.68 16.08 43.85
C GLU J 75 -32.44 14.58 43.85
N ASN J 76 -31.92 14.03 42.76
CA ASN J 76 -31.64 12.60 42.60
C ASN J 76 -32.86 11.70 42.81
N THR J 77 -34.00 12.08 42.28
CA THR J 77 -35.20 11.31 42.54
C THR J 77 -35.94 11.09 41.22
N LEU J 78 -36.68 9.99 41.13
CA LEU J 78 -37.47 9.71 39.95
C LEU J 78 -38.93 9.70 40.43
N ALA J 79 -39.73 10.63 39.89
CA ALA J 79 -41.10 10.86 40.34
C ALA J 79 -42.09 10.26 39.36
N LEU J 80 -43.15 9.66 39.91
CA LEU J 80 -44.30 9.23 39.13
C LEU J 80 -45.55 9.89 39.70
N GLN J 81 -46.09 10.83 38.92
CA GLN J 81 -47.31 11.57 39.23
C GLN J 81 -48.48 10.78 38.68
N MET J 82 -49.40 10.42 39.55
CA MET J 82 -50.56 9.63 39.18
C MET J 82 -51.77 10.54 39.26
N ASN J 83 -52.53 10.59 38.16
CA ASN J 83 -53.71 11.42 38.10
C ASN J 83 -54.86 10.57 37.60
N ARG J 84 -56.08 11.05 37.86
CA ARG J 84 -57.30 10.37 37.42
C ARG J 84 -57.34 8.92 37.90
N LEU J 85 -57.06 8.74 39.19
CA LEU J 85 -56.91 7.42 39.79
C LEU J 85 -58.26 6.73 39.77
N LYS J 86 -58.23 5.42 39.63
CA LYS J 86 -59.43 4.63 39.55
C LYS J 86 -59.42 3.71 40.75
N PRO J 87 -60.58 3.17 41.15
CA PRO J 87 -60.56 2.22 42.28
C PRO J 87 -59.71 1.01 42.03
N GLU J 88 -59.66 0.53 40.79
CA GLU J 88 -58.80 -0.58 40.41
C GLU J 88 -57.32 -0.27 40.56
N ASP J 89 -56.94 0.99 40.73
CA ASP J 89 -55.51 1.28 40.87
C ASP J 89 -54.98 0.94 42.25
N THR J 90 -55.85 0.55 43.18
CA THR J 90 -55.39 0.12 44.49
C THR J 90 -54.52 -1.09 44.24
N ALA J 91 -53.27 -1.02 44.69
CA ALA J 91 -52.30 -2.09 44.45
C ALA J 91 -51.05 -1.75 45.22
N VAL J 92 -50.14 -2.72 45.29
CA VAL J 92 -48.79 -2.47 45.80
C VAL J 92 -47.86 -2.05 44.66
N TYR J 93 -47.16 -0.92 44.88
CA TYR J 93 -46.29 -0.29 43.89
C TYR J 93 -44.82 -0.44 44.25
N TYR J 94 -44.01 -0.86 43.27
CA TYR J 94 -42.57 -1.07 43.39
C TYR J 94 -41.82 -0.22 42.36
N CYS J 95 -40.71 0.42 42.75
CA CYS J 95 -39.78 1.04 41.80
C CYS J 95 -38.59 0.12 41.49
N PHE J 96 -38.04 0.23 40.26
CA PHE J 96 -36.82 -0.52 39.92
C PHE J 96 -35.78 0.37 39.22
N ALA J 97 -34.49 0.03 39.40
CA ALA J 97 -33.35 0.69 38.79
C ALA J 97 -32.36 -0.31 38.21
N ALA J 98 -31.72 0.03 37.07
CA ALA J 98 -30.79 -0.87 36.38
C ALA J 98 -29.36 -0.33 36.41
N LEU J 99 -28.44 -1.09 37.01
CA LEU J 99 -27.00 -0.79 36.95
C LEU J 99 -26.20 -2.06 36.62
N ASP J 100 -25.48 -2.63 37.58
CA ASP J 100 -24.81 -3.91 37.35
C ASP J 100 -25.78 -5.08 37.42
N THR J 101 -26.90 -4.89 38.08
CA THR J 101 -28.05 -5.77 38.04
C THR J 101 -29.28 -4.90 38.26
N ALA J 102 -30.44 -5.50 38.40
CA ALA J 102 -31.64 -4.73 38.67
C ALA J 102 -31.87 -4.69 40.18
N TYR J 103 -32.10 -3.47 40.70
CA TYR J 103 -32.37 -3.23 42.11
C TYR J 103 -33.80 -2.72 42.27
N TRP J 104 -34.45 -3.15 43.35
CA TRP J 104 -35.84 -2.79 43.63
C TRP J 104 -35.94 -2.19 45.02
N GLY J 105 -36.90 -1.27 45.19
CA GLY J 105 -37.31 -0.88 46.52
C GLY J 105 -38.27 -1.91 47.09
N GLN J 106 -38.68 -1.68 48.34
CA GLN J 106 -39.62 -2.60 48.96
C GLN J 106 -41.06 -2.25 48.62
N GLY J 107 -41.32 -1.03 48.14
CA GLY J 107 -42.62 -0.65 47.67
C GLY J 107 -43.36 0.28 48.62
N THR J 108 -44.33 0.99 48.07
CA THR J 108 -45.25 1.84 48.82
C THR J 108 -46.67 1.53 48.39
N GLN J 109 -47.57 1.48 49.37
CA GLN J 109 -48.95 1.08 49.16
C GLN J 109 -49.79 2.26 48.66
N VAL J 110 -50.57 2.02 47.61
CA VAL J 110 -51.51 2.99 47.07
C VAL J 110 -52.90 2.37 47.09
N THR J 111 -53.86 3.06 47.72
CA THR J 111 -55.19 2.54 47.99
C THR J 111 -56.22 3.55 47.51
N VAL J 112 -57.06 3.14 46.56
CA VAL J 112 -58.13 3.96 46.01
C VAL J 112 -59.49 3.39 46.40
N SER J 113 -60.32 4.19 47.07
CA SER J 113 -61.60 3.73 47.62
C SER J 113 -62.50 4.93 47.89
N ASP K 1 6.87 34.47 45.72
CA ASP K 1 6.55 34.03 44.37
C ASP K 1 6.17 35.20 43.47
N VAL K 2 4.88 35.57 43.39
CA VAL K 2 4.50 36.69 42.55
C VAL K 2 3.53 37.60 43.28
N GLN K 3 3.92 38.86 43.45
CA GLN K 3 3.10 39.87 44.12
C GLN K 3 2.87 41.00 43.14
N LEU K 4 1.63 41.48 43.01
CA LEU K 4 1.31 42.61 42.16
C LEU K 4 0.51 43.62 42.99
N GLN K 5 0.72 44.91 42.69
CA GLN K 5 0.08 46.06 43.33
C GLN K 5 -0.24 47.19 42.36
N GLU K 6 -1.50 47.65 42.40
CA GLU K 6 -2.06 48.77 41.64
C GLU K 6 -1.61 50.11 42.21
N SER K 7 -1.74 51.16 41.38
CA SER K 7 -1.43 52.52 41.79
C SER K 7 -2.00 53.49 40.76
N GLY K 8 -1.95 54.78 41.09
CA GLY K 8 -2.52 55.78 40.22
C GLY K 8 -3.93 56.20 40.57
N GLY K 9 -4.51 55.65 41.64
CA GLY K 9 -5.86 56.02 41.98
C GLY K 9 -5.97 57.29 42.80
N GLY K 10 -7.19 57.83 42.74
CA GLY K 10 -7.52 59.07 43.42
C GLY K 10 -8.93 59.50 43.10
N LEU K 11 -9.14 60.81 43.29
CA LEU K 11 -10.42 61.49 43.20
C LEU K 11 -10.36 62.31 41.93
N VAL K 12 -11.39 62.21 41.10
CA VAL K 12 -11.41 62.86 39.80
C VAL K 12 -12.81 63.45 39.66
N GLN K 13 -12.93 64.45 38.81
CA GLN K 13 -14.24 65.02 38.55
C GLN K 13 -15.04 64.21 37.53
N ALA K 14 -16.36 64.39 37.56
CA ALA K 14 -17.18 63.78 36.53
C ALA K 14 -16.71 64.32 35.19
N GLY K 15 -16.69 63.49 34.16
CA GLY K 15 -16.18 64.05 32.92
C GLY K 15 -14.67 64.14 32.84
N GLY K 16 -13.93 63.28 33.50
CA GLY K 16 -12.49 63.36 33.49
C GLY K 16 -11.82 62.07 33.06
N SER K 17 -10.49 62.08 33.11
CA SER K 17 -9.66 60.95 32.73
C SER K 17 -8.61 60.69 33.81
N LEU K 18 -8.14 59.45 33.84
CA LEU K 18 -7.13 58.99 34.78
C LEU K 18 -6.42 57.79 34.15
N ARG K 19 -5.16 57.57 34.56
CA ARG K 19 -4.41 56.42 34.06
C ARG K 19 -3.92 55.63 35.27
N LEU K 20 -4.49 54.44 35.42
CA LEU K 20 -4.15 53.45 36.43
C LEU K 20 -3.04 52.54 35.92
N SER K 21 -2.20 52.09 36.86
CA SER K 21 -1.08 51.22 36.53
C SER K 21 -0.98 50.08 37.51
N CYS K 22 -0.70 48.89 36.97
CA CYS K 22 -0.63 47.65 37.74
C CYS K 22 0.81 47.16 37.56
N ALA K 23 1.56 47.21 38.66
CA ALA K 23 2.96 46.80 38.75
C ALA K 23 3.06 45.32 39.09
N ALA K 24 3.96 44.61 38.39
CA ALA K 24 4.19 43.18 38.51
C ALA K 24 5.64 42.94 38.92
N SER K 25 5.85 41.94 39.78
CA SER K 25 7.20 41.50 40.12
C SER K 25 7.72 40.62 38.99
N GLY K 26 9.04 40.54 38.87
CA GLY K 26 9.47 39.82 37.71
C GLY K 26 9.16 40.52 36.39
N SER K 27 9.19 39.71 35.33
CA SER K 27 8.92 40.09 33.95
C SER K 27 7.46 39.87 33.61
N ILE K 28 6.85 40.84 32.93
CA ILE K 28 5.43 40.76 32.63
C ILE K 28 5.16 39.75 31.52
N SER K 29 6.14 39.49 30.66
CA SER K 29 5.95 38.54 29.58
C SER K 29 5.79 37.11 30.06
N ARG K 30 6.07 36.83 31.35
CA ARG K 30 5.91 35.47 31.84
C ARG K 30 4.47 35.13 32.19
N PHE K 31 3.67 36.14 32.48
CA PHE K 31 2.27 35.92 32.82
C PHE K 31 1.56 35.48 31.55
N ASN K 32 0.63 34.53 31.68
CA ASN K 32 -0.09 34.08 30.49
C ASN K 32 -1.37 34.89 30.24
N ALA K 33 -1.83 35.63 31.24
CA ALA K 33 -2.99 36.51 31.10
C ALA K 33 -3.01 37.48 32.27
N MET K 34 -3.42 38.71 31.99
CA MET K 34 -3.64 39.71 33.04
C MET K 34 -4.89 40.49 32.73
N GLY K 35 -5.41 41.18 33.75
CA GLY K 35 -6.59 41.98 33.52
C GLY K 35 -7.01 42.77 34.75
N TRP K 36 -8.20 43.37 34.64
CA TRP K 36 -8.75 44.32 35.60
C TRP K 36 -10.20 44.03 35.94
N TRP K 37 -10.50 44.04 37.23
CA TRP K 37 -11.87 44.01 37.71
C TRP K 37 -12.11 45.21 38.62
N ARG K 38 -13.39 45.51 38.84
CA ARG K 38 -13.80 46.57 39.74
C ARG K 38 -15.04 46.13 40.48
N GLN K 39 -15.22 46.70 41.67
CA GLN K 39 -16.41 46.47 42.48
C GLN K 39 -16.87 47.77 43.12
N ALA K 40 -18.08 48.07 42.94
CA ALA K 40 -18.49 49.26 43.66
C ALA K 40 -19.11 48.83 44.98
N PRO K 41 -19.05 49.69 45.99
CA PRO K 41 -19.57 49.33 47.32
C PRO K 41 -21.03 48.91 47.28
N GLY K 42 -21.30 47.69 47.76
CA GLY K 42 -22.64 47.15 47.79
C GLY K 42 -23.08 46.43 46.53
N LYS K 43 -22.30 46.53 45.45
CA LYS K 43 -22.54 45.97 44.12
C LYS K 43 -21.68 44.72 43.89
N GLU K 44 -22.16 43.85 43.01
CA GLU K 44 -21.47 42.61 42.74
C GLU K 44 -20.19 42.91 41.96
N ARG K 45 -19.19 42.06 42.11
CA ARG K 45 -17.94 42.22 41.38
C ARG K 45 -18.24 42.37 39.89
N GLU K 46 -17.70 43.43 39.28
CA GLU K 46 -17.95 43.66 37.86
C GLU K 46 -16.65 43.50 37.08
N PHE K 47 -16.78 42.90 35.90
CA PHE K 47 -15.64 42.63 35.03
C PHE K 47 -15.23 43.84 34.20
N VAL K 48 -13.93 44.15 34.14
CA VAL K 48 -13.51 45.34 33.41
C VAL K 48 -12.70 45.01 32.15
N ALA K 49 -11.53 44.37 32.32
CA ALA K 49 -10.65 44.10 31.17
C ALA K 49 -9.78 42.86 31.36
N ARG K 50 -9.32 42.27 30.24
CA ARG K 50 -8.44 41.09 30.23
C ARG K 50 -7.50 41.20 29.02
N ILE K 51 -6.24 40.79 29.21
CA ILE K 51 -5.26 40.60 28.16
C ILE K 51 -4.59 39.25 28.42
N VAL K 52 -4.69 38.37 27.44
CA VAL K 52 -4.09 37.05 27.40
C VAL K 52 -2.87 37.04 26.49
N LYS K 53 -1.83 36.26 26.88
CA LYS K 53 -0.52 36.28 26.22
C LYS K 53 -0.69 35.97 24.75
N GLY K 54 -0.26 36.85 23.86
CA GLY K 54 -0.43 36.59 22.44
C GLY K 54 -1.79 37.01 21.96
N GLY K 55 -2.48 37.84 22.74
CA GLY K 55 -3.87 38.14 22.48
C GLY K 55 -4.23 39.61 22.52
N TYR K 56 -5.21 39.94 21.68
CA TYR K 56 -5.75 41.27 21.66
C TYR K 56 -6.69 41.48 22.84
N ALA K 57 -6.61 42.68 23.40
CA ALA K 57 -7.37 42.99 24.59
C ALA K 57 -8.85 43.04 24.24
N VAL K 58 -9.64 42.65 25.23
CA VAL K 58 -11.09 42.60 25.10
C VAL K 58 -11.60 43.48 26.25
N LEU K 59 -12.57 44.34 25.97
CA LEU K 59 -13.03 45.25 27.01
C LEU K 59 -14.52 45.08 27.27
N ALA K 60 -14.93 45.40 28.50
CA ALA K 60 -16.34 45.33 28.85
C ALA K 60 -17.14 46.38 28.08
N ASP K 61 -18.46 46.12 27.96
CA ASP K 61 -19.36 46.98 27.20
C ASP K 61 -19.58 48.33 27.88
N SER K 62 -19.60 48.35 29.23
CA SER K 62 -19.78 49.60 29.98
C SER K 62 -18.56 50.50 29.87
N VAL K 63 -17.47 50.02 29.26
CA VAL K 63 -16.19 50.72 29.18
C VAL K 63 -15.64 50.70 27.77
N LYS K 64 -16.31 49.97 26.87
CA LYS K 64 -15.82 49.58 25.56
C LYS K 64 -15.37 50.78 24.73
N GLY K 65 -16.15 51.87 24.79
CA GLY K 65 -15.82 53.05 24.03
C GLY K 65 -14.65 53.84 24.57
N ARG K 66 -14.32 53.67 25.85
CA ARG K 66 -13.40 54.58 26.53
C ARG K 66 -12.03 54.08 26.99
N PHE K 67 -11.99 53.34 28.09
CA PHE K 67 -10.73 52.88 28.67
C PHE K 67 -9.87 52.13 27.65
N THR K 68 -8.56 52.13 27.92
CA THR K 68 -7.58 51.37 27.14
C THR K 68 -6.61 50.71 28.10
N ILE K 69 -6.17 49.51 27.73
CA ILE K 69 -5.24 48.69 28.48
C ILE K 69 -3.95 48.54 27.70
N SER K 70 -2.83 48.67 28.39
CA SER K 70 -1.55 48.61 27.70
C SER K 70 -0.57 47.80 28.54
N ILE K 71 0.47 47.33 27.86
CA ILE K 71 1.53 46.54 28.48
C ILE K 71 2.86 47.19 28.16
N ASP K 72 3.67 47.42 29.17
CA ASP K 72 5.00 47.96 28.95
C ASP K 72 5.92 46.83 29.38
N SER K 73 6.49 46.11 28.41
CA SER K 73 7.38 45.03 28.83
C SER K 73 8.70 45.57 29.33
N ALA K 74 9.06 46.79 28.90
CA ALA K 74 10.28 47.44 29.36
C ALA K 74 10.21 47.78 30.85
N GLU K 75 9.12 48.41 31.27
CA GLU K 75 8.90 48.80 32.67
C GLU K 75 8.18 47.75 33.49
N ASN K 76 7.83 46.63 32.89
CA ASN K 76 7.13 45.51 33.52
C ASN K 76 5.79 45.91 34.16
N THR K 77 5.00 46.73 33.47
CA THR K 77 3.77 47.21 34.08
C THR K 77 2.64 47.07 33.09
N LEU K 78 1.43 46.89 33.60
CA LEU K 78 0.25 46.82 32.74
C LEU K 78 -0.62 48.00 33.11
N ALA K 79 -0.85 48.91 32.15
CA ALA K 79 -1.53 50.18 32.37
C ALA K 79 -2.96 50.13 31.86
N LEU K 80 -3.87 50.72 32.61
CA LEU K 80 -5.23 50.98 32.16
C LEU K 80 -5.52 52.47 32.26
N GLN K 81 -5.64 53.11 31.09
CA GLN K 81 -5.95 54.52 30.94
C GLN K 81 -7.46 54.66 30.88
N MET K 82 -8.00 55.45 31.78
CA MET K 82 -9.43 55.63 31.87
C MET K 82 -9.74 57.04 31.40
N ASN K 83 -10.65 57.15 30.45
CA ASN K 83 -11.04 58.43 29.91
C ASN K 83 -12.55 58.53 29.91
N ARG K 84 -13.04 59.77 29.82
CA ARG K 84 -14.48 60.07 29.78
C ARG K 84 -15.21 59.44 30.96
N LEU K 85 -14.66 59.65 32.15
CA LEU K 85 -15.12 59.03 33.37
C LEU K 85 -16.50 59.59 33.72
N LYS K 86 -17.33 58.76 34.32
CA LYS K 86 -18.69 59.08 34.71
C LYS K 86 -18.75 58.98 36.22
N PRO K 87 -19.76 59.61 36.85
CA PRO K 87 -19.90 59.47 38.30
C PRO K 87 -20.10 58.03 38.74
N GLU K 88 -20.80 57.23 37.94
CA GLU K 88 -20.98 55.81 38.24
C GLU K 88 -19.67 55.03 38.22
N ASP K 89 -18.58 55.59 37.70
CA ASP K 89 -17.33 54.83 37.71
C ASP K 89 -16.66 54.81 39.07
N THR K 90 -17.18 55.55 40.04
CA THR K 90 -16.63 55.49 41.38
C THR K 90 -16.83 54.07 41.85
N ALA K 91 -15.73 53.40 42.22
CA ALA K 91 -15.77 52.01 42.62
C ALA K 91 -14.39 51.64 43.12
N VAL K 92 -14.29 50.46 43.72
CA VAL K 92 -13.00 49.88 44.06
C VAL K 92 -12.47 49.04 42.90
N TYR K 93 -11.22 49.31 42.49
CA TYR K 93 -10.58 48.68 41.34
C TYR K 93 -9.49 47.71 41.76
N TYR K 94 -9.51 46.50 41.18
CA TYR K 94 -8.57 45.41 41.43
C TYR K 94 -7.90 44.98 40.12
N CYS K 95 -6.59 44.72 40.13
CA CYS K 95 -5.91 44.06 39.02
C CYS K 95 -5.73 42.56 39.27
N PHE K 96 -5.71 41.75 38.19
CA PHE K 96 -5.41 40.31 38.32
C PHE K 96 -4.38 39.84 37.29
N ALA K 97 -3.60 38.82 37.66
CA ALA K 97 -2.59 38.16 36.81
C ALA K 97 -2.67 36.64 36.91
N ALA K 98 -2.41 35.95 35.78
CA ALA K 98 -2.52 34.49 35.70
C ALA K 98 -1.15 33.82 35.47
N LEU K 99 -0.73 32.97 36.41
CA LEU K 99 0.45 32.10 36.24
C LEU K 99 0.15 30.67 36.64
N ASP K 100 0.68 30.19 37.78
CA ASP K 100 0.30 28.88 38.29
C ASP K 100 -1.06 28.90 38.98
N THR K 101 -1.49 30.07 39.42
CA THR K 101 -2.86 30.33 39.84
C THR K 101 -3.14 31.79 39.53
N ALA K 102 -4.28 32.29 39.95
CA ALA K 102 -4.58 33.71 39.75
C ALA K 102 -4.19 34.52 40.97
N TYR K 103 -3.44 35.61 40.73
CA TYR K 103 -2.99 36.50 41.79
C TYR K 103 -3.65 37.86 41.60
N TRP K 104 -4.00 38.50 42.71
CA TRP K 104 -4.68 39.78 42.72
C TRP K 104 -3.89 40.78 43.56
N GLY K 105 -3.97 42.04 43.18
CA GLY K 105 -3.54 43.10 44.08
C GLY K 105 -4.64 43.39 45.08
N GLN K 106 -4.35 44.30 46.00
CA GLN K 106 -5.37 44.67 46.98
C GLN K 106 -6.31 45.76 46.45
N GLY K 107 -5.93 46.44 45.39
CA GLY K 107 -6.81 47.38 44.74
C GLY K 107 -6.43 48.84 45.03
N THR K 108 -6.91 49.71 44.15
CA THR K 108 -6.79 51.16 44.29
C THR K 108 -8.15 51.80 44.06
N GLN K 109 -8.46 52.79 44.89
CA GLN K 109 -9.76 53.45 44.91
C GLN K 109 -9.84 54.52 43.84
N VAL K 110 -10.92 54.52 43.05
CA VAL K 110 -11.21 55.53 42.04
C VAL K 110 -12.56 56.14 42.38
N THR K 111 -12.60 57.47 42.51
CA THR K 111 -13.77 58.20 42.99
C THR K 111 -14.08 59.33 42.03
N VAL K 112 -15.27 59.28 41.43
CA VAL K 112 -15.76 60.29 40.50
C VAL K 112 -16.93 61.06 41.12
N SER K 113 -16.79 62.38 41.21
CA SER K 113 -17.78 63.23 41.90
C SER K 113 -17.62 64.68 41.47
N ASP L 1 49.16 21.99 19.81
CA ASP L 1 48.01 21.78 18.95
C ASP L 1 48.09 22.65 17.70
N VAL L 2 47.51 23.86 17.72
CA VAL L 2 47.59 24.71 16.54
C VAL L 2 47.97 26.13 16.94
N GLN L 3 49.11 26.61 16.43
CA GLN L 3 49.60 27.94 16.71
C GLN L 3 49.75 28.67 15.38
N LEU L 4 49.29 29.91 15.30
CA LEU L 4 49.44 30.73 14.11
C LEU L 4 50.05 32.08 14.52
N GLN L 5 50.87 32.64 13.61
CA GLN L 5 51.57 33.92 13.76
C GLN L 5 51.64 34.73 12.46
N GLU L 6 51.23 35.99 12.55
CA GLU L 6 51.27 37.00 11.50
C GLU L 6 52.68 37.53 11.27
N SER L 7 52.88 38.16 10.11
CA SER L 7 54.14 38.79 9.75
C SER L 7 53.93 39.68 8.53
N GLY L 8 54.96 40.47 8.21
CA GLY L 8 54.85 41.40 7.11
C GLY L 8 54.47 42.81 7.52
N GLY L 9 54.31 43.08 8.82
CA GLY L 9 53.94 44.41 9.24
C GLY L 9 55.09 45.37 9.36
N GLY L 10 54.71 46.64 9.32
CA GLY L 10 55.67 47.74 9.38
C GLY L 10 54.97 49.08 9.20
N LEU L 11 55.79 50.04 8.80
CA LEU L 11 55.46 51.46 8.68
C LEU L 11 55.39 51.73 7.19
N VAL L 12 54.33 52.39 6.75
CA VAL L 12 54.09 52.62 5.33
C VAL L 12 53.60 54.06 5.23
N GLN L 13 53.77 54.64 4.05
CA GLN L 13 53.25 55.98 3.84
C GLN L 13 51.75 55.99 3.52
N ALA L 14 51.14 57.15 3.73
CA ALA L 14 49.75 57.30 3.32
C ALA L 14 49.70 57.07 1.82
N GLY L 15 48.66 56.43 1.33
CA GLY L 15 48.68 56.19 -0.10
C GLY L 15 49.56 55.04 -0.55
N GLY L 16 49.76 54.02 0.27
CA GLY L 16 50.63 52.93 -0.09
C GLY L 16 49.96 51.56 0.01
N SER L 17 50.76 50.54 -0.24
CA SER L 17 50.32 49.16 -0.21
C SER L 17 51.30 48.31 0.60
N LEU L 18 50.78 47.20 1.10
CA LEU L 18 51.53 46.24 1.91
C LEU L 18 50.85 44.88 1.78
N ARG L 19 51.62 43.81 1.96
CA ARG L 19 51.06 42.46 1.92
C ARG L 19 51.44 41.77 3.22
N LEU L 20 50.41 41.52 4.03
CA LEU L 20 50.48 40.78 5.28
C LEU L 20 50.29 39.29 5.04
N SER L 21 50.94 38.49 5.87
CA SER L 21 50.87 37.04 5.75
C SER L 21 50.69 36.41 7.11
N CYS L 22 49.82 35.40 7.15
CA CYS L 22 49.45 34.70 8.37
C CYS L 22 49.89 33.26 8.16
N ALA L 23 50.91 32.84 8.91
CA ALA L 23 51.49 31.51 8.87
C ALA L 23 50.76 30.58 9.83
N ALA L 24 50.47 29.36 9.37
CA ALA L 24 49.74 28.33 10.12
C ALA L 24 50.60 27.08 10.27
N SER L 25 50.49 26.43 11.43
CA SER L 25 51.13 25.15 11.64
C SER L 25 50.29 24.07 10.98
N GLY L 26 50.91 22.95 10.64
CA GLY L 26 50.10 22.03 9.88
C GLY L 26 49.73 22.52 8.49
N SER L 27 48.70 21.87 7.96
CA SER L 27 48.12 22.12 6.65
C SER L 27 46.97 23.11 6.77
N ILE L 28 46.92 24.09 5.86
CA ILE L 28 45.91 25.12 5.95
C ILE L 28 44.55 24.59 5.51
N SER L 29 44.53 23.54 4.69
CA SER L 29 43.27 22.98 4.24
C SER L 29 42.47 22.31 5.36
N ARG L 30 43.09 22.10 6.53
CA ARG L 30 42.35 21.47 7.62
C ARG L 30 41.48 22.45 8.39
N PHE L 31 41.81 23.75 8.34
CA PHE L 31 41.01 24.76 9.04
C PHE L 31 39.68 24.90 8.31
N ASN L 32 38.59 25.08 9.06
CA ASN L 32 37.29 25.22 8.41
C ASN L 32 36.96 26.68 8.08
N ALA L 33 37.67 27.62 8.68
CA ALA L 33 37.50 29.04 8.40
C ALA L 33 38.72 29.78 8.95
N MET L 34 39.15 30.82 8.22
CA MET L 34 40.19 31.71 8.69
C MET L 34 39.84 33.14 8.33
N GLY L 35 40.49 34.08 8.97
CA GLY L 35 40.23 35.47 8.67
C GLY L 35 41.12 36.43 9.43
N TRP L 36 40.77 37.71 9.32
CA TRP L 36 41.55 38.84 9.82
C TRP L 36 40.70 39.85 10.56
N TRP L 37 41.16 40.27 11.73
CA TRP L 37 40.58 41.40 12.45
C TRP L 37 41.66 42.43 12.73
N ARG L 38 41.23 43.64 13.04
CA ARG L 38 42.13 44.72 13.41
C ARG L 38 41.48 45.54 14.51
N GLN L 39 42.34 46.19 15.30
CA GLN L 39 41.91 47.08 16.36
C GLN L 39 42.79 48.31 16.41
N ALA L 40 42.19 49.43 16.38
CA ALA L 40 43.10 50.55 16.52
C ALA L 40 43.12 50.95 17.99
N PRO L 41 44.23 51.53 18.45
CA PRO L 41 44.36 51.88 19.89
C PRO L 41 43.23 52.79 20.34
N GLY L 42 42.51 52.33 21.38
CA GLY L 42 41.40 53.09 21.94
C GLY L 42 40.06 52.84 21.29
N LYS L 43 40.04 52.16 20.14
CA LYS L 43 38.88 51.85 19.31
C LYS L 43 38.45 50.40 19.50
N GLU L 44 37.16 50.14 19.26
CA GLU L 44 36.62 48.80 19.46
C GLU L 44 37.16 47.89 18.37
N ARG L 45 37.29 46.61 18.69
CA ARG L 45 37.74 45.63 17.71
C ARG L 45 36.89 45.74 16.45
N GLU L 46 37.55 45.86 15.29
CA GLU L 46 36.86 46.00 14.02
C GLU L 46 37.12 44.77 13.15
N PHE L 47 36.08 44.34 12.44
CA PHE L 47 36.14 43.17 11.58
C PHE L 47 36.75 43.47 10.22
N VAL L 48 37.67 42.62 9.75
CA VAL L 48 38.33 42.92 8.49
C VAL L 48 37.96 41.91 7.38
N ALA L 49 38.29 40.63 7.56
CA ALA L 49 38.05 39.64 6.51
C ALA L 49 37.83 38.22 7.06
N ARG L 50 37.14 37.37 6.27
CA ARG L 50 36.87 35.97 6.63
C ARG L 50 36.88 35.13 5.36
N ILE L 51 37.43 33.92 5.45
CA ILE L 51 37.33 32.90 4.41
C ILE L 51 36.97 31.60 5.13
N VAL L 52 35.85 31.00 4.72
CA VAL L 52 35.33 29.73 5.20
C VAL L 52 35.56 28.63 4.17
N LYS L 53 35.87 27.41 4.66
CA LYS L 53 36.30 26.30 3.79
C LYS L 53 35.26 26.05 2.72
N GLY L 54 35.66 26.12 1.47
CA GLY L 54 34.71 25.93 0.38
C GLY L 54 33.98 27.20 0.05
N GLY L 55 34.52 28.34 0.46
CA GLY L 55 33.79 29.58 0.40
C GLY L 55 34.55 30.75 -0.19
N TYR L 56 33.78 31.61 -0.85
CA TYR L 56 34.32 32.84 -1.38
C TYR L 56 34.53 33.86 -0.26
N ALA L 57 35.64 34.57 -0.36
CA ALA L 57 35.99 35.51 0.69
C ALA L 57 35.01 36.67 0.68
N VAL L 58 34.76 37.19 1.87
CA VAL L 58 33.84 38.29 2.09
C VAL L 58 34.69 39.35 2.79
N LEU L 59 34.56 40.60 2.38
CA LEU L 59 35.39 41.65 2.94
C LEU L 59 34.56 42.76 3.56
N ALA L 60 35.16 43.45 4.54
CA ALA L 60 34.47 44.58 5.16
C ALA L 60 34.30 45.74 4.19
N ASP L 61 33.32 46.59 4.49
CA ASP L 61 32.95 47.71 3.65
C ASP L 61 34.02 48.82 3.61
N SER L 62 34.72 49.07 4.74
CA SER L 62 35.75 50.11 4.81
C SER L 62 36.98 49.76 4.00
N VAL L 63 37.04 48.53 3.47
CA VAL L 63 38.19 47.97 2.76
C VAL L 63 37.78 47.29 1.47
N LYS L 64 36.47 47.21 1.21
CA LYS L 64 35.85 46.36 0.21
C LYS L 64 36.49 46.57 -1.16
N GLY L 65 36.76 47.83 -1.49
CA GLY L 65 37.35 48.13 -2.78
C GLY L 65 38.81 47.73 -2.90
N ARG L 66 39.53 47.55 -1.78
CA ARG L 66 40.99 47.48 -1.86
C ARG L 66 41.69 46.16 -1.50
N PHE L 67 41.77 45.85 -0.20
CA PHE L 67 42.49 44.65 0.26
C PHE L 67 41.99 43.39 -0.44
N THR L 68 42.87 42.39 -0.47
CA THR L 68 42.56 41.06 -1.00
C THR L 68 43.17 40.01 -0.06
N ILE L 69 42.46 38.90 0.09
CA ILE L 69 42.83 37.77 0.93
C ILE L 69 43.08 36.55 0.04
N SER L 70 44.16 35.83 0.33
CA SER L 70 44.52 34.69 -0.49
C SER L 70 44.99 33.54 0.39
N ILE L 71 44.96 32.34 -0.18
CA ILE L 71 45.38 31.12 0.49
C ILE L 71 46.40 30.42 -0.39
N ASP L 72 47.52 30.05 0.20
CA ASP L 72 48.54 29.31 -0.53
C ASP L 72 48.53 27.96 0.18
N SER L 73 47.91 26.95 -0.43
CA SER L 73 47.90 25.67 0.25
C SER L 73 49.27 25.01 0.15
N ALA L 74 50.04 25.39 -0.86
CA ALA L 74 51.41 24.87 -1.03
C ALA L 74 52.32 25.33 0.10
N GLU L 75 52.32 26.63 0.40
CA GLU L 75 53.13 27.22 1.46
C GLU L 75 52.44 27.26 2.81
N ASN L 76 51.20 26.79 2.89
CA ASN L 76 50.39 26.76 4.10
C ASN L 76 50.20 28.13 4.74
N THR L 77 49.95 29.16 3.94
CA THR L 77 49.87 30.50 4.50
C THR L 77 48.63 31.19 3.95
N LEU L 78 48.07 32.11 4.73
CA LEU L 78 46.91 32.87 4.28
C LEU L 78 47.37 34.33 4.22
N ALA L 79 47.35 34.92 3.03
CA ALA L 79 47.90 36.24 2.77
C ALA L 79 46.78 37.27 2.64
N LEU L 80 47.00 38.44 3.21
CA LEU L 80 46.15 39.60 3.00
C LEU L 80 47.00 40.74 2.44
N GLN L 81 46.75 41.06 1.17
CA GLN L 81 47.41 42.12 0.45
C GLN L 81 46.60 43.39 0.65
N MET L 82 47.24 44.41 1.18
CA MET L 82 46.60 45.66 1.48
C MET L 82 47.11 46.69 0.49
N ASN L 83 46.18 47.36 -0.18
CA ASN L 83 46.54 48.36 -1.15
C ASN L 83 45.74 49.63 -0.88
N ARG L 84 46.23 50.75 -1.43
CA ARG L 84 45.59 52.05 -1.27
C ARG L 84 45.35 52.41 0.18
N LEU L 85 46.39 52.24 0.99
CA LEU L 85 46.28 52.40 2.44
C LEU L 85 46.00 53.87 2.74
N LYS L 86 45.22 54.12 3.79
CA LYS L 86 44.89 55.50 4.10
C LYS L 86 45.47 55.65 5.51
N PRO L 87 45.69 56.88 6.00
CA PRO L 87 46.21 56.99 7.38
C PRO L 87 45.39 56.38 8.50
N GLU L 88 44.06 56.37 8.45
CA GLU L 88 43.34 55.68 9.53
C GLU L 88 43.58 54.19 9.58
N ASP L 89 44.24 53.60 8.58
CA ASP L 89 44.44 52.16 8.65
C ASP L 89 45.52 51.78 9.63
N THR L 90 46.20 52.78 10.20
CA THR L 90 47.17 52.50 11.24
C THR L 90 46.36 51.86 12.35
N ALA L 91 46.73 50.65 12.75
CA ALA L 91 45.98 49.91 13.75
C ALA L 91 46.77 48.66 14.08
N VAL L 92 46.35 47.97 15.12
CA VAL L 92 46.87 46.64 15.39
C VAL L 92 46.05 45.56 14.69
N TYR L 93 46.74 44.69 13.95
CA TYR L 93 46.12 43.65 13.11
C TYR L 93 46.32 42.26 13.69
N TYR L 94 45.24 41.48 13.76
CA TYR L 94 45.20 40.11 14.28
C TYR L 94 44.65 39.16 13.22
N CYS L 95 45.25 37.98 13.06
CA CYS L 95 44.68 36.88 12.27
C CYS L 95 43.94 35.88 13.15
N PHE L 96 42.88 35.22 12.59
CA PHE L 96 42.20 34.13 13.31
C PHE L 96 41.99 32.90 12.43
N ALA L 97 41.96 31.72 13.06
CA ALA L 97 41.70 30.41 12.43
C ALA L 97 40.70 29.59 13.23
N ALA L 98 39.85 28.83 12.54
CA ALA L 98 38.79 28.02 13.17
C ALA L 98 39.01 26.51 13.01
N LEU L 99 39.15 25.81 14.15
CA LEU L 99 39.16 24.34 14.16
C LEU L 99 38.23 23.79 15.22
N ASP L 100 38.74 23.24 16.32
CA ASP L 100 37.87 22.85 17.43
C ASP L 100 37.43 24.04 18.26
N THR L 101 38.18 25.13 18.20
CA THR L 101 37.79 26.43 18.71
C THR L 101 38.48 27.46 17.83
N ALA L 102 38.38 28.73 18.20
CA ALA L 102 39.07 29.78 17.44
C ALA L 102 40.43 30.08 18.05
N TYR L 103 41.46 30.10 17.20
CA TYR L 103 42.82 30.41 17.59
C TYR L 103 43.24 31.72 16.93
N TRP L 104 44.00 32.52 17.66
CA TRP L 104 44.45 33.83 17.21
C TRP L 104 45.97 33.92 17.30
N GLY L 105 46.57 34.69 16.39
CA GLY L 105 47.93 35.10 16.57
C GLY L 105 47.99 36.27 17.52
N GLN L 106 49.20 36.71 17.82
CA GLN L 106 49.35 37.86 18.70
C GLN L 106 49.24 39.18 17.95
N GLY L 107 49.38 39.16 16.64
CA GLY L 107 49.17 40.34 15.83
C GLY L 107 50.47 40.94 15.32
N THR L 108 50.32 41.74 14.25
CA THR L 108 51.40 42.52 13.68
C THR L 108 50.92 43.95 13.48
N GLN L 109 51.80 44.90 13.79
CA GLN L 109 51.47 46.31 13.78
C GLN L 109 51.60 46.89 12.36
N VAL L 110 50.58 47.63 11.94
CA VAL L 110 50.57 48.34 10.66
C VAL L 110 50.35 49.82 10.94
N THR L 111 51.26 50.66 10.44
CA THR L 111 51.29 52.09 10.75
C THR L 111 51.37 52.88 9.46
N VAL L 112 50.36 53.72 9.22
CA VAL L 112 50.27 54.59 8.06
C VAL L 112 50.40 56.05 8.47
N SER L 113 51.38 56.75 7.92
CA SER L 113 51.70 58.12 8.32
C SER L 113 52.52 58.81 7.23
#